data_7E7L
#
_entry.id   7E7L
#
_cell.length_a   85.946
_cell.length_b   225.548
_cell.length_c   234.679
_cell.angle_alpha   90.000
_cell.angle_beta   90.000
_cell.angle_gamma   90.000
#
_symmetry.space_group_name_H-M   'C 2 2 21'
#
loop_
_entity.id
_entity.type
_entity.pdbx_description
1 polymer 'Hydroxyphenylacetic acid decarboxylase'
2 non-polymer 4-HYDROXYPHENYLACETATE
#
_entity_poly.entity_id   1
_entity_poly.type   'polypeptide(L)'
_entity_poly.pdbx_seq_one_letter_code
;SNMLDYKKYEGQTRGELIWSRLNPLRHTAKMSMARAQLITDGYKEYEGYSLYRKRGLSVRKIMREIPIFIDDDQLLVGDF
SATQMSPEWYPDLAASWVEDYIDKYGWKGSGTFYEFTGPEQAEQARAIAQYWHNIGGKEMWIKYMGPEQEEFEAKIGEAG
GYLTNTVSEMYAEKAWNVPDCARMITTGARGFIEEIDNKLANLTVLTDEDYRAHEFYLALRYELEGVIDYAHRYAALARE
KAAVERDPQRKVELEEIARVCDRVPEYPAETFQEALQSFFFAVLMVYWDTRTYGMGMGRMDQFLYPTFKKDIERGYIDEK
YAQDLLECFRCKIMEKRQFWPDVMVPSVSAESHFHNVVLGGVDPKTGKDATNRLSYLFLDAATKVRTPHPTLSVRWHANI
DEKFMDRALEVVAMGMGFPAFFGDDTTIQYLLERGYTLEEARNYAIGGCVLHQVPGKQSSVWPIVQNYGKMLEMTLNNGF
NWYSQEQIGPKTGNFLEMKTYDEFIEAYRKQCEYWAQIAANSNRQCRIEHLESFPDIAMSCFVDDCIDRGKVCSLGGAAH
NDNTQYIVPVGVQDLGNNLYVLKNQIFVDNPICSKETLLDAIHKNWEGYEDLQAKMIAMPKFGNDIPEVDELVNWGYKFI
EDIWFKIPSAYGSHFEVAPHSIGFHAGTGAKCSALPDGRVAWTAMSDGAVSPRQGTDTNGPAAVMCSAGCVDQVDLFGVL
FNMRFTPQSLADKSGRDKLKALIETYFHDMGGKHVQFNVMSKKQMIEAKEHPLEHQDLIVRVAGYSAYWADLSTTIQDEL
IARSELTI
;
_entity_poly.pdbx_strand_id   A,B
#
loop_
_chem_comp.id
_chem_comp.type
_chem_comp.name
_chem_comp.formula
4HP non-polymer 4-HYDROXYPHENYLACETATE 'C8 H8 O3'
#
# COMPACT_ATOMS: atom_id res chain seq x y z
N TRP A 19 -31.66 36.26 -0.86
CA TRP A 19 -31.39 36.54 0.55
C TRP A 19 -30.50 35.46 1.16
N SER A 20 -30.61 34.24 0.64
CA SER A 20 -29.89 33.10 1.19
C SER A 20 -28.38 33.30 1.12
N ARG A 21 -27.86 34.22 1.94
CA ARG A 21 -26.43 34.49 2.07
C ARG A 21 -25.80 34.96 0.76
N LEU A 22 -25.71 34.06 -0.22
CA LEU A 22 -25.03 34.33 -1.48
C LEU A 22 -26.02 34.61 -2.60
N ASN A 23 -25.49 35.10 -3.72
CA ASN A 23 -26.31 35.48 -4.87
C ASN A 23 -25.52 35.30 -6.15
N PRO A 24 -25.55 34.10 -6.73
CA PRO A 24 -25.03 33.94 -8.10
C PRO A 24 -25.99 34.55 -9.11
N LEU A 25 -25.52 34.73 -10.33
CA LEU A 25 -26.30 35.44 -11.34
C LEU A 25 -26.27 34.69 -12.67
N ARG A 26 -26.52 35.42 -13.75
CA ARG A 26 -26.91 34.84 -15.03
C ARG A 26 -25.76 34.83 -16.03
N HIS A 27 -25.96 34.06 -17.10
CA HIS A 27 -24.98 33.85 -18.16
C HIS A 27 -25.16 34.86 -19.30
N THR A 28 -25.23 36.14 -18.95
CA THR A 28 -25.36 37.18 -19.97
C THR A 28 -23.98 37.51 -20.51
N ALA A 29 -23.25 36.47 -20.94
CA ALA A 29 -21.84 36.58 -21.27
C ALA A 29 -21.62 36.72 -22.77
N LYS A 30 -20.47 37.31 -23.12
CA LYS A 30 -20.03 37.46 -24.49
C LYS A 30 -18.58 37.02 -24.59
N MET A 31 -18.11 36.86 -25.82
CA MET A 31 -16.70 36.51 -26.01
C MET A 31 -15.81 37.62 -25.50
N SER A 32 -14.68 37.23 -24.90
CA SER A 32 -13.74 38.18 -24.32
C SER A 32 -12.37 38.00 -24.95
N MET A 33 -11.71 39.12 -25.22
CA MET A 33 -10.40 39.14 -25.88
C MET A 33 -9.36 39.83 -25.00
N ALA A 34 -9.40 39.54 -23.69
CA ALA A 34 -8.49 40.17 -22.74
C ALA A 34 -7.22 39.39 -22.52
N ARG A 35 -7.15 38.14 -22.96
CA ARG A 35 -5.91 37.39 -23.01
C ARG A 35 -5.39 37.29 -24.44
N ALA A 36 -6.26 36.92 -25.38
CA ALA A 36 -5.85 36.78 -26.78
C ALA A 36 -5.19 38.05 -27.30
N GLN A 37 -5.86 39.19 -27.13
CA GLN A 37 -5.26 40.45 -27.56
C GLN A 37 -4.09 40.83 -26.68
N LEU A 38 -4.10 40.42 -25.40
CA LEU A 38 -3.03 40.79 -24.49
C LEU A 38 -1.83 39.86 -24.62
N ILE A 39 -2.04 38.62 -25.06
CA ILE A 39 -0.91 37.74 -25.36
C ILE A 39 -0.35 38.06 -26.74
N THR A 40 -1.21 38.47 -27.67
CA THR A 40 -0.77 38.78 -29.03
C THR A 40 0.30 39.86 -29.03
N ASP A 41 0.03 40.98 -28.35
CA ASP A 41 1.04 42.04 -28.27
C ASP A 41 2.14 41.73 -27.27
N GLY A 42 1.95 40.73 -26.41
CA GLY A 42 3.06 40.27 -25.59
C GLY A 42 4.08 39.49 -26.40
N TYR A 43 3.60 38.63 -27.31
CA TYR A 43 4.50 37.92 -28.21
C TYR A 43 5.22 38.87 -29.15
N LYS A 44 4.60 40.00 -29.48
CA LYS A 44 5.21 40.94 -30.43
C LYS A 44 6.16 41.90 -29.73
N GLU A 45 5.79 42.39 -28.54
CA GLU A 45 6.68 43.29 -27.81
C GLU A 45 7.86 42.53 -27.23
N TYR A 46 7.66 41.28 -26.83
CA TYR A 46 8.74 40.44 -26.29
C TYR A 46 9.24 39.44 -27.32
N GLU A 47 9.28 39.85 -28.59
CA GLU A 47 9.76 38.97 -29.64
C GLU A 47 11.28 38.79 -29.53
N GLY A 48 11.75 37.58 -29.80
CA GLY A 48 13.17 37.30 -29.72
C GLY A 48 13.57 36.54 -28.47
N TYR A 49 13.01 36.95 -27.33
CA TYR A 49 13.18 36.17 -26.11
C TYR A 49 12.67 34.76 -26.34
N SER A 50 13.36 33.79 -25.72
CA SER A 50 12.97 32.39 -25.91
C SER A 50 11.54 32.17 -25.44
N LEU A 51 10.92 31.11 -25.95
CA LEU A 51 9.51 30.86 -25.67
C LEU A 51 9.23 30.79 -24.18
N TYR A 52 10.12 30.15 -23.42
CA TYR A 52 9.94 30.10 -21.97
C TYR A 52 9.88 31.51 -21.38
N ARG A 53 10.63 32.45 -21.96
CA ARG A 53 10.64 33.82 -21.46
C ARG A 53 9.60 34.69 -22.16
N LYS A 54 9.43 34.51 -23.47
CA LYS A 54 8.40 35.28 -24.19
C LYS A 54 7.01 34.96 -23.65
N ARG A 55 6.83 33.77 -23.08
CA ARG A 55 5.58 33.45 -22.39
C ARG A 55 5.54 34.11 -21.01
N GLY A 56 6.53 33.83 -20.16
CA GLY A 56 6.52 34.37 -18.81
C GLY A 56 6.48 35.89 -18.78
N LEU A 57 7.17 36.53 -19.72
CA LEU A 57 7.13 37.99 -19.82
C LEU A 57 5.75 38.48 -20.26
N SER A 58 5.05 37.69 -21.09
CA SER A 58 3.73 38.09 -21.55
C SER A 58 2.65 37.87 -20.50
N VAL A 59 2.79 36.84 -19.66
CA VAL A 59 1.75 36.54 -18.68
C VAL A 59 1.74 37.57 -17.57
N ARG A 60 2.92 37.99 -17.10
CA ARG A 60 2.96 39.08 -16.13
C ARG A 60 2.45 40.37 -16.74
N LYS A 61 2.60 40.54 -18.06
CA LYS A 61 1.97 41.65 -18.74
C LYS A 61 0.45 41.53 -18.65
N ILE A 62 -0.08 40.31 -18.73
CA ILE A 62 -1.52 40.09 -18.59
C ILE A 62 -1.96 40.53 -17.20
N MET A 63 -1.49 39.82 -16.17
CA MET A 63 -2.03 40.00 -14.83
C MET A 63 -1.80 41.41 -14.30
N ARG A 64 -0.71 42.06 -14.70
CA ARG A 64 -0.44 43.42 -14.26
C ARG A 64 -1.18 44.47 -15.08
N GLU A 65 -1.86 44.07 -16.16
CA GLU A 65 -2.48 45.02 -17.08
C GLU A 65 -3.91 44.67 -17.44
N ILE A 66 -4.37 43.45 -17.18
CA ILE A 66 -5.70 42.99 -17.58
C ILE A 66 -6.75 43.78 -16.81
N PRO A 67 -7.96 43.93 -17.35
CA PRO A 67 -9.03 44.59 -16.58
C PRO A 67 -9.28 43.91 -15.25
N ILE A 68 -9.48 44.72 -14.22
CA ILE A 68 -9.79 44.24 -12.88
C ILE A 68 -11.04 44.95 -12.39
N PHE A 69 -11.80 44.26 -11.55
CA PHE A 69 -12.96 44.84 -10.90
C PHE A 69 -13.32 43.98 -9.69
N ILE A 70 -14.00 44.60 -8.74
CA ILE A 70 -14.51 43.91 -7.56
C ILE A 70 -16.03 43.95 -7.63
N ASP A 71 -16.66 42.79 -7.53
CA ASP A 71 -18.11 42.68 -7.63
C ASP A 71 -18.74 43.30 -6.38
N ASP A 72 -20.06 43.19 -6.27
CA ASP A 72 -20.80 43.80 -5.18
C ASP A 72 -21.12 42.77 -4.11
N ASP A 73 -20.94 43.15 -2.86
CA ASP A 73 -21.17 42.32 -1.68
C ASP A 73 -20.28 41.08 -1.64
N GLN A 74 -19.24 41.04 -2.46
CA GLN A 74 -18.26 39.97 -2.44
C GLN A 74 -17.00 40.45 -1.71
N LEU A 75 -16.30 39.51 -1.07
CA LEU A 75 -15.05 39.81 -0.39
C LEU A 75 -13.90 38.97 -0.93
N LEU A 76 -13.99 38.56 -2.20
CA LEU A 76 -12.87 38.03 -2.96
C LEU A 76 -12.73 38.86 -4.23
N VAL A 77 -11.48 39.10 -4.64
CA VAL A 77 -11.19 40.15 -5.61
C VAL A 77 -10.89 39.58 -6.99
N GLY A 78 -9.92 38.68 -7.07
CA GLY A 78 -9.47 38.18 -8.36
C GLY A 78 -10.55 37.34 -9.03
N ASP A 79 -10.77 37.58 -10.32
CA ASP A 79 -11.77 36.87 -11.09
C ASP A 79 -11.14 36.22 -12.30
N PHE A 80 -11.91 35.36 -12.96
CA PHE A 80 -11.42 34.52 -14.05
C PHE A 80 -11.64 35.13 -15.43
N SER A 81 -11.99 36.41 -15.50
CA SER A 81 -12.30 37.04 -16.78
C SER A 81 -12.12 38.55 -16.64
N ALA A 82 -12.32 39.27 -17.74
CA ALA A 82 -12.25 40.71 -17.74
C ALA A 82 -13.63 41.38 -17.76
N THR A 83 -14.70 40.61 -17.91
CA THR A 83 -16.07 41.12 -17.85
C THR A 83 -16.95 40.03 -17.25
N GLN A 84 -17.20 40.12 -15.94
CA GLN A 84 -18.11 39.23 -15.21
C GLN A 84 -17.94 37.76 -15.58
N MET A 85 -18.82 37.27 -16.46
CA MET A 85 -18.84 35.85 -16.84
C MET A 85 -18.37 35.61 -18.27
N SER A 86 -17.64 36.54 -18.86
CA SER A 86 -17.24 36.39 -20.25
C SER A 86 -15.99 35.53 -20.37
N PRO A 87 -16.11 34.32 -20.92
CA PRO A 87 -14.95 33.40 -20.93
C PRO A 87 -13.84 33.92 -21.82
N GLU A 88 -12.63 34.00 -21.26
CA GLU A 88 -11.47 34.42 -22.01
C GLU A 88 -11.10 33.38 -23.06
N TRP A 89 -10.30 33.81 -24.03
CA TRP A 89 -9.85 32.96 -25.14
C TRP A 89 -8.34 32.90 -25.14
N TYR A 90 -7.79 31.69 -25.17
CA TYR A 90 -6.36 31.50 -25.22
C TYR A 90 -5.94 31.09 -26.63
N PRO A 91 -5.29 31.97 -27.39
CA PRO A 91 -4.82 31.60 -28.73
C PRO A 91 -3.49 30.85 -28.74
N ASP A 92 -2.78 30.81 -27.60
CA ASP A 92 -1.52 30.10 -27.53
C ASP A 92 -1.70 28.61 -27.84
N LEU A 93 -2.86 28.06 -27.50
CA LEU A 93 -3.15 26.65 -27.69
C LEU A 93 -3.80 26.35 -29.02
N ALA A 94 -4.63 27.25 -29.54
CA ALA A 94 -5.28 27.10 -30.84
C ALA A 94 -5.97 28.42 -31.18
N ALA A 95 -6.20 28.63 -32.48
CA ALA A 95 -6.76 29.91 -32.90
C ALA A 95 -7.52 29.89 -34.22
N SER A 96 -7.26 28.90 -35.07
CA SER A 96 -7.89 28.85 -36.40
C SER A 96 -9.24 28.16 -36.41
N TRP A 97 -9.96 28.19 -35.28
CA TRP A 97 -11.29 27.58 -35.21
C TRP A 97 -12.40 28.62 -35.17
N VAL A 98 -12.09 29.91 -35.27
CA VAL A 98 -13.08 30.97 -35.26
C VAL A 98 -13.34 31.38 -36.72
N GLU A 99 -14.56 31.13 -37.20
CA GLU A 99 -14.84 31.27 -38.62
C GLU A 99 -15.99 32.22 -38.92
N ASP A 100 -16.92 31.80 -39.78
CA ASP A 100 -17.89 32.69 -40.41
C ASP A 100 -19.27 32.47 -39.79
N TYR A 101 -19.75 33.49 -39.08
CA TYR A 101 -21.11 33.55 -38.55
C TYR A 101 -21.35 34.93 -37.95
N ILE A 102 -20.29 35.52 -37.40
CA ILE A 102 -20.24 36.91 -36.92
C ILE A 102 -20.97 37.08 -35.59
N ASP A 103 -21.79 36.10 -35.22
CA ASP A 103 -22.53 36.18 -33.96
C ASP A 103 -23.11 34.82 -33.57
N LYS A 104 -23.30 33.94 -34.54
CA LYS A 104 -23.92 32.65 -34.30
C LYS A 104 -22.93 31.51 -34.45
N TYR A 114 -25.84 26.97 -29.69
CA TYR A 114 -24.79 27.74 -30.35
C TYR A 114 -24.06 28.63 -29.35
N GLU A 115 -24.19 28.29 -28.06
CA GLU A 115 -23.69 29.11 -26.95
C GLU A 115 -22.29 29.66 -27.19
N PHE A 116 -22.24 30.82 -27.83
CA PHE A 116 -21.01 31.50 -28.26
C PHE A 116 -21.48 32.86 -28.78
N THR A 117 -20.95 33.98 -28.29
CA THR A 117 -21.51 35.26 -28.76
C THR A 117 -20.55 36.43 -28.53
N GLY A 118 -20.42 37.29 -29.54
CA GLY A 118 -19.67 38.53 -29.42
C GLY A 118 -20.53 39.74 -29.76
N PRO A 119 -19.96 40.94 -29.59
CA PRO A 119 -20.73 42.17 -29.87
C PRO A 119 -20.73 42.56 -31.35
N GLU A 120 -19.54 42.83 -31.88
CA GLU A 120 -19.36 43.23 -33.27
C GLU A 120 -17.87 43.21 -33.61
N GLN A 121 -17.07 42.69 -32.68
CA GLN A 121 -15.61 42.72 -32.77
C GLN A 121 -15.05 41.53 -33.53
N ALA A 122 -15.86 40.87 -34.36
CA ALA A 122 -15.38 39.69 -35.09
C ALA A 122 -14.13 40.00 -35.90
N GLU A 123 -13.98 41.25 -36.36
CA GLU A 123 -12.77 41.66 -37.05
C GLU A 123 -11.54 41.68 -36.15
N GLN A 124 -11.72 41.57 -34.84
CA GLN A 124 -10.60 41.44 -33.91
C GLN A 124 -10.17 40.00 -33.73
N ALA A 125 -11.12 39.07 -33.64
CA ALA A 125 -10.79 37.66 -33.57
C ALA A 125 -10.09 37.20 -34.85
N ARG A 126 -10.58 37.65 -36.01
CA ARG A 126 -9.92 37.33 -37.27
C ARG A 126 -8.56 38.00 -37.39
N ALA A 127 -8.31 39.07 -36.63
CA ALA A 127 -6.98 39.68 -36.60
C ALA A 127 -6.02 38.83 -35.78
N ILE A 128 -6.46 38.38 -34.60
CA ILE A 128 -5.64 37.50 -33.78
C ILE A 128 -5.45 36.16 -34.48
N ALA A 129 -6.53 35.61 -35.05
CA ALA A 129 -6.42 34.36 -35.80
C ALA A 129 -5.51 34.52 -37.01
N GLN A 130 -5.43 35.71 -37.59
CA GLN A 130 -4.47 35.96 -38.66
C GLN A 130 -3.05 36.00 -38.11
N TYR A 131 -2.86 36.61 -36.94
CA TYR A 131 -1.55 36.61 -36.31
C TYR A 131 -1.21 35.23 -35.77
N TRP A 132 -2.08 34.67 -34.93
CA TRP A 132 -1.79 33.40 -34.26
C TRP A 132 -1.97 32.18 -35.17
N HIS A 133 -2.26 32.38 -36.45
CA HIS A 133 -2.20 31.26 -37.37
C HIS A 133 -0.76 30.77 -37.48
N ASN A 134 -0.62 29.48 -37.81
CA ASN A 134 0.63 28.72 -37.82
C ASN A 134 1.64 29.13 -36.75
N ILE A 135 1.16 29.57 -35.57
CA ILE A 135 2.02 29.71 -34.38
C ILE A 135 1.20 29.37 -33.13
N GLY A 136 0.15 28.58 -33.29
CA GLY A 136 -0.65 28.15 -32.16
C GLY A 136 -0.45 26.69 -31.85
N GLY A 137 -0.80 26.26 -30.65
CA GLY A 137 -0.62 24.88 -30.22
C GLY A 137 -1.04 23.86 -31.25
N LYS A 138 -2.34 23.72 -31.45
CA LYS A 138 -2.83 22.88 -32.54
C LYS A 138 -2.28 23.36 -33.87
N GLU A 139 -2.14 24.68 -34.02
CA GLU A 139 -1.69 25.25 -35.28
C GLU A 139 -0.27 24.80 -35.59
N MET A 140 0.62 24.84 -34.58
CA MET A 140 1.93 24.25 -34.74
C MET A 140 1.84 22.73 -34.75
N TRP A 141 0.94 22.16 -33.94
CA TRP A 141 0.85 20.71 -33.82
C TRP A 141 0.46 20.07 -35.15
N ILE A 142 -0.55 20.61 -35.83
CA ILE A 142 -1.10 19.98 -37.01
C ILE A 142 -0.16 20.01 -38.21
N LYS A 143 0.88 20.83 -38.18
CA LYS A 143 1.89 20.78 -39.22
C LYS A 143 2.85 19.63 -38.97
N TYR A 144 3.40 19.56 -37.76
CA TYR A 144 4.33 18.54 -37.28
C TYR A 144 4.08 17.15 -37.84
N MET A 145 2.84 16.67 -37.75
CA MET A 145 2.51 15.32 -38.22
C MET A 145 2.87 15.14 -39.69
N GLY A 146 2.11 15.80 -40.56
CA GLY A 146 2.26 15.62 -41.98
C GLY A 146 0.96 15.28 -42.68
N PRO A 147 0.43 14.08 -42.40
CA PRO A 147 -0.77 13.62 -43.12
C PRO A 147 -2.09 13.97 -42.45
N GLU A 148 -2.14 13.91 -41.12
CA GLU A 148 -3.32 14.22 -40.32
C GLU A 148 -4.46 13.25 -40.59
N GLN A 149 -4.58 12.22 -39.76
CA GLN A 149 -5.70 11.29 -39.80
C GLN A 149 -6.79 11.79 -38.86
N GLU A 150 -7.88 12.29 -39.43
CA GLU A 150 -9.03 12.69 -38.63
C GLU A 150 -9.80 11.45 -38.20
N GLU A 151 -10.17 11.40 -36.93
CA GLU A 151 -10.87 10.25 -36.38
C GLU A 151 -12.25 10.64 -35.86
N TYR A 162 -14.17 7.89 -35.28
CA TYR A 162 -14.01 7.91 -33.83
C TYR A 162 -13.52 6.59 -33.25
N LEU A 163 -12.29 6.62 -32.74
CA LEU A 163 -11.73 5.53 -31.96
C LEU A 163 -10.75 6.10 -30.95
N THR A 164 -10.30 7.34 -31.19
CA THR A 164 -9.35 8.02 -30.33
C THR A 164 -9.63 9.52 -30.40
N ASN A 165 -9.38 10.21 -29.29
CA ASN A 165 -9.59 11.66 -29.21
C ASN A 165 -8.37 12.42 -29.74
N THR A 166 -8.21 12.35 -31.06
CA THR A 166 -7.18 13.16 -31.70
C THR A 166 -7.59 14.63 -31.75
N VAL A 167 -8.89 14.89 -31.93
CA VAL A 167 -9.37 16.27 -31.97
C VAL A 167 -9.26 16.92 -30.60
N SER A 168 -9.51 16.14 -29.55
CA SER A 168 -9.46 16.66 -28.18
C SER A 168 -8.06 16.69 -27.60
N GLU A 169 -7.03 16.36 -28.38
CA GLU A 169 -5.66 16.37 -27.88
C GLU A 169 -4.83 17.53 -28.41
N MET A 170 -5.20 18.10 -29.56
CA MET A 170 -4.59 19.34 -30.01
C MET A 170 -5.39 20.57 -29.61
N TYR A 171 -6.63 20.38 -29.15
CA TYR A 171 -7.54 21.48 -28.84
C TYR A 171 -7.83 21.67 -27.36
N ALA A 172 -7.74 20.63 -26.54
CA ALA A 172 -8.17 20.74 -25.16
C ALA A 172 -7.00 21.10 -24.26
N GLU A 173 -7.25 22.01 -23.32
CA GLU A 173 -6.23 22.40 -22.37
C GLU A 173 -5.98 21.26 -21.37
N LYS A 174 -4.72 21.11 -20.96
CA LYS A 174 -4.32 20.02 -20.09
C LYS A 174 -4.24 20.50 -18.65
N ALA A 175 -4.83 19.72 -17.75
CA ALA A 175 -4.62 19.86 -16.31
C ALA A 175 -4.92 18.53 -15.66
N TRP A 176 -6.12 18.38 -15.11
CA TRP A 176 -6.55 17.11 -14.52
C TRP A 176 -5.62 16.67 -13.41
N ASN A 177 -4.96 17.62 -12.76
CA ASN A 177 -4.08 17.32 -11.63
C ASN A 177 -4.62 18.01 -10.38
N VAL A 178 -3.78 17.98 -9.34
CA VAL A 178 -3.97 18.80 -8.14
C VAL A 178 -2.57 19.19 -7.68
N PRO A 179 -2.06 20.34 -8.10
CA PRO A 179 -0.74 20.78 -7.64
C PRO A 179 -0.80 21.23 -6.17
N ASP A 180 0.39 21.47 -5.62
CA ASP A 180 0.51 21.87 -4.22
C ASP A 180 0.35 23.38 -4.03
N CYS A 181 -0.57 24.02 -4.75
CA CYS A 181 -0.83 25.45 -4.60
C CYS A 181 -1.50 25.74 -3.27
N ALA A 182 -1.41 24.78 -2.35
CA ALA A 182 -1.94 24.86 -0.99
C ALA A 182 -1.41 23.66 -0.23
N ARG A 183 -0.13 23.72 0.10
CA ARG A 183 0.72 22.62 0.55
C ARG A 183 2.12 23.07 0.20
N MET A 184 2.18 24.05 -0.70
CA MET A 184 3.40 24.75 -1.06
C MET A 184 3.07 26.22 -1.34
N ILE A 185 2.24 26.83 -0.51
CA ILE A 185 1.93 28.26 -0.63
C ILE A 185 1.86 28.85 0.78
N THR A 186 2.30 28.08 1.77
CA THR A 186 2.62 28.65 3.07
C THR A 186 3.97 29.36 3.05
N THR A 187 4.62 29.41 1.90
CA THR A 187 5.89 30.12 1.69
C THR A 187 5.70 31.48 1.05
N GLY A 188 4.72 31.62 0.15
CA GLY A 188 4.48 32.88 -0.53
C GLY A 188 5.27 32.99 -1.82
N ALA A 189 4.84 33.94 -2.66
CA ALA A 189 5.56 34.19 -3.91
C ALA A 189 6.97 34.71 -3.65
N ARG A 190 7.16 35.49 -2.59
CA ARG A 190 8.48 36.01 -2.28
C ARG A 190 9.45 34.88 -1.94
N GLY A 191 9.01 33.93 -1.12
CA GLY A 191 9.84 32.78 -0.81
C GLY A 191 10.20 31.96 -2.04
N PHE A 192 9.35 32.03 -3.08
CA PHE A 192 9.66 31.36 -4.34
C PHE A 192 10.74 32.11 -5.11
N ILE A 193 10.55 33.41 -5.32
CA ILE A 193 11.49 34.21 -6.09
C ILE A 193 12.88 34.18 -5.47
N GLU A 194 12.97 33.95 -4.16
CA GLU A 194 14.27 33.79 -3.53
C GLU A 194 14.94 32.50 -3.96
N GLU A 195 14.21 31.37 -3.90
CA GLU A 195 14.76 30.10 -4.34
C GLU A 195 15.19 30.15 -5.80
N ILE A 196 14.40 30.83 -6.63
CA ILE A 196 14.81 31.04 -8.02
C ILE A 196 16.08 31.89 -8.07
N ASP A 197 16.12 32.96 -7.29
CA ASP A 197 17.31 33.80 -7.24
C ASP A 197 18.48 33.06 -6.61
N ASN A 198 18.21 32.23 -5.60
CA ASN A 198 19.24 31.37 -5.04
C ASN A 198 19.65 30.26 -5.99
N LYS A 199 18.97 30.12 -7.13
CA LYS A 199 19.25 29.08 -8.11
C LYS A 199 19.97 29.62 -9.33
N LEU A 200 19.48 30.74 -9.89
CA LEU A 200 20.14 31.36 -11.04
C LEU A 200 21.54 31.84 -10.71
N ALA A 201 21.88 32.00 -9.44
CA ALA A 201 23.14 32.59 -9.02
C ALA A 201 24.14 31.59 -8.47
N ASN A 202 23.70 30.67 -7.60
CA ASN A 202 24.61 29.79 -6.88
C ASN A 202 24.62 28.37 -7.44
N LEU A 203 24.09 28.15 -8.64
CA LEU A 203 24.02 26.79 -9.18
C LEU A 203 23.87 26.77 -10.69
N THR A 204 23.84 27.94 -11.32
CA THR A 204 23.65 28.01 -12.77
C THR A 204 24.81 27.40 -13.52
N VAL A 205 25.92 28.14 -13.60
CA VAL A 205 27.13 27.80 -14.38
C VAL A 205 26.75 27.08 -15.66
N LEU A 206 26.20 27.82 -16.61
CA LEU A 206 25.58 27.24 -17.80
C LEU A 206 26.59 26.50 -18.68
N THR A 207 26.74 25.20 -18.44
CA THR A 207 27.57 24.33 -19.28
C THR A 207 26.64 23.49 -20.14
N ASP A 208 25.83 24.17 -20.95
CA ASP A 208 24.53 23.67 -21.40
C ASP A 208 23.88 22.80 -20.33
N GLU A 209 23.75 23.36 -19.12
CA GLU A 209 22.85 22.79 -18.13
C GLU A 209 21.42 23.21 -18.48
N ASP A 210 21.04 22.84 -19.70
CA ASP A 210 19.78 23.22 -20.33
C ASP A 210 19.60 24.74 -20.32
N TYR A 211 19.96 25.40 -21.42
CA TYR A 211 19.52 26.76 -21.65
C TYR A 211 18.01 26.86 -21.50
N ARG A 212 17.30 25.78 -21.78
CA ARG A 212 15.88 25.70 -21.49
C ARG A 212 15.62 25.86 -19.99
N ALA A 213 16.51 25.33 -19.16
CA ALA A 213 16.32 25.42 -17.71
C ALA A 213 16.63 26.83 -17.19
N HIS A 214 17.68 27.47 -17.71
CA HIS A 214 17.99 28.83 -17.29
C HIS A 214 16.87 29.79 -17.66
N GLU A 215 16.17 29.54 -18.77
CA GLU A 215 15.07 30.40 -19.17
C GLU A 215 13.78 30.06 -18.42
N PHE A 216 13.59 28.80 -18.04
CA PHE A 216 12.46 28.45 -17.21
C PHE A 216 12.53 29.14 -15.86
N TYR A 217 13.72 29.20 -15.27
CA TYR A 217 13.89 29.82 -13.96
C TYR A 217 13.50 31.29 -14.00
N LEU A 218 14.06 32.05 -14.94
CA LEU A 218 13.70 33.44 -15.10
C LEU A 218 12.21 33.61 -15.35
N ALA A 219 11.65 32.74 -16.21
CA ALA A 219 10.23 32.80 -16.50
C ALA A 219 9.40 32.63 -15.23
N LEU A 220 9.77 31.66 -14.39
CA LEU A 220 8.98 31.37 -13.21
C LEU A 220 8.94 32.57 -12.27
N ARG A 221 10.05 33.29 -12.15
CA ARG A 221 10.02 34.55 -11.41
C ARG A 221 9.09 35.56 -12.09
N TYR A 222 9.16 35.65 -13.42
CA TYR A 222 8.53 36.76 -14.12
C TYR A 222 7.03 36.82 -13.92
N GLU A 223 6.38 35.67 -13.74
CA GLU A 223 4.95 35.65 -13.43
C GLU A 223 4.68 35.42 -11.94
N LEU A 224 5.71 35.25 -11.13
CA LEU A 224 5.50 35.27 -9.67
C LEU A 224 5.35 36.70 -9.17
N GLU A 225 6.06 37.66 -9.77
CA GLU A 225 5.70 39.05 -9.58
C GLU A 225 4.40 39.39 -10.31
N GLY A 226 4.02 38.58 -11.30
CA GLY A 226 2.73 38.78 -11.94
C GLY A 226 1.57 38.59 -10.98
N VAL A 227 1.61 37.51 -10.20
CA VAL A 227 0.60 37.31 -9.17
C VAL A 227 0.76 38.29 -8.02
N ILE A 228 1.87 39.03 -7.97
CA ILE A 228 2.02 40.10 -7.00
C ILE A 228 1.35 41.37 -7.52
N ASP A 229 1.66 41.76 -8.75
CA ASP A 229 1.02 42.93 -9.35
C ASP A 229 -0.48 42.74 -9.45
N TYR A 230 -0.92 41.53 -9.81
CA TYR A 230 -2.35 41.21 -9.89
C TYR A 230 -3.06 41.58 -8.60
N ALA A 231 -2.49 41.20 -7.45
CA ALA A 231 -3.11 41.48 -6.17
C ALA A 231 -2.72 42.84 -5.60
N HIS A 232 -1.66 43.46 -6.11
CA HIS A 232 -1.37 44.83 -5.74
C HIS A 232 -2.19 45.82 -6.55
N ARG A 233 -2.78 45.38 -7.67
CA ARG A 233 -3.71 46.24 -8.40
C ARG A 233 -5.04 46.33 -7.67
N TYR A 234 -5.50 45.22 -7.10
CA TYR A 234 -6.75 45.26 -6.33
C TYR A 234 -6.60 46.08 -5.06
N ALA A 235 -5.44 45.98 -4.40
CA ALA A 235 -5.21 46.75 -3.18
C ALA A 235 -5.37 48.24 -3.43
N ALA A 236 -4.82 48.73 -4.55
CA ALA A 236 -5.01 50.14 -4.90
C ALA A 236 -6.43 50.42 -5.35
N LEU A 237 -7.11 49.43 -5.92
CA LEU A 237 -8.48 49.62 -6.37
C LEU A 237 -9.50 49.41 -5.25
N ALA A 238 -9.26 48.42 -4.38
CA ALA A 238 -10.15 48.22 -3.24
C ALA A 238 -10.07 49.41 -2.28
N ARG A 239 -8.85 49.90 -2.01
CA ARG A 239 -8.70 51.09 -1.18
C ARG A 239 -9.35 52.29 -1.83
N GLU A 240 -9.40 52.33 -3.16
CA GLU A 240 -10.12 53.40 -3.85
C GLU A 240 -11.63 53.22 -3.71
N LYS A 241 -12.09 51.97 -3.69
CA LYS A 241 -13.50 51.62 -3.51
C LYS A 241 -13.97 51.81 -2.06
N ALA A 242 -13.13 52.35 -1.19
CA ALA A 242 -13.43 52.47 0.23
C ALA A 242 -13.97 53.85 0.61
N ALA A 243 -13.28 54.92 0.17
CA ALA A 243 -13.70 56.26 0.55
C ALA A 243 -15.07 56.62 -0.02
N VAL A 244 -15.36 56.15 -1.24
CA VAL A 244 -16.60 56.50 -1.92
C VAL A 244 -17.72 55.57 -1.47
N GLU A 245 -17.45 54.73 -0.48
CA GLU A 245 -18.44 53.78 0.04
C GLU A 245 -19.12 54.37 1.26
N ARG A 246 -20.45 54.24 1.32
CA ARG A 246 -21.24 54.77 2.41
C ARG A 246 -21.54 53.75 3.49
N ASP A 247 -21.79 52.50 3.12
CA ASP A 247 -22.02 51.44 4.09
C ASP A 247 -20.72 51.16 4.84
N PRO A 248 -20.59 51.52 6.13
CA PRO A 248 -19.31 51.36 6.80
C PRO A 248 -18.89 49.91 7.00
N GLN A 249 -19.86 48.99 7.08
CA GLN A 249 -19.50 47.57 7.20
C GLN A 249 -18.96 47.03 5.88
N ARG A 250 -19.59 47.40 4.76
CA ARG A 250 -19.04 47.04 3.46
C ARG A 250 -17.76 47.82 3.17
N LYS A 251 -17.60 49.01 3.76
CA LYS A 251 -16.36 49.76 3.63
C LYS A 251 -15.22 49.03 4.33
N VAL A 252 -15.44 48.62 5.59
CA VAL A 252 -14.41 47.90 6.32
C VAL A 252 -14.20 46.49 5.76
N GLU A 253 -15.19 45.97 5.02
CA GLU A 253 -15.06 44.63 4.45
C GLU A 253 -13.96 44.61 3.39
N LEU A 254 -13.95 45.59 2.50
CA LEU A 254 -12.91 45.68 1.47
C LEU A 254 -11.68 46.44 1.94
N GLU A 255 -11.82 47.33 2.92
CA GLU A 255 -10.65 47.97 3.50
C GLU A 255 -9.71 46.96 4.15
N GLU A 256 -10.23 45.82 4.57
CA GLU A 256 -9.36 44.72 5.02
C GLU A 256 -8.87 43.90 3.84
N ILE A 257 -9.66 43.80 2.77
CA ILE A 257 -9.23 43.05 1.59
C ILE A 257 -8.02 43.70 0.95
N ALA A 258 -8.03 45.03 0.84
CA ALA A 258 -6.84 45.74 0.36
C ALA A 258 -5.66 45.50 1.28
N ARG A 259 -5.91 45.36 2.59
CA ARG A 259 -4.84 45.00 3.53
C ARG A 259 -4.46 43.53 3.38
N VAL A 260 -5.39 42.70 2.93
CA VAL A 260 -5.07 41.31 2.62
C VAL A 260 -4.18 41.23 1.37
N CYS A 261 -4.69 41.74 0.26
CA CYS A 261 -3.94 41.69 -1.01
C CYS A 261 -2.63 42.46 -0.96
N ASP A 262 -2.40 43.24 0.10
CA ASP A 262 -1.10 43.88 0.31
C ASP A 262 -0.08 42.92 0.91
N ARG A 263 -0.46 41.68 1.24
CA ARG A 263 0.46 40.75 1.86
C ARG A 263 0.10 39.31 1.55
N VAL A 264 -1.05 39.09 0.92
CA VAL A 264 -1.55 37.74 0.65
C VAL A 264 -0.68 37.01 -0.38
N PRO A 265 -0.46 37.56 -1.60
CA PRO A 265 0.19 36.75 -2.64
C PRO A 265 1.71 36.69 -2.50
N GLU A 266 2.31 37.73 -1.94
CA GLU A 266 3.77 37.82 -1.88
C GLU A 266 4.33 37.08 -0.67
N TYR A 267 3.94 37.50 0.52
CA TYR A 267 4.42 36.89 1.76
C TYR A 267 3.50 35.76 2.19
N PRO A 268 3.99 34.85 3.04
CA PRO A 268 3.13 33.78 3.54
C PRO A 268 1.91 34.33 4.26
N ALA A 269 0.79 33.62 4.11
CA ALA A 269 -0.46 34.06 4.71
C ALA A 269 -0.46 33.80 6.22
N GLU A 270 -1.32 34.53 6.92
CA GLU A 270 -1.42 34.43 8.36
C GLU A 270 -2.84 34.25 8.89
N THR A 271 -3.86 34.65 8.14
CA THR A 271 -5.24 34.57 8.61
C THR A 271 -6.08 33.78 7.62
N PHE A 272 -7.27 33.37 8.07
CA PHE A 272 -8.16 32.57 7.23
C PHE A 272 -8.64 33.36 6.02
N GLN A 273 -8.82 34.68 6.17
CA GLN A 273 -9.24 35.51 5.04
C GLN A 273 -8.11 35.79 4.06
N GLU A 274 -6.86 35.71 4.50
CA GLU A 274 -5.72 35.93 3.62
C GLU A 274 -4.99 34.66 3.25
N ALA A 275 -5.40 33.51 3.82
CA ALA A 275 -4.89 32.23 3.35
C ALA A 275 -5.69 31.73 2.15
N LEU A 276 -7.01 31.92 2.19
CA LEU A 276 -7.85 31.56 1.05
C LEU A 276 -7.52 32.41 -0.17
N GLN A 277 -7.45 33.73 0.02
CA GLN A 277 -7.11 34.62 -1.10
C GLN A 277 -5.72 34.33 -1.64
N SER A 278 -4.79 33.95 -0.76
CA SER A 278 -3.45 33.56 -1.20
C SER A 278 -3.53 32.32 -2.09
N PHE A 279 -4.19 31.27 -1.60
CA PHE A 279 -4.35 30.05 -2.39
C PHE A 279 -5.05 30.34 -3.72
N PHE A 280 -6.09 31.18 -3.69
CA PHE A 280 -6.84 31.45 -4.92
C PHE A 280 -5.98 32.12 -5.97
N PHE A 281 -5.17 33.09 -5.57
CA PHE A 281 -4.30 33.77 -6.52
C PHE A 281 -3.32 32.80 -7.16
N ALA A 282 -2.99 31.70 -6.47
CA ALA A 282 -2.17 30.66 -7.09
C ALA A 282 -2.97 29.84 -8.10
N VAL A 283 -4.28 29.73 -7.90
CA VAL A 283 -5.12 29.05 -8.89
C VAL A 283 -5.25 29.92 -10.14
N LEU A 284 -5.18 31.24 -9.98
CA LEU A 284 -5.37 32.15 -11.11
C LEU A 284 -4.10 32.33 -11.92
N MET A 285 -2.95 32.48 -11.24
CA MET A 285 -1.67 32.57 -11.94
C MET A 285 -1.47 31.38 -12.88
N VAL A 286 -1.97 30.20 -12.50
CA VAL A 286 -1.98 29.07 -13.42
C VAL A 286 -2.95 29.33 -14.57
N TYR A 287 -4.16 29.80 -14.24
CA TYR A 287 -5.17 30.05 -15.27
C TYR A 287 -4.70 31.08 -16.28
N TRP A 288 -3.81 31.99 -15.88
CA TRP A 288 -3.33 33.00 -16.82
C TRP A 288 -2.23 32.47 -17.74
N ASP A 289 -1.56 31.38 -17.36
CA ASP A 289 -0.58 30.75 -18.24
C ASP A 289 -1.19 29.63 -19.07
N THR A 290 -2.19 28.93 -18.52
CA THR A 290 -2.90 27.89 -19.24
C THR A 290 -4.28 27.74 -18.64
N ARG A 291 -5.30 27.70 -19.48
CA ARG A 291 -6.66 27.49 -19.01
C ARG A 291 -6.74 26.13 -18.29
N THR A 292 -6.23 26.09 -17.06
CA THR A 292 -6.12 24.84 -16.30
C THR A 292 -7.45 24.11 -16.26
N TYR A 293 -7.53 23.00 -16.97
CA TYR A 293 -8.77 22.23 -17.10
C TYR A 293 -9.18 21.60 -15.77
N GLY A 294 -8.99 20.29 -15.64
CA GLY A 294 -9.47 19.57 -14.48
C GLY A 294 -8.58 19.71 -13.25
N MET A 295 -8.04 20.91 -13.04
CA MET A 295 -7.22 21.14 -11.85
C MET A 295 -8.03 20.93 -10.59
N GLY A 296 -7.56 20.03 -9.74
CA GLY A 296 -8.16 19.84 -8.44
C GLY A 296 -7.49 20.73 -7.40
N MET A 297 -8.27 21.09 -6.37
CA MET A 297 -7.81 21.95 -5.29
C MET A 297 -8.08 21.27 -3.95
N GLY A 298 -7.70 19.99 -3.86
CA GLY A 298 -8.16 19.16 -2.78
C GLY A 298 -7.59 19.56 -1.43
N ARG A 299 -8.34 19.18 -0.39
CA ARG A 299 -7.92 19.22 1.01
C ARG A 299 -7.94 20.64 1.59
N MET A 300 -8.85 21.49 1.11
CA MET A 300 -9.01 22.81 1.70
C MET A 300 -9.46 22.73 3.16
N ASP A 301 -10.07 21.62 3.56
CA ASP A 301 -10.37 21.42 4.97
C ASP A 301 -9.14 21.05 5.79
N GLN A 302 -8.01 20.80 5.15
CA GLN A 302 -6.79 20.39 5.83
C GLN A 302 -5.75 21.50 5.97
N PHE A 303 -5.59 22.36 4.95
CA PHE A 303 -4.54 23.36 4.96
C PHE A 303 -5.01 24.78 5.23
N LEU A 304 -6.31 25.06 5.12
CA LEU A 304 -6.88 26.30 5.64
C LEU A 304 -7.30 26.19 7.10
N TYR A 305 -6.97 25.10 7.78
CA TYR A 305 -7.32 24.92 9.18
C TYR A 305 -6.45 25.70 10.16
N PRO A 306 -5.11 25.74 10.00
CA PRO A 306 -4.30 26.48 10.99
C PRO A 306 -4.69 27.94 11.12
N THR A 307 -5.06 28.59 10.03
CA THR A 307 -5.55 29.96 10.10
C THR A 307 -7.01 29.99 10.55
N PHE A 308 -7.80 29.01 10.11
CA PHE A 308 -9.16 28.83 10.64
C PHE A 308 -9.13 28.68 12.15
N LYS A 309 -8.28 27.79 12.66
CA LYS A 309 -8.10 27.65 14.10
C LYS A 309 -7.40 28.84 14.73
N LYS A 310 -6.79 29.71 13.92
CA LYS A 310 -6.11 30.89 14.46
C LYS A 310 -7.11 32.01 14.74
N ASP A 311 -7.91 32.38 13.74
CA ASP A 311 -8.77 33.54 13.88
C ASP A 311 -9.95 33.26 14.80
N ILE A 312 -10.53 32.06 14.72
CA ILE A 312 -11.73 31.75 15.51
C ILE A 312 -11.42 31.81 16.99
N GLU A 313 -10.50 30.95 17.46
CA GLU A 313 -10.13 30.95 18.86
C GLU A 313 -9.52 32.27 19.31
N ARG A 314 -9.16 33.15 18.38
CA ARG A 314 -8.75 34.51 18.69
C ARG A 314 -9.88 35.52 18.43
N GLY A 315 -11.09 35.04 18.23
CA GLY A 315 -12.26 35.91 18.08
C GLY A 315 -12.24 36.82 16.87
N TYR A 316 -11.22 36.67 16.02
CA TYR A 316 -11.08 37.59 14.88
C TYR A 316 -12.12 37.31 13.81
N ILE A 317 -12.47 36.04 13.59
CA ILE A 317 -13.45 35.67 12.59
C ILE A 317 -14.45 34.71 13.21
N ASP A 318 -15.70 34.81 12.74
CA ASP A 318 -16.78 33.95 13.21
C ASP A 318 -17.01 32.82 12.22
N GLU A 319 -17.70 31.77 12.71
CA GLU A 319 -18.00 30.63 11.86
C GLU A 319 -18.86 31.04 10.67
N LYS A 320 -19.84 31.93 10.90
CA LYS A 320 -20.64 32.44 9.80
C LYS A 320 -19.78 33.23 8.82
N TYR A 321 -18.84 34.02 9.33
CA TYR A 321 -17.91 34.75 8.47
C TYR A 321 -17.10 33.78 7.62
N ALA A 322 -16.57 32.73 8.23
CA ALA A 322 -15.85 31.71 7.46
C ALA A 322 -16.78 31.01 6.47
N GLN A 323 -18.05 30.84 6.83
CA GLN A 323 -19.03 30.31 5.90
C GLN A 323 -19.37 31.31 4.80
N ASP A 324 -19.09 32.59 5.02
CA ASP A 324 -19.29 33.58 3.97
C ASP A 324 -18.24 33.44 2.87
N LEU A 325 -16.96 33.28 3.26
CA LEU A 325 -15.90 33.17 2.27
C LEU A 325 -16.03 31.90 1.45
N LEU A 326 -16.29 30.76 2.12
CA LEU A 326 -16.51 29.52 1.39
C LEU A 326 -17.72 29.64 0.47
N GLU A 327 -18.73 30.40 0.87
CA GLU A 327 -19.82 30.71 -0.05
C GLU A 327 -19.34 31.59 -1.18
N CYS A 328 -18.64 32.68 -0.87
CA CYS A 328 -18.05 33.52 -1.90
C CYS A 328 -16.96 32.81 -2.70
N PHE A 329 -16.55 31.61 -2.27
CA PHE A 329 -15.58 30.83 -3.02
C PHE A 329 -16.24 29.99 -4.10
N ARG A 330 -17.44 29.44 -3.83
CA ARG A 330 -18.16 28.67 -4.83
C ARG A 330 -18.58 29.53 -6.01
N CYS A 331 -18.87 30.81 -5.76
CA CYS A 331 -19.34 31.70 -6.82
C CYS A 331 -18.20 32.15 -7.72
N LYS A 332 -17.15 32.72 -7.12
CA LYS A 332 -16.09 33.33 -7.92
C LYS A 332 -15.35 32.31 -8.77
N ILE A 333 -15.36 31.04 -8.35
CA ILE A 333 -14.69 29.99 -9.11
C ILE A 333 -15.44 29.61 -10.38
N MET A 334 -16.68 30.08 -10.53
CA MET A 334 -17.52 29.65 -11.65
C MET A 334 -17.10 30.27 -12.96
N GLU A 335 -16.79 31.57 -12.95
CA GLU A 335 -16.53 32.37 -14.15
C GLU A 335 -15.63 31.69 -15.17
N LYS A 336 -14.81 30.74 -14.72
CA LYS A 336 -13.94 29.99 -15.61
C LYS A 336 -14.74 29.03 -16.48
N ARG A 337 -15.54 29.56 -17.41
CA ARG A 337 -16.26 28.69 -18.33
C ARG A 337 -15.30 28.19 -19.42
N GLN A 338 -15.75 27.19 -20.16
CA GLN A 338 -14.96 26.60 -21.23
C GLN A 338 -15.32 27.26 -22.55
N PHE A 339 -14.33 27.29 -23.46
CA PHE A 339 -14.48 27.88 -24.79
C PHE A 339 -13.67 27.04 -25.78
N TRP A 340 -14.26 25.92 -26.21
CA TRP A 340 -13.69 25.01 -27.18
C TRP A 340 -14.61 24.88 -28.38
N PRO A 341 -14.11 24.43 -29.53
CA PRO A 341 -14.97 24.29 -30.71
C PRO A 341 -16.10 23.29 -30.46
N ASP A 342 -17.20 23.50 -31.20
CA ASP A 342 -18.38 22.65 -31.05
C ASP A 342 -18.10 21.20 -31.40
N VAL A 343 -17.06 20.93 -32.20
CA VAL A 343 -16.74 19.57 -32.62
C VAL A 343 -16.42 18.64 -31.45
N MET A 344 -16.35 19.17 -30.23
CA MET A 344 -16.07 18.35 -29.05
C MET A 344 -17.18 18.36 -28.03
N VAL A 345 -18.16 19.26 -28.16
CA VAL A 345 -19.32 19.33 -27.28
C VAL A 345 -20.05 17.99 -27.20
N PRO A 346 -20.11 17.20 -28.27
CA PRO A 346 -20.64 15.83 -28.09
C PRO A 346 -19.89 15.00 -27.06
N SER A 347 -18.58 15.20 -26.94
CA SER A 347 -17.77 14.37 -26.06
C SER A 347 -17.35 15.05 -24.76
N VAL A 348 -17.32 16.38 -24.71
CA VAL A 348 -16.91 17.11 -23.52
C VAL A 348 -18.03 17.96 -22.96
N SER A 349 -19.28 17.71 -23.40
CA SER A 349 -20.42 18.54 -23.06
C SER A 349 -20.16 19.99 -23.47
N ALA A 350 -20.94 20.92 -22.94
CA ALA A 350 -20.75 22.34 -23.25
C ALA A 350 -20.23 23.12 -22.06
N GLU A 351 -20.02 22.48 -20.91
CA GLU A 351 -19.48 23.13 -19.72
C GLU A 351 -19.07 22.09 -18.70
N SER A 352 -18.01 21.34 -19.00
CA SER A 352 -17.54 20.23 -18.16
C SER A 352 -16.34 20.71 -17.37
N HIS A 353 -16.58 21.19 -16.15
CA HIS A 353 -15.53 21.69 -15.28
C HIS A 353 -15.40 20.83 -14.03
N PHE A 354 -14.15 20.53 -13.69
CA PHE A 354 -13.81 19.66 -12.56
C PHE A 354 -12.96 20.48 -11.60
N HIS A 355 -13.62 21.25 -10.74
CA HIS A 355 -12.94 22.01 -9.70
C HIS A 355 -13.08 21.31 -8.35
N ASN A 356 -12.68 20.04 -8.33
CA ASN A 356 -12.95 19.20 -7.17
C ASN A 356 -12.12 19.62 -5.96
N VAL A 357 -12.73 19.47 -4.79
CA VAL A 357 -12.07 19.67 -3.50
C VAL A 357 -12.48 18.52 -2.59
N VAL A 358 -11.50 17.90 -1.94
CA VAL A 358 -11.76 16.77 -1.06
C VAL A 358 -11.88 17.28 0.37
N LEU A 359 -13.07 17.16 0.93
CA LEU A 359 -13.29 17.40 2.35
C LEU A 359 -13.10 16.11 3.13
N GLY A 360 -12.84 16.25 4.42
CA GLY A 360 -12.53 15.09 5.22
C GLY A 360 -11.20 14.48 4.81
N GLY A 361 -10.96 13.28 5.34
CA GLY A 361 -9.73 12.56 5.03
C GLY A 361 -9.05 11.99 6.26
N VAL A 362 -7.72 12.06 6.29
CA VAL A 362 -6.92 11.50 7.37
C VAL A 362 -5.67 12.36 7.54
N ASP A 363 -5.34 12.68 8.79
CA ASP A 363 -4.08 13.37 9.05
C ASP A 363 -2.91 12.47 8.65
N PRO A 364 -2.04 12.91 7.75
CA PRO A 364 -0.99 12.02 7.24
C PRO A 364 0.05 11.67 8.28
N LYS A 365 0.51 12.65 9.05
CA LYS A 365 1.59 12.43 10.01
C LYS A 365 1.16 11.57 11.19
N THR A 366 -0.14 11.48 11.47
CA THR A 366 -0.62 10.76 12.64
C THR A 366 -1.60 9.64 12.34
N GLY A 367 -2.31 9.70 11.21
CA GLY A 367 -3.24 8.65 10.83
C GLY A 367 -4.66 8.83 11.34
N LYS A 368 -4.88 9.72 12.30
CA LYS A 368 -6.22 9.96 12.82
C LYS A 368 -7.05 10.72 11.79
N ASP A 369 -8.31 10.98 12.15
CA ASP A 369 -9.22 11.68 11.25
C ASP A 369 -8.91 13.17 11.24
N ALA A 370 -9.10 13.78 10.06
CA ALA A 370 -8.95 15.22 9.89
C ALA A 370 -10.27 15.89 9.54
N THR A 371 -11.39 15.16 9.57
CA THR A 371 -12.70 15.75 9.38
C THR A 371 -12.97 16.78 10.46
N ASN A 372 -12.98 18.05 10.08
CA ASN A 372 -13.07 19.16 11.03
C ASN A 372 -14.20 20.10 10.61
N ARG A 373 -14.34 21.18 11.38
CA ARG A 373 -15.45 22.11 11.16
C ARG A 373 -15.35 22.79 9.80
N LEU A 374 -14.13 23.02 9.30
CA LEU A 374 -13.98 23.64 7.99
C LEU A 374 -14.53 22.74 6.89
N SER A 375 -14.58 21.42 7.11
CA SER A 375 -15.31 20.55 6.21
C SER A 375 -16.81 20.75 6.37
N TYR A 376 -17.28 20.97 7.60
CA TYR A 376 -18.70 21.18 7.85
C TYR A 376 -19.20 22.44 7.15
N LEU A 377 -18.40 23.50 7.16
CA LEU A 377 -18.80 24.74 6.50
C LEU A 377 -18.76 24.62 4.99
N PHE A 378 -17.97 23.69 4.44
CA PHE A 378 -17.91 23.53 2.99
C PHE A 378 -19.23 23.03 2.43
N LEU A 379 -19.69 21.87 2.91
CA LEU A 379 -20.99 21.38 2.46
C LEU A 379 -22.15 22.13 3.10
N ASP A 380 -21.89 22.91 4.15
CA ASP A 380 -22.86 23.90 4.59
C ASP A 380 -22.99 25.02 3.55
N ALA A 381 -21.90 25.32 2.85
CA ALA A 381 -21.95 26.34 1.81
C ALA A 381 -22.74 25.87 0.60
N ALA A 382 -22.60 24.59 0.24
CA ALA A 382 -23.36 24.02 -0.87
C ALA A 382 -24.87 24.13 -0.66
N THR A 383 -25.31 24.46 0.56
CA THR A 383 -26.73 24.67 0.82
C THR A 383 -27.20 26.04 0.32
N LYS A 384 -26.62 27.11 0.87
CA LYS A 384 -27.12 28.44 0.58
C LYS A 384 -26.77 28.90 -0.83
N VAL A 385 -25.69 28.41 -1.40
CA VAL A 385 -25.38 28.61 -2.81
C VAL A 385 -25.39 27.25 -3.49
N ARG A 386 -26.09 27.15 -4.61
CA ARG A 386 -26.34 25.87 -5.26
C ARG A 386 -25.61 25.77 -6.60
N THR A 387 -24.31 26.01 -6.59
CA THR A 387 -23.51 25.91 -7.81
C THR A 387 -23.10 24.45 -8.06
N PRO A 388 -23.07 24.00 -9.31
CA PRO A 388 -22.73 22.61 -9.61
C PRO A 388 -21.29 22.31 -10.01
N HIS A 389 -20.40 23.30 -10.13
CA HIS A 389 -19.05 22.97 -10.61
C HIS A 389 -18.13 22.51 -9.47
N PRO A 390 -17.92 23.30 -8.39
CA PRO A 390 -17.01 22.84 -7.33
C PRO A 390 -17.51 21.53 -6.72
N THR A 391 -16.83 20.43 -7.06
CA THR A 391 -17.40 19.10 -6.85
C THR A 391 -17.65 18.81 -5.37
N LEU A 392 -16.73 19.23 -4.50
CA LEU A 392 -16.86 19.00 -3.06
C LEU A 392 -17.00 17.51 -2.76
N SER A 393 -15.87 16.81 -2.64
CA SER A 393 -15.86 15.36 -2.49
C SER A 393 -15.41 14.97 -1.09
N VAL A 394 -16.06 13.96 -0.52
CA VAL A 394 -15.70 13.45 0.80
C VAL A 394 -14.84 12.21 0.62
N ARG A 395 -14.01 11.94 1.63
CA ARG A 395 -13.09 10.79 1.62
C ARG A 395 -13.36 9.95 2.86
N TRP A 396 -14.06 8.82 2.68
CA TRP A 396 -14.41 7.96 3.79
C TRP A 396 -13.21 7.14 4.24
N HIS A 397 -13.26 6.70 5.50
CA HIS A 397 -12.24 5.84 6.08
C HIS A 397 -12.74 5.27 7.40
N ALA A 398 -12.40 4.00 7.65
CA ALA A 398 -12.82 3.20 8.80
C ALA A 398 -13.31 4.01 10.00
N ASN A 399 -12.45 4.85 10.56
CA ASN A 399 -12.77 5.61 11.77
C ASN A 399 -13.14 7.05 11.47
N ILE A 400 -13.91 7.29 10.41
CA ILE A 400 -14.29 8.64 10.02
C ILE A 400 -15.31 9.20 11.01
N ASP A 401 -15.61 10.49 10.88
CA ASP A 401 -16.60 11.15 11.73
C ASP A 401 -17.99 10.79 11.20
N GLU A 402 -18.71 9.94 11.93
CA GLU A 402 -20.05 9.53 11.50
C GLU A 402 -21.03 10.69 11.45
N LYS A 403 -20.80 11.75 12.24
CA LYS A 403 -21.73 12.88 12.24
C LYS A 403 -21.61 13.70 10.96
N PHE A 404 -20.39 14.03 10.57
CA PHE A 404 -20.15 14.80 9.35
C PHE A 404 -20.08 13.92 8.11
N MET A 405 -20.48 12.65 8.21
CA MET A 405 -20.81 11.81 7.07
C MET A 405 -22.31 11.62 6.91
N ASP A 406 -23.04 11.48 8.01
CA ASP A 406 -24.49 11.61 7.96
C ASP A 406 -24.89 12.95 7.35
N ARG A 407 -24.31 14.04 7.87
CA ARG A 407 -24.56 15.37 7.32
C ARG A 407 -24.10 15.48 5.87
N ALA A 408 -23.20 14.61 5.44
CA ALA A 408 -22.82 14.57 4.02
C ALA A 408 -23.89 13.91 3.18
N LEU A 409 -24.64 12.96 3.76
CA LEU A 409 -25.67 12.25 3.02
C LEU A 409 -26.92 13.11 2.80
N GLU A 410 -27.11 14.14 3.61
CA GLU A 410 -28.19 15.09 3.34
C GLU A 410 -27.83 16.04 2.20
N VAL A 411 -26.54 16.29 2.00
CA VAL A 411 -26.11 17.20 0.94
C VAL A 411 -26.40 16.63 -0.44
N VAL A 412 -26.32 15.30 -0.59
CA VAL A 412 -26.78 14.66 -1.81
C VAL A 412 -28.25 14.27 -1.73
N ALA A 413 -28.85 14.29 -0.53
CA ALA A 413 -30.27 14.00 -0.42
C ALA A 413 -31.13 15.11 -1.02
N MET A 414 -30.66 16.36 -0.93
CA MET A 414 -31.32 17.46 -1.63
C MET A 414 -30.97 17.38 -3.12
N GLY A 415 -31.13 18.48 -3.84
CA GLY A 415 -30.73 18.49 -5.24
C GLY A 415 -29.24 18.27 -5.41
N MET A 416 -28.77 18.27 -6.66
CA MET A 416 -27.36 18.14 -7.05
C MET A 416 -26.75 16.82 -6.60
N GLY A 417 -26.18 16.07 -7.54
CA GLY A 417 -25.55 14.82 -7.21
C GLY A 417 -24.11 15.01 -6.80
N PHE A 418 -23.88 15.33 -5.52
CA PHE A 418 -22.58 15.86 -5.13
C PHE A 418 -21.72 14.90 -4.32
N PRO A 419 -21.60 15.08 -2.99
CA PRO A 419 -20.30 14.79 -2.33
C PRO A 419 -19.73 13.42 -2.65
N ALA A 420 -19.16 13.30 -3.85
CA ALA A 420 -18.64 12.05 -4.38
C ALA A 420 -17.73 11.37 -3.37
N PHE A 421 -18.29 10.44 -2.62
CA PHE A 421 -17.54 9.74 -1.58
C PHE A 421 -16.46 8.89 -2.22
N PHE A 422 -15.21 9.17 -1.86
CA PHE A 422 -14.09 8.32 -2.24
C PHE A 422 -13.70 7.45 -1.06
N GLY A 423 -13.42 6.18 -1.35
CA GLY A 423 -12.92 5.27 -0.34
C GLY A 423 -11.41 5.22 -0.38
N ASP A 424 -10.78 5.45 0.77
CA ASP A 424 -9.33 5.36 0.87
C ASP A 424 -8.89 3.90 0.79
N ASP A 425 -8.28 3.38 1.87
CA ASP A 425 -7.83 1.98 2.01
C ASP A 425 -7.39 1.32 0.71
N THR A 426 -8.28 1.27 -0.29
CA THR A 426 -7.92 0.72 -1.59
C THR A 426 -7.09 1.71 -2.40
N THR A 427 -7.47 2.99 -2.40
CA THR A 427 -6.68 3.98 -3.14
C THR A 427 -5.28 4.13 -2.56
N ILE A 428 -5.13 3.92 -1.25
CA ILE A 428 -3.81 4.01 -0.63
C ILE A 428 -2.88 2.93 -1.19
N GLN A 429 -3.40 1.70 -1.33
CA GLN A 429 -2.60 0.62 -1.88
C GLN A 429 -2.11 0.93 -3.29
N TYR A 430 -2.91 1.67 -4.06
CA TYR A 430 -2.50 2.04 -5.42
C TYR A 430 -1.38 3.07 -5.40
N LEU A 431 -1.48 4.06 -4.52
CA LEU A 431 -0.43 5.08 -4.43
C LEU A 431 0.84 4.51 -3.81
N LEU A 432 0.70 3.71 -2.75
CA LEU A 432 1.87 3.13 -2.10
C LEU A 432 2.66 2.23 -3.05
N GLU A 433 1.98 1.56 -3.97
CA GLU A 433 2.67 0.68 -4.90
C GLU A 433 3.20 1.43 -6.12
N ARG A 434 2.93 2.73 -6.22
CA ARG A 434 3.60 3.55 -7.22
C ARG A 434 4.99 3.98 -6.76
N GLY A 435 5.11 4.33 -5.48
CA GLY A 435 6.39 4.73 -4.93
C GLY A 435 6.28 5.80 -3.86
N TYR A 436 5.16 6.50 -3.83
CA TYR A 436 4.94 7.57 -2.85
C TYR A 436 5.05 7.02 -1.43
N THR A 437 5.52 7.86 -0.52
CA THR A 437 5.61 7.44 0.87
C THR A 437 4.21 7.45 1.50
N LEU A 438 4.09 6.73 2.63
CA LEU A 438 2.81 6.59 3.29
C LEU A 438 2.21 7.94 3.66
N GLU A 439 3.06 8.89 4.05
CA GLU A 439 2.57 10.24 4.31
C GLU A 439 2.08 10.90 3.03
N GLU A 440 2.81 10.73 1.93
CA GLU A 440 2.34 11.24 0.65
C GLU A 440 1.03 10.58 0.24
N ALA A 441 0.89 9.28 0.53
CA ALA A 441 -0.32 8.56 0.15
C ALA A 441 -1.51 8.96 1.02
N ARG A 442 -1.31 9.01 2.34
CA ARG A 442 -2.36 9.48 3.24
C ARG A 442 -2.83 10.87 2.84
N ASN A 443 -1.89 11.73 2.43
CA ASN A 443 -2.17 13.13 2.08
C ASN A 443 -2.71 13.29 0.66
N TYR A 444 -3.25 12.23 0.07
CA TYR A 444 -3.65 12.36 -1.33
C TYR A 444 -4.92 13.20 -1.43
N ALA A 445 -5.10 13.78 -2.62
CA ALA A 445 -6.37 14.39 -3.01
C ALA A 445 -6.78 13.80 -4.34
N ILE A 446 -7.75 14.40 -5.02
CA ILE A 446 -8.10 13.94 -6.35
C ILE A 446 -8.01 15.11 -7.31
N GLY A 447 -7.77 14.80 -8.58
CA GLY A 447 -7.71 15.80 -9.63
C GLY A 447 -8.68 15.50 -10.74
N GLY A 448 -9.58 16.44 -11.02
CA GLY A 448 -10.55 16.22 -12.08
C GLY A 448 -11.71 15.39 -11.58
N CYS A 449 -12.06 14.36 -12.36
CA CYS A 449 -13.20 13.50 -12.08
C CYS A 449 -12.94 12.59 -10.89
N VAL A 450 -12.22 11.49 -11.12
CA VAL A 450 -11.94 10.51 -10.08
C VAL A 450 -10.46 10.22 -9.93
N LEU A 451 -9.60 10.86 -10.72
CA LEU A 451 -8.15 10.64 -10.63
C LEU A 451 -7.63 11.01 -9.26
N HIS A 452 -7.20 10.00 -8.49
CA HIS A 452 -6.64 10.21 -7.17
C HIS A 452 -5.11 10.22 -7.25
N GLN A 453 -4.49 11.21 -6.61
CA GLN A 453 -3.06 11.39 -6.69
C GLN A 453 -2.63 12.37 -5.61
N VAL A 454 -1.35 12.32 -5.26
CA VAL A 454 -0.79 13.23 -4.26
C VAL A 454 -0.70 14.61 -4.90
N PRO A 455 -0.61 15.70 -4.11
CA PRO A 455 -0.54 17.03 -4.71
C PRO A 455 0.63 17.27 -5.66
N GLY A 456 1.69 17.88 -5.15
CA GLY A 456 2.77 18.34 -6.02
C GLY A 456 3.73 17.27 -6.48
N LYS A 457 3.27 16.33 -7.31
CA LYS A 457 4.16 15.31 -7.85
C LYS A 457 3.83 14.98 -9.30
N GLN A 458 2.58 14.64 -9.58
CA GLN A 458 2.18 14.37 -10.95
C GLN A 458 2.18 15.66 -11.77
N SER A 459 2.12 15.50 -13.10
CA SER A 459 2.53 16.58 -14.00
C SER A 459 1.66 16.62 -15.24
N SER A 460 0.53 17.34 -15.15
CA SER A 460 -0.30 17.70 -16.30
C SER A 460 -0.60 16.51 -17.21
N VAL A 461 -1.66 15.78 -16.92
CA VAL A 461 -1.87 14.50 -17.59
C VAL A 461 -2.32 14.72 -19.03
N TRP A 462 -2.01 13.74 -19.88
CA TRP A 462 -2.42 13.71 -21.28
C TRP A 462 -3.19 12.42 -21.52
N PRO A 463 -4.52 12.48 -21.59
CA PRO A 463 -5.33 11.26 -21.65
C PRO A 463 -5.59 10.76 -23.06
N ILE A 464 -6.16 9.57 -23.13
CA ILE A 464 -6.49 8.88 -24.38
C ILE A 464 -7.83 8.17 -24.19
N VAL A 465 -8.76 8.38 -25.11
CA VAL A 465 -10.06 7.73 -25.06
C VAL A 465 -10.08 6.64 -26.13
N GLN A 466 -10.59 5.48 -25.77
CA GLN A 466 -10.83 4.40 -26.73
C GLN A 466 -11.99 3.56 -26.23
N ASN A 467 -13.09 3.56 -26.98
CA ASN A 467 -14.27 2.79 -26.60
C ASN A 467 -13.98 1.32 -26.90
N TYR A 468 -13.65 0.57 -25.85
CA TYR A 468 -13.35 -0.84 -26.04
C TYR A 468 -14.57 -1.67 -26.41
N GLY A 469 -15.75 -1.05 -26.47
CA GLY A 469 -16.86 -1.65 -27.17
C GLY A 469 -16.82 -1.38 -28.65
N LYS A 470 -16.30 -0.21 -29.04
CA LYS A 470 -16.12 0.08 -30.46
C LYS A 470 -15.04 -0.80 -31.06
N MET A 471 -13.99 -1.11 -30.29
CA MET A 471 -13.01 -2.09 -30.73
C MET A 471 -13.68 -3.42 -31.03
N LEU A 472 -14.54 -3.88 -30.12
CA LEU A 472 -15.33 -5.09 -30.35
C LEU A 472 -16.09 -5.00 -31.67
N GLU A 473 -16.65 -3.83 -31.97
CA GLU A 473 -17.31 -3.63 -33.25
C GLU A 473 -16.34 -3.83 -34.40
N MET A 474 -15.10 -3.36 -34.25
CA MET A 474 -14.15 -3.40 -35.34
C MET A 474 -13.60 -4.80 -35.58
N THR A 475 -13.39 -5.58 -34.51
CA THR A 475 -12.87 -6.93 -34.69
C THR A 475 -13.98 -7.93 -35.01
N LEU A 476 -15.17 -7.75 -34.42
CA LEU A 476 -16.32 -8.54 -34.86
C LEU A 476 -16.61 -8.30 -36.33
N ASN A 477 -16.38 -7.08 -36.80
CA ASN A 477 -16.27 -6.81 -38.24
C ASN A 477 -14.94 -7.37 -38.72
N ASN A 478 -14.04 -6.49 -39.15
CA ASN A 478 -12.67 -6.88 -39.47
C ASN A 478 -11.81 -5.63 -39.66
N GLY A 479 -11.91 -4.68 -38.73
CA GLY A 479 -11.28 -3.39 -38.91
C GLY A 479 -11.96 -2.56 -39.97
N PHE A 480 -13.29 -2.55 -39.96
CA PHE A 480 -14.07 -1.88 -41.01
C PHE A 480 -14.69 -0.56 -40.56
N ASN A 481 -14.81 -0.32 -39.25
CA ASN A 481 -15.41 0.89 -38.71
C ASN A 481 -16.75 1.18 -39.38
N TRP A 482 -17.74 0.36 -38.99
CA TRP A 482 -19.05 0.35 -39.61
C TRP A 482 -19.60 1.75 -39.89
N TYR A 483 -19.53 2.64 -38.90
CA TYR A 483 -20.05 4.00 -39.08
C TYR A 483 -19.36 4.70 -40.25
N SER A 484 -18.07 4.46 -40.42
CA SER A 484 -17.31 5.12 -41.49
C SER A 484 -17.28 4.30 -42.78
N GLN A 485 -17.48 2.99 -42.71
CA GLN A 485 -17.42 2.09 -43.87
C GLN A 485 -16.10 2.25 -44.62
N GLU A 486 -15.00 2.07 -43.88
CA GLU A 486 -13.67 2.18 -44.46
C GLU A 486 -12.75 1.19 -43.76
N GLN A 487 -11.99 0.43 -44.54
CA GLN A 487 -11.01 -0.50 -43.98
C GLN A 487 -9.87 0.30 -43.33
N ILE A 488 -10.17 0.95 -42.21
CA ILE A 488 -9.19 1.79 -41.51
C ILE A 488 -8.40 1.00 -40.47
N GLY A 489 -8.76 -0.25 -40.21
CA GLY A 489 -8.09 -1.03 -39.19
C GLY A 489 -7.30 -2.20 -39.76
N PRO A 490 -6.80 -3.05 -38.87
CA PRO A 490 -6.04 -4.23 -39.33
C PRO A 490 -6.91 -5.46 -39.47
N LYS A 491 -6.84 -6.12 -40.64
CA LYS A 491 -7.59 -7.35 -40.90
C LYS A 491 -7.04 -8.45 -40.00
N THR A 492 -7.45 -8.41 -38.72
CA THR A 492 -6.91 -9.34 -37.75
C THR A 492 -7.43 -10.76 -37.98
N GLY A 493 -8.70 -10.89 -38.40
CA GLY A 493 -9.28 -12.19 -38.63
C GLY A 493 -10.74 -12.13 -39.03
N ASN A 494 -11.18 -13.11 -39.82
CA ASN A 494 -12.56 -13.17 -40.28
C ASN A 494 -13.43 -13.76 -39.17
N PHE A 495 -14.48 -13.04 -38.78
CA PHE A 495 -15.34 -13.51 -37.70
C PHE A 495 -16.05 -14.81 -38.08
N LEU A 496 -16.45 -14.94 -39.34
CA LEU A 496 -17.05 -16.18 -39.80
C LEU A 496 -16.05 -17.33 -39.92
N GLU A 497 -14.81 -17.12 -39.43
CA GLU A 497 -13.79 -18.16 -39.43
C GLU A 497 -13.03 -18.23 -38.10
N MET A 498 -13.65 -17.77 -37.00
CA MET A 498 -12.95 -17.71 -35.73
C MET A 498 -12.68 -19.09 -35.17
N LYS A 499 -13.65 -20.00 -35.26
CA LYS A 499 -13.59 -21.38 -34.79
C LYS A 499 -13.76 -21.50 -33.28
N THR A 500 -13.19 -20.59 -32.50
CA THR A 500 -13.27 -20.72 -31.05
C THR A 500 -13.11 -19.37 -30.37
N TYR A 501 -13.57 -19.31 -29.12
CA TYR A 501 -13.51 -18.08 -28.33
C TYR A 501 -12.07 -17.65 -28.06
N ASP A 502 -11.18 -18.61 -27.79
CA ASP A 502 -9.78 -18.28 -27.58
C ASP A 502 -9.13 -17.73 -28.83
N GLU A 503 -9.70 -18.00 -30.01
CA GLU A 503 -9.19 -17.38 -31.24
C GLU A 503 -9.70 -15.95 -31.39
N PHE A 504 -10.94 -15.69 -30.95
CA PHE A 504 -11.46 -14.33 -31.00
C PHE A 504 -10.65 -13.39 -30.09
N ILE A 505 -10.40 -13.82 -28.86
CA ILE A 505 -9.80 -12.92 -27.87
C ILE A 505 -8.36 -12.58 -28.22
N GLU A 506 -7.72 -13.36 -29.10
CA GLU A 506 -6.44 -12.93 -29.66
C GLU A 506 -6.63 -11.98 -30.82
N ALA A 507 -7.70 -12.17 -31.59
CA ALA A 507 -8.06 -11.19 -32.62
C ALA A 507 -8.61 -9.91 -32.01
N TYR A 508 -9.09 -9.96 -30.76
CA TYR A 508 -9.42 -8.74 -30.04
C TYR A 508 -8.19 -8.11 -29.42
N ARG A 509 -7.20 -8.93 -29.02
CA ARG A 509 -5.96 -8.38 -28.51
C ARG A 509 -5.12 -7.76 -29.62
N LYS A 510 -5.04 -8.44 -30.77
CA LYS A 510 -4.26 -7.90 -31.88
C LYS A 510 -4.86 -6.61 -32.41
N GLN A 511 -6.19 -6.46 -32.34
CA GLN A 511 -6.81 -5.21 -32.79
C GLN A 511 -6.66 -4.11 -31.76
N CYS A 512 -6.81 -4.44 -30.47
CA CYS A 512 -6.66 -3.42 -29.44
C CYS A 512 -5.23 -2.88 -29.39
N GLU A 513 -4.24 -3.77 -29.54
CA GLU A 513 -2.84 -3.33 -29.45
C GLU A 513 -2.47 -2.37 -30.57
N TYR A 514 -3.11 -2.50 -31.74
CA TYR A 514 -2.84 -1.56 -32.83
C TYR A 514 -3.20 -0.14 -32.42
N TRP A 515 -4.42 0.06 -31.94
CA TRP A 515 -4.85 1.37 -31.50
C TRP A 515 -4.18 1.79 -30.19
N ALA A 516 -3.24 1.00 -29.68
CA ALA A 516 -2.46 1.39 -28.50
C ALA A 516 -1.21 2.15 -28.96
N GLN A 517 -0.28 1.46 -29.62
CA GLN A 517 0.93 2.07 -30.12
C GLN A 517 0.69 3.05 -31.28
N ILE A 518 -0.58 3.31 -31.61
CA ILE A 518 -0.93 4.36 -32.56
C ILE A 518 -1.69 5.50 -31.90
N ALA A 519 -2.17 5.32 -30.67
CA ALA A 519 -2.79 6.40 -29.90
C ALA A 519 -1.82 7.02 -28.91
N ALA A 520 -1.13 6.20 -28.11
CA ALA A 520 -0.07 6.69 -27.24
C ALA A 520 0.97 7.45 -28.05
N ASN A 521 1.45 6.83 -29.13
CA ASN A 521 2.47 7.44 -29.98
C ASN A 521 2.09 8.83 -30.49
N SER A 522 0.81 9.19 -30.41
CA SER A 522 0.35 10.50 -30.86
C SER A 522 0.50 11.56 -29.77
N ASN A 523 -0.19 11.38 -28.65
CA ASN A 523 -0.15 12.38 -27.58
C ASN A 523 1.05 12.21 -26.66
N ARG A 524 1.81 11.12 -26.80
CA ARG A 524 3.11 11.04 -26.14
C ARG A 524 4.05 12.11 -26.67
N GLN A 525 4.28 12.11 -27.98
CA GLN A 525 5.11 13.11 -28.63
C GLN A 525 4.36 14.42 -28.87
N CYS A 526 3.13 14.55 -28.37
CA CYS A 526 2.44 15.82 -28.38
C CYS A 526 2.67 16.60 -27.09
N ARG A 527 2.72 15.89 -25.96
CA ARG A 527 3.17 16.51 -24.72
C ARG A 527 4.60 17.03 -24.87
N ILE A 528 5.46 16.24 -25.50
CA ILE A 528 6.82 16.69 -25.77
C ILE A 528 6.81 17.85 -26.76
N GLU A 529 5.96 17.77 -27.80
CA GLU A 529 5.92 18.83 -28.79
C GLU A 529 5.45 20.14 -28.20
N HIS A 530 4.60 20.10 -27.18
CA HIS A 530 4.08 21.31 -26.56
C HIS A 530 5.15 22.04 -25.76
N LEU A 531 6.41 21.84 -26.11
CA LEU A 531 7.51 22.62 -25.55
C LEU A 531 7.84 23.83 -26.42
N GLU A 532 7.39 23.84 -27.66
CA GLU A 532 7.47 25.01 -28.54
C GLU A 532 6.25 25.91 -28.40
N SER A 533 5.25 25.50 -27.64
CA SER A 533 4.02 26.27 -27.46
C SER A 533 3.24 25.70 -26.29
N PHE A 534 2.70 26.59 -25.48
CA PHE A 534 1.80 26.24 -24.39
C PHE A 534 2.37 25.24 -23.38
N PRO A 535 3.53 25.49 -22.78
CA PRO A 535 3.89 24.76 -21.56
C PRO A 535 3.25 25.42 -20.35
N ASP A 536 3.24 24.68 -19.24
CA ASP A 536 2.67 25.16 -17.98
C ASP A 536 3.83 25.52 -17.06
N ILE A 537 4.26 26.79 -17.13
CA ILE A 537 5.37 27.26 -16.32
C ILE A 537 4.90 27.59 -14.90
N ALA A 538 3.79 28.32 -14.79
CA ALA A 538 3.28 28.71 -13.47
C ALA A 538 2.87 27.51 -12.65
N MET A 539 2.33 26.47 -13.29
CA MET A 539 1.93 25.28 -12.57
C MET A 539 3.13 24.54 -11.98
N SER A 540 4.33 24.78 -12.52
CA SER A 540 5.54 24.13 -11.98
C SER A 540 5.94 24.70 -10.62
N CYS A 541 5.40 25.86 -10.24
CA CYS A 541 5.56 26.35 -8.87
C CYS A 541 5.01 25.38 -7.84
N PHE A 542 4.21 24.41 -8.26
CA PHE A 542 3.50 23.55 -7.32
C PHE A 542 3.66 22.09 -7.70
N VAL A 543 4.79 21.74 -8.30
CA VAL A 543 5.17 20.36 -8.57
C VAL A 543 6.57 20.16 -8.00
N ASP A 544 6.77 19.06 -7.27
CA ASP A 544 8.03 18.84 -6.60
C ASP A 544 9.14 18.56 -7.60
N ASP A 545 10.37 18.93 -7.23
CA ASP A 545 11.57 18.74 -8.03
C ASP A 545 11.56 19.56 -9.32
N CYS A 546 10.40 20.10 -9.70
CA CYS A 546 10.34 21.01 -10.84
C CYS A 546 11.29 22.18 -10.64
N ILE A 547 11.24 22.80 -9.47
CA ILE A 547 12.15 23.91 -9.17
C ILE A 547 13.58 23.43 -9.11
N ASP A 548 13.81 22.21 -8.62
CA ASP A 548 15.16 21.75 -8.35
C ASP A 548 15.90 21.38 -9.64
N ARG A 549 15.32 20.48 -10.45
CA ARG A 549 15.94 20.20 -11.74
C ARG A 549 15.70 21.31 -12.76
N GLY A 550 14.90 22.31 -12.42
CA GLY A 550 14.71 23.45 -13.30
C GLY A 550 14.01 23.14 -14.61
N LYS A 551 13.10 22.17 -14.61
CA LYS A 551 12.36 21.80 -15.80
C LYS A 551 10.87 21.73 -15.48
N VAL A 552 10.05 22.11 -16.45
CA VAL A 552 8.61 22.17 -16.24
C VAL A 552 8.07 20.77 -15.99
N CYS A 553 6.86 20.72 -15.43
CA CYS A 553 6.24 19.44 -15.11
C CYS A 553 5.85 18.67 -16.36
N SER A 554 5.36 19.37 -17.39
CA SER A 554 4.95 18.70 -18.62
C SER A 554 6.11 17.93 -19.24
N LEU A 555 7.27 18.58 -19.39
CA LEU A 555 8.40 18.02 -20.11
C LEU A 555 9.63 18.00 -19.19
N GLY A 556 9.75 16.93 -18.40
CA GLY A 556 10.96 16.70 -17.65
C GLY A 556 10.84 16.74 -16.14
N GLY A 557 10.90 17.95 -15.57
CA GLY A 557 11.05 18.13 -14.13
C GLY A 557 9.95 17.58 -13.25
N ALA A 558 9.19 16.61 -13.73
CA ALA A 558 8.20 15.95 -12.90
C ALA A 558 8.89 15.11 -11.83
N ALA A 559 8.42 15.23 -10.59
CA ALA A 559 8.96 14.39 -9.53
C ALA A 559 8.56 12.95 -9.72
N HIS A 560 7.35 12.70 -10.21
CA HIS A 560 6.84 11.37 -10.46
C HIS A 560 6.16 11.36 -11.82
N ASN A 561 6.83 10.79 -12.83
CA ASN A 561 6.21 10.59 -14.13
C ASN A 561 5.36 9.32 -14.11
N ASP A 562 4.81 8.99 -12.95
CA ASP A 562 3.96 7.81 -12.79
C ASP A 562 2.57 8.08 -13.35
N ASN A 563 1.60 8.26 -12.45
CA ASN A 563 0.23 8.53 -12.86
C ASN A 563 0.12 9.87 -13.58
N THR A 564 0.74 9.97 -14.75
CA THR A 564 0.74 11.19 -15.54
C THR A 564 0.18 11.02 -16.94
N GLN A 565 0.08 9.79 -17.44
CA GLN A 565 -0.61 9.51 -18.70
C GLN A 565 -1.40 8.23 -18.53
N TYR A 566 -2.55 8.16 -19.17
CA TYR A 566 -3.48 7.05 -18.88
C TYR A 566 -4.40 6.85 -20.08
N ILE A 567 -5.36 5.95 -19.91
CA ILE A 567 -6.37 5.62 -20.91
C ILE A 567 -7.72 5.59 -20.19
N VAL A 568 -8.76 5.95 -20.92
CA VAL A 568 -10.12 5.81 -20.38
C VAL A 568 -10.93 4.87 -21.28
N PRO A 569 -11.29 3.69 -20.78
CA PRO A 569 -12.07 2.74 -21.58
C PRO A 569 -13.57 2.95 -21.53
N VAL A 570 -14.04 3.94 -20.76
CA VAL A 570 -15.44 4.25 -20.50
C VAL A 570 -16.34 3.02 -20.50
N GLY A 571 -16.64 2.48 -21.69
CA GLY A 571 -17.61 1.42 -21.81
C GLY A 571 -17.04 0.03 -21.89
N VAL A 572 -16.50 -0.48 -20.78
CA VAL A 572 -16.03 -1.86 -20.71
C VAL A 572 -17.03 -2.80 -20.07
N GLN A 573 -18.11 -2.28 -19.47
CA GLN A 573 -19.22 -3.14 -19.09
C GLN A 573 -19.81 -3.80 -20.32
N ASP A 574 -20.09 -2.99 -21.35
CA ASP A 574 -20.57 -3.53 -22.62
C ASP A 574 -19.60 -4.52 -23.24
N LEU A 575 -18.32 -4.44 -22.88
CA LEU A 575 -17.38 -5.47 -23.29
C LEU A 575 -17.70 -6.80 -22.62
N GLY A 576 -17.85 -6.78 -21.30
CA GLY A 576 -18.15 -8.01 -20.58
C GLY A 576 -19.52 -8.57 -20.92
N ASN A 577 -20.52 -7.70 -21.06
CA ASN A 577 -21.86 -8.16 -21.44
C ASN A 577 -21.84 -8.84 -22.81
N ASN A 578 -21.09 -8.28 -23.76
CA ASN A 578 -20.96 -8.91 -25.07
C ASN A 578 -20.02 -10.10 -25.05
N LEU A 579 -18.89 -9.98 -24.33
CA LEU A 579 -17.99 -11.12 -24.18
C LEU A 579 -18.72 -12.33 -23.64
N TYR A 580 -19.67 -12.11 -22.73
CA TYR A 580 -20.50 -13.20 -22.25
C TYR A 580 -21.28 -13.84 -23.38
N VAL A 581 -21.92 -13.02 -24.22
CA VAL A 581 -22.62 -13.54 -25.40
C VAL A 581 -21.65 -14.28 -26.30
N LEU A 582 -20.43 -13.75 -26.45
CA LEU A 582 -19.41 -14.46 -27.21
C LEU A 582 -19.01 -15.76 -26.52
N LYS A 583 -18.68 -15.68 -25.23
CA LYS A 583 -18.27 -16.88 -24.50
C LYS A 583 -19.43 -17.85 -24.34
N ASN A 584 -20.57 -17.37 -23.86
CA ASN A 584 -21.74 -18.20 -23.60
C ASN A 584 -22.82 -17.92 -24.64
N GLN A 585 -23.31 -18.98 -25.28
CA GLN A 585 -24.49 -18.99 -26.16
C GLN A 585 -24.21 -18.49 -27.57
N ILE A 586 -22.96 -18.55 -28.05
CA ILE A 586 -22.67 -18.42 -29.47
C ILE A 586 -21.78 -19.58 -29.87
N PHE A 587 -20.54 -19.57 -29.39
CA PHE A 587 -19.70 -20.76 -29.49
C PHE A 587 -20.21 -21.82 -28.53
N VAL A 588 -20.29 -23.06 -29.02
CA VAL A 588 -20.90 -24.19 -28.32
C VAL A 588 -22.40 -23.91 -28.14
N ASP A 589 -23.23 -24.74 -28.76
CA ASP A 589 -24.68 -24.59 -28.79
C ASP A 589 -25.09 -23.32 -29.52
N ASN A 590 -26.38 -23.19 -29.81
CA ASN A 590 -26.94 -22.08 -30.60
C ASN A 590 -26.22 -21.90 -31.92
N PRO A 591 -26.37 -22.83 -32.87
CA PRO A 591 -25.92 -22.55 -34.25
C PRO A 591 -26.95 -21.81 -35.09
N ILE A 592 -28.19 -21.69 -34.59
CA ILE A 592 -29.18 -20.86 -35.29
C ILE A 592 -28.75 -19.41 -35.27
N CYS A 593 -28.37 -18.91 -34.09
CA CYS A 593 -27.73 -17.59 -33.99
C CYS A 593 -26.27 -17.70 -34.40
N SER A 594 -26.06 -18.12 -35.64
CA SER A 594 -24.73 -18.34 -36.17
C SER A 594 -23.97 -17.01 -36.26
N LYS A 595 -22.66 -17.13 -36.49
CA LYS A 595 -21.84 -15.94 -36.72
C LYS A 595 -22.35 -15.14 -37.91
N GLU A 596 -22.99 -15.81 -38.87
CA GLU A 596 -23.59 -15.11 -39.99
C GLU A 596 -24.89 -14.41 -39.60
N THR A 597 -25.77 -15.11 -38.88
CA THR A 597 -27.03 -14.50 -38.46
C THR A 597 -26.80 -13.38 -37.45
N LEU A 598 -25.69 -13.43 -36.70
CA LEU A 598 -25.41 -12.38 -35.73
C LEU A 598 -24.94 -11.10 -36.41
N LEU A 599 -23.80 -11.16 -37.11
CA LEU A 599 -23.19 -9.96 -37.66
C LEU A 599 -24.14 -9.20 -38.57
N ASP A 600 -25.00 -9.92 -39.30
CA ASP A 600 -25.97 -9.23 -40.17
C ASP A 600 -27.09 -8.61 -39.35
N ALA A 601 -27.48 -9.24 -38.24
CA ALA A 601 -28.52 -8.66 -37.39
C ALA A 601 -28.09 -7.31 -36.84
N ILE A 602 -26.83 -7.20 -36.41
CA ILE A 602 -26.33 -5.91 -35.93
C ILE A 602 -25.96 -5.02 -37.10
N HIS A 603 -25.56 -5.60 -38.25
CA HIS A 603 -25.35 -4.80 -39.45
C HIS A 603 -26.59 -3.99 -39.79
N LYS A 604 -27.76 -4.62 -39.72
CA LYS A 604 -29.04 -3.95 -39.94
C LYS A 604 -29.69 -3.52 -38.63
N ASN A 605 -28.98 -3.64 -37.51
CA ASN A 605 -29.45 -3.18 -36.20
C ASN A 605 -30.78 -3.82 -35.82
N TRP A 606 -30.75 -5.15 -35.73
CA TRP A 606 -31.88 -5.96 -35.26
C TRP A 606 -33.12 -5.84 -36.13
N GLU A 607 -33.11 -4.97 -37.13
CA GLU A 607 -34.24 -4.85 -38.03
C GLU A 607 -34.44 -6.16 -38.78
N GLY A 608 -35.59 -6.80 -38.56
CA GLY A 608 -35.82 -8.15 -39.02
C GLY A 608 -35.36 -9.22 -38.05
N TYR A 609 -34.69 -8.83 -36.96
CA TYR A 609 -34.29 -9.74 -35.91
C TYR A 609 -34.74 -9.23 -34.54
N GLU A 610 -35.74 -8.35 -34.51
CA GLU A 610 -36.18 -7.74 -33.25
C GLU A 610 -36.56 -8.79 -32.21
N ASP A 611 -36.85 -10.02 -32.65
CA ASP A 611 -37.08 -11.11 -31.71
C ASP A 611 -35.80 -11.50 -30.97
N LEU A 612 -34.65 -11.38 -31.64
CA LEU A 612 -33.40 -11.87 -31.06
C LEU A 612 -32.86 -10.92 -30.00
N GLN A 613 -32.83 -9.62 -30.30
CA GLN A 613 -32.25 -8.65 -29.36
C GLN A 613 -32.92 -8.73 -28.00
N ALA A 614 -34.22 -8.99 -27.97
CA ALA A 614 -34.92 -9.14 -26.70
C ALA A 614 -34.36 -10.31 -25.89
N LYS A 615 -33.88 -11.35 -26.56
CA LYS A 615 -33.26 -12.47 -25.85
C LYS A 615 -31.88 -12.10 -25.34
N MET A 616 -31.08 -11.39 -26.16
CA MET A 616 -29.77 -10.95 -25.72
C MET A 616 -29.87 -9.88 -24.63
N ILE A 617 -30.83 -8.96 -24.76
CA ILE A 617 -31.08 -7.97 -23.72
C ILE A 617 -31.60 -8.61 -22.45
N ALA A 618 -32.06 -9.86 -22.52
CA ALA A 618 -32.45 -10.63 -21.34
C ALA A 618 -31.35 -11.54 -20.82
N MET A 619 -30.27 -11.70 -21.58
CA MET A 619 -29.16 -12.53 -21.13
C MET A 619 -28.48 -11.87 -19.93
N PRO A 620 -27.74 -12.65 -19.14
CA PRO A 620 -27.08 -12.09 -17.95
C PRO A 620 -26.24 -10.86 -18.28
N LYS A 621 -26.54 -9.76 -17.59
CA LYS A 621 -25.88 -8.48 -17.82
C LYS A 621 -25.28 -7.97 -16.53
N PHE A 622 -24.18 -7.22 -16.67
CA PHE A 622 -23.51 -6.62 -15.52
C PHE A 622 -24.47 -5.68 -14.78
N GLY A 623 -24.27 -5.57 -13.47
CA GLY A 623 -25.03 -4.66 -12.64
C GLY A 623 -25.90 -5.34 -11.61
N ASN A 624 -26.30 -6.58 -11.85
CA ASN A 624 -27.11 -7.31 -10.89
C ASN A 624 -26.20 -7.98 -9.86
N ASP A 625 -26.04 -9.30 -9.95
CA ASP A 625 -25.14 -10.02 -9.07
C ASP A 625 -24.82 -11.37 -9.70
N ILE A 626 -24.46 -11.37 -10.98
CA ILE A 626 -24.19 -12.60 -11.71
C ILE A 626 -22.69 -12.77 -11.88
N PRO A 627 -22.04 -13.63 -11.08
CA PRO A 627 -20.60 -13.83 -11.25
C PRO A 627 -20.21 -14.30 -12.63
N GLU A 628 -21.09 -15.02 -13.32
CA GLU A 628 -20.80 -15.46 -14.68
C GLU A 628 -20.81 -14.29 -15.66
N VAL A 629 -21.38 -13.15 -15.28
CA VAL A 629 -21.38 -11.98 -16.14
C VAL A 629 -20.68 -10.78 -15.52
N ASP A 630 -20.52 -10.73 -14.19
CA ASP A 630 -19.81 -9.65 -13.53
C ASP A 630 -18.31 -9.90 -13.41
N GLU A 631 -17.85 -11.11 -13.73
CA GLU A 631 -16.42 -11.41 -13.70
C GLU A 631 -15.73 -11.14 -15.02
N LEU A 632 -16.48 -11.08 -16.12
CA LEU A 632 -15.87 -10.80 -17.42
C LEU A 632 -15.48 -9.33 -17.54
N VAL A 633 -16.17 -8.44 -16.82
CA VAL A 633 -15.74 -7.05 -16.79
C VAL A 633 -14.51 -6.87 -15.89
N ASN A 634 -14.31 -7.77 -14.92
CA ASN A 634 -13.06 -7.76 -14.16
C ASN A 634 -11.91 -8.23 -15.02
N TRP A 635 -12.07 -9.39 -15.67
CA TRP A 635 -11.08 -9.84 -16.65
C TRP A 635 -10.92 -8.82 -17.77
N GLY A 636 -11.97 -8.05 -18.06
CA GLY A 636 -11.89 -6.99 -19.03
C GLY A 636 -10.83 -5.96 -18.70
N TYR A 637 -10.89 -5.39 -17.49
CA TYR A 637 -9.83 -4.49 -17.05
C TYR A 637 -8.50 -5.21 -16.97
N LYS A 638 -8.52 -6.47 -16.53
CA LYS A 638 -7.29 -7.27 -16.49
C LYS A 638 -6.77 -7.58 -17.88
N PHE A 639 -7.60 -7.41 -18.91
CA PHE A 639 -7.12 -7.51 -20.29
C PHE A 639 -6.49 -6.20 -20.74
N ILE A 640 -7.04 -5.07 -20.29
CA ILE A 640 -6.49 -3.78 -20.63
C ILE A 640 -5.26 -3.47 -19.80
N GLU A 641 -5.28 -3.82 -18.52
CA GLU A 641 -4.14 -3.58 -17.64
C GLU A 641 -2.91 -4.37 -18.03
N ASP A 642 -3.05 -5.39 -18.89
CA ASP A 642 -1.90 -6.16 -19.30
C ASP A 642 -1.13 -5.49 -20.43
N ILE A 643 -1.84 -4.95 -21.42
CA ILE A 643 -1.17 -4.38 -22.59
C ILE A 643 -0.61 -3.00 -22.28
N TRP A 644 -1.40 -2.14 -21.64
CA TRP A 644 -0.97 -0.76 -21.45
C TRP A 644 0.07 -0.61 -20.36
N PHE A 645 0.02 -1.43 -19.31
CA PHE A 645 0.99 -1.31 -18.23
C PHE A 645 2.40 -1.70 -18.68
N LYS A 646 2.53 -2.46 -19.76
CA LYS A 646 3.83 -2.75 -20.35
C LYS A 646 4.16 -1.81 -21.50
N ILE A 647 3.53 -0.64 -21.55
CA ILE A 647 3.77 0.38 -22.57
C ILE A 647 4.43 1.57 -21.87
N PRO A 648 5.63 1.98 -22.27
CA PRO A 648 6.28 3.11 -21.61
C PRO A 648 5.55 4.41 -21.89
N SER A 649 5.80 5.40 -21.04
CA SER A 649 5.04 6.65 -21.06
C SER A 649 5.95 7.84 -20.83
N ALA A 650 5.59 8.96 -21.47
CA ALA A 650 6.18 10.27 -21.23
C ALA A 650 7.69 10.22 -21.07
N TYR A 651 8.16 10.23 -19.83
CA TYR A 651 9.58 10.19 -19.53
C TYR A 651 9.94 8.96 -18.70
N GLY A 652 8.96 8.14 -18.33
CA GLY A 652 9.21 6.95 -17.57
C GLY A 652 7.91 6.32 -17.13
N SER A 653 8.03 5.27 -16.33
CA SER A 653 6.88 4.52 -15.81
C SER A 653 6.06 4.01 -17.01
N HIS A 654 4.75 3.88 -16.84
CA HIS A 654 3.89 3.32 -17.88
C HIS A 654 2.57 4.05 -17.91
N PHE A 655 1.78 3.77 -18.94
CA PHE A 655 0.42 4.27 -19.00
C PHE A 655 -0.42 3.63 -17.91
N GLU A 656 -1.40 4.38 -17.42
CA GLU A 656 -2.32 3.89 -16.41
C GLU A 656 -3.60 3.42 -17.09
N VAL A 657 -4.62 3.14 -16.30
CA VAL A 657 -5.96 2.83 -16.80
C VAL A 657 -6.94 3.56 -15.91
N ALA A 658 -7.53 4.65 -16.42
CA ALA A 658 -8.48 5.45 -15.67
C ALA A 658 -9.88 5.17 -16.18
N PRO A 659 -10.65 4.30 -15.52
CA PRO A 659 -11.95 3.89 -16.06
C PRO A 659 -13.02 4.97 -16.00
N HIS A 660 -12.65 6.21 -15.66
CA HIS A 660 -13.62 7.28 -15.47
C HIS A 660 -14.36 7.65 -16.76
N SER A 661 -15.05 8.78 -16.73
CA SER A 661 -15.60 9.37 -17.95
C SER A 661 -16.03 10.79 -17.61
N ILE A 662 -16.37 11.54 -18.65
CA ILE A 662 -16.62 12.97 -18.58
C ILE A 662 -17.78 13.30 -19.51
N GLY A 663 -17.93 12.50 -20.55
CA GLY A 663 -18.96 12.69 -21.54
C GLY A 663 -18.57 12.00 -22.83
N PHE A 664 -17.53 11.17 -22.75
CA PHE A 664 -17.00 10.48 -23.92
C PHE A 664 -17.78 9.22 -24.27
N HIS A 665 -18.77 8.82 -23.46
CA HIS A 665 -19.61 7.70 -23.86
C HIS A 665 -20.55 8.09 -24.99
N ALA A 666 -21.03 9.33 -24.98
CA ALA A 666 -21.96 9.82 -25.99
C ALA A 666 -21.26 10.04 -27.32
N GLY A 667 -20.33 10.98 -27.36
CA GLY A 667 -19.64 11.30 -28.60
C GLY A 667 -18.92 10.13 -29.23
N THR A 668 -18.66 9.07 -28.47
CA THR A 668 -18.06 7.85 -28.99
C THR A 668 -19.08 6.77 -29.26
N GLY A 669 -20.08 6.63 -28.39
CA GLY A 669 -21.10 5.61 -28.60
C GLY A 669 -22.02 5.95 -29.75
N ALA A 670 -22.35 7.24 -29.92
CA ALA A 670 -23.16 7.66 -31.05
C ALA A 670 -22.51 7.31 -32.39
N LYS A 671 -21.19 7.17 -32.42
CA LYS A 671 -20.48 6.72 -33.61
C LYS A 671 -20.05 5.26 -33.50
N CYS A 672 -20.47 4.56 -32.44
CA CYS A 672 -20.20 3.14 -32.26
C CYS A 672 -21.48 2.37 -32.58
N SER A 673 -21.50 1.72 -33.75
CA SER A 673 -22.72 1.17 -34.32
C SER A 673 -22.94 -0.26 -33.82
N ALA A 674 -23.94 -0.45 -32.97
CA ALA A 674 -24.51 -1.75 -32.62
C ALA A 674 -23.56 -2.65 -31.82
N LEU A 675 -24.14 -3.44 -30.92
CA LEU A 675 -23.40 -4.39 -30.10
C LEU A 675 -24.25 -5.64 -29.92
N PRO A 676 -23.63 -6.80 -29.71
CA PRO A 676 -24.41 -8.04 -29.60
C PRO A 676 -25.36 -8.09 -28.39
N ASP A 677 -25.02 -7.44 -27.28
CA ASP A 677 -25.85 -7.54 -26.08
C ASP A 677 -27.17 -6.77 -26.23
N GLY A 678 -27.90 -7.01 -27.32
CA GLY A 678 -29.16 -6.35 -27.56
C GLY A 678 -29.09 -4.85 -27.72
N ARG A 679 -27.89 -4.28 -27.83
CA ARG A 679 -27.75 -2.84 -27.96
C ARG A 679 -28.33 -2.34 -29.28
N VAL A 680 -28.66 -1.05 -29.31
CA VAL A 680 -29.07 -0.40 -30.55
C VAL A 680 -27.84 0.19 -31.20
N ALA A 681 -28.00 0.73 -32.42
CA ALA A 681 -26.86 1.20 -33.20
C ALA A 681 -26.17 2.39 -32.56
N TRP A 682 -26.71 3.59 -32.77
CA TRP A 682 -26.02 4.82 -32.38
C TRP A 682 -26.55 5.33 -31.04
N THR A 683 -26.11 4.64 -29.98
CA THR A 683 -26.41 5.05 -28.62
C THR A 683 -25.12 5.06 -27.81
N ALA A 684 -25.20 5.67 -26.62
CA ALA A 684 -24.03 5.83 -25.78
C ALA A 684 -23.46 4.49 -25.36
N MET A 685 -22.23 4.51 -24.85
CA MET A 685 -21.58 3.32 -24.33
C MET A 685 -22.18 2.93 -22.98
N SER A 686 -21.45 3.21 -21.90
CA SER A 686 -21.92 3.00 -20.55
C SER A 686 -21.59 4.21 -19.69
N ASP A 687 -22.25 4.31 -18.54
CA ASP A 687 -22.08 5.44 -17.64
C ASP A 687 -20.78 5.37 -16.84
N GLY A 688 -19.68 4.99 -17.48
CA GLY A 688 -18.37 5.08 -16.86
C GLY A 688 -17.98 3.94 -15.93
N ALA A 689 -16.78 3.39 -16.16
CA ALA A 689 -16.13 2.46 -15.25
C ALA A 689 -16.95 1.23 -14.91
N VAL A 690 -17.50 1.19 -13.69
CA VAL A 690 -18.18 0.02 -13.17
C VAL A 690 -19.65 0.29 -12.87
N SER A 691 -20.17 1.40 -13.38
CA SER A 691 -21.60 1.66 -13.24
C SER A 691 -22.40 0.73 -14.13
N PRO A 692 -23.52 0.20 -13.65
CA PRO A 692 -24.35 -0.67 -14.49
C PRO A 692 -24.80 0.07 -15.75
N ARG A 693 -24.82 -0.66 -16.87
CA ARG A 693 -25.02 -0.12 -18.20
C ARG A 693 -26.17 0.89 -18.27
N GLN A 694 -27.40 0.39 -18.44
CA GLN A 694 -28.57 1.26 -18.49
C GLN A 694 -29.83 0.41 -18.43
N GLY A 695 -30.58 0.48 -17.33
CA GLY A 695 -31.72 -0.39 -17.14
C GLY A 695 -31.39 -1.86 -17.04
N THR A 696 -30.11 -2.21 -16.87
CA THR A 696 -29.71 -3.61 -16.75
C THR A 696 -29.85 -4.14 -15.33
N ASP A 697 -30.00 -3.26 -14.33
CA ASP A 697 -30.11 -3.68 -12.94
C ASP A 697 -31.56 -3.96 -12.62
N THR A 698 -32.00 -5.18 -12.88
CA THR A 698 -33.30 -5.66 -12.43
C THR A 698 -33.30 -5.98 -10.95
N ASN A 699 -32.23 -5.64 -10.23
CA ASN A 699 -32.08 -5.92 -8.81
C ASN A 699 -31.72 -4.61 -8.09
N GLY A 700 -31.83 -4.65 -6.77
CA GLY A 700 -31.74 -3.46 -5.96
C GLY A 700 -30.37 -2.79 -5.95
N PRO A 701 -30.22 -1.76 -5.12
CA PRO A 701 -28.94 -1.03 -5.10
C PRO A 701 -27.80 -1.84 -4.50
N ALA A 702 -28.08 -2.68 -3.50
CA ALA A 702 -27.03 -3.49 -2.90
C ALA A 702 -26.37 -4.41 -3.93
N ALA A 703 -27.17 -4.90 -4.88
CA ALA A 703 -26.61 -5.73 -5.95
C ALA A 703 -25.75 -4.91 -6.89
N VAL A 704 -26.20 -3.69 -7.22
CA VAL A 704 -25.46 -2.85 -8.16
C VAL A 704 -24.08 -2.49 -7.65
N MET A 705 -23.87 -2.52 -6.34
CA MET A 705 -22.55 -2.30 -5.77
C MET A 705 -21.81 -3.60 -5.47
N CYS A 706 -22.54 -4.65 -5.07
CA CYS A 706 -21.91 -5.97 -4.91
C CYS A 706 -21.33 -6.44 -6.24
N SER A 707 -22.04 -6.20 -7.33
CA SER A 707 -21.48 -6.46 -8.66
C SER A 707 -20.24 -5.63 -8.90
N ALA A 708 -20.38 -4.30 -8.81
CA ALA A 708 -19.25 -3.40 -9.00
C ALA A 708 -18.13 -3.63 -8.01
N GLY A 709 -18.37 -4.38 -6.93
CA GLY A 709 -17.31 -4.76 -6.03
C GLY A 709 -16.46 -5.90 -6.51
N CYS A 710 -16.98 -6.73 -7.42
CA CYS A 710 -16.26 -7.89 -7.94
C CYS A 710 -15.22 -7.48 -8.98
N VAL A 711 -14.63 -6.30 -8.80
CA VAL A 711 -13.59 -5.79 -9.67
C VAL A 711 -12.35 -5.53 -8.84
N ASP A 712 -11.24 -6.16 -9.22
CA ASP A 712 -9.97 -5.92 -8.54
C ASP A 712 -9.49 -4.50 -8.84
N GLN A 713 -10.21 -3.51 -8.32
CA GLN A 713 -9.96 -2.11 -8.66
C GLN A 713 -8.86 -1.48 -7.82
N VAL A 714 -7.77 -2.20 -7.57
CA VAL A 714 -6.65 -1.60 -6.86
C VAL A 714 -5.74 -0.85 -7.83
N ASP A 715 -5.48 -1.44 -9.00
CA ASP A 715 -4.61 -0.83 -10.00
C ASP A 715 -5.38 -0.09 -11.09
N LEU A 716 -6.57 0.42 -10.75
CA LEU A 716 -7.39 1.16 -11.70
C LEU A 716 -7.37 2.62 -11.29
N PHE A 717 -6.77 3.47 -12.13
CA PHE A 717 -6.61 4.89 -11.82
C PHE A 717 -7.96 5.57 -11.66
N GLY A 718 -8.62 5.34 -10.53
CA GLY A 718 -9.89 5.96 -10.22
C GLY A 718 -11.05 5.41 -11.03
N VAL A 719 -12.06 4.89 -10.34
CA VAL A 719 -13.24 4.31 -10.97
C VAL A 719 -14.40 5.30 -10.82
N LEU A 720 -15.10 5.57 -11.91
CA LEU A 720 -16.26 6.45 -11.90
C LEU A 720 -17.51 5.60 -11.73
N PHE A 721 -18.04 5.57 -10.51
CA PHE A 721 -19.22 4.77 -10.17
C PHE A 721 -20.32 5.69 -9.66
N ASN A 722 -21.34 5.90 -10.49
CA ASN A 722 -22.49 6.70 -10.09
C ASN A 722 -23.78 5.91 -10.31
N MET A 723 -24.78 6.22 -9.51
CA MET A 723 -26.09 5.59 -9.61
C MET A 723 -27.13 6.53 -9.02
N ARG A 724 -28.38 6.32 -9.42
CA ARG A 724 -29.47 7.24 -9.12
C ARG A 724 -30.41 6.64 -8.09
N PHE A 725 -30.74 7.42 -7.06
CA PHE A 725 -31.73 7.06 -6.06
C PHE A 725 -32.96 7.94 -6.20
N THR A 726 -34.03 7.55 -5.53
CA THR A 726 -35.22 8.40 -5.52
C THR A 726 -35.30 9.19 -4.23
N PRO A 727 -35.70 10.46 -4.29
CA PRO A 727 -35.60 11.33 -3.11
C PRO A 727 -36.36 10.85 -1.88
N GLN A 728 -37.33 9.95 -2.04
CA GLN A 728 -38.01 9.39 -0.87
C GLN A 728 -37.07 8.53 -0.04
N SER A 729 -36.01 7.98 -0.65
CA SER A 729 -35.12 7.08 0.06
C SER A 729 -34.06 7.84 0.85
N LEU A 730 -33.45 8.85 0.23
CA LEU A 730 -32.32 9.55 0.85
C LEU A 730 -32.73 10.69 1.77
N ALA A 731 -33.93 11.24 1.60
CA ALA A 731 -34.39 12.36 2.42
C ALA A 731 -35.08 11.91 3.71
N ASP A 732 -34.68 10.76 4.25
CA ASP A 732 -35.21 10.26 5.51
C ASP A 732 -34.06 9.64 6.30
N LYS A 733 -34.38 9.04 7.44
CA LYS A 733 -33.37 8.32 8.20
C LYS A 733 -32.82 7.13 7.40
N SER A 734 -33.63 6.58 6.49
CA SER A 734 -33.17 5.48 5.64
C SER A 734 -31.96 5.89 4.80
N GLY A 735 -31.90 7.15 4.40
CA GLY A 735 -30.73 7.61 3.65
C GLY A 735 -29.46 7.56 4.47
N ARG A 736 -29.53 7.99 5.72
CA ARG A 736 -28.39 7.93 6.63
C ARG A 736 -28.41 6.68 7.50
N ASP A 737 -28.92 5.56 6.97
CA ASP A 737 -28.91 4.30 7.69
C ASP A 737 -28.70 3.14 6.72
N LYS A 738 -29.52 3.08 5.67
CA LYS A 738 -29.34 2.04 4.67
C LYS A 738 -28.14 2.31 3.79
N LEU A 739 -28.03 3.54 3.26
CA LEU A 739 -26.93 3.88 2.37
C LEU A 739 -25.58 3.73 3.06
N LYS A 740 -25.42 4.37 4.22
CA LYS A 740 -24.17 4.30 4.96
C LYS A 740 -23.75 2.86 5.18
N ALA A 741 -24.67 2.02 5.68
CA ALA A 741 -24.37 0.61 5.86
C ALA A 741 -24.06 -0.08 4.54
N LEU A 742 -24.50 0.48 3.41
CA LEU A 742 -24.25 -0.10 2.10
C LEU A 742 -23.03 0.49 1.40
N ILE A 743 -22.76 1.79 1.58
CA ILE A 743 -21.57 2.36 0.96
C ILE A 743 -20.32 2.02 1.76
N GLU A 744 -20.42 2.00 3.09
CA GLU A 744 -19.29 1.56 3.91
C GLU A 744 -18.96 0.10 3.64
N THR A 745 -19.98 -0.74 3.47
CA THR A 745 -19.74 -2.13 3.14
C THR A 745 -19.16 -2.27 1.74
N TYR A 746 -19.57 -1.41 0.81
CA TYR A 746 -19.02 -1.45 -0.54
C TYR A 746 -17.53 -1.14 -0.55
N PHE A 747 -17.07 -0.27 0.33
CA PHE A 747 -15.65 0.04 0.45
C PHE A 747 -15.18 -0.35 1.85
N HIS A 748 -14.61 -1.56 1.93
CA HIS A 748 -13.97 -2.15 3.12
C HIS A 748 -14.02 -3.65 2.91
N ASP A 749 -15.20 -4.15 2.55
CA ASP A 749 -15.42 -5.56 2.24
C ASP A 749 -15.15 -5.88 0.78
N MET A 750 -15.55 -4.99 -0.13
CA MET A 750 -15.41 -5.23 -1.56
C MET A 750 -14.20 -4.52 -2.18
N GLY A 751 -13.60 -3.57 -1.48
CA GLY A 751 -12.43 -2.89 -2.01
C GLY A 751 -12.72 -1.87 -3.08
N GLY A 752 -13.88 -1.21 -3.01
CA GLY A 752 -14.21 -0.17 -3.95
C GLY A 752 -13.35 1.07 -3.74
N LYS A 753 -13.59 2.07 -4.60
CA LYS A 753 -12.84 3.32 -4.51
C LYS A 753 -13.75 4.52 -4.43
N HIS A 754 -14.65 4.68 -5.40
CA HIS A 754 -15.45 5.90 -5.53
C HIS A 754 -16.92 5.54 -5.69
N VAL A 755 -17.78 6.31 -5.04
CA VAL A 755 -19.22 6.19 -5.16
C VAL A 755 -19.81 7.59 -5.19
N GLN A 756 -20.75 7.82 -6.10
CA GLN A 756 -21.38 9.12 -6.25
C GLN A 756 -22.85 8.92 -6.60
N PHE A 757 -23.71 9.70 -5.97
CA PHE A 757 -25.15 9.54 -6.12
C PHE A 757 -25.76 10.79 -6.73
N ASN A 758 -26.99 10.64 -7.24
CA ASN A 758 -27.84 11.77 -7.60
C ASN A 758 -29.29 11.31 -7.45
N VAL A 759 -30.14 12.19 -6.94
CA VAL A 759 -31.53 11.87 -6.66
C VAL A 759 -32.40 12.77 -7.52
N MET A 760 -33.18 12.15 -8.40
CA MET A 760 -34.01 12.88 -9.37
C MET A 760 -34.88 11.89 -10.11
N SER A 761 -36.15 12.22 -10.25
CA SER A 761 -37.09 11.34 -10.93
C SER A 761 -36.83 11.32 -12.43
N LYS A 762 -37.12 10.18 -13.06
CA LYS A 762 -36.97 10.07 -14.50
C LYS A 762 -37.96 10.96 -15.22
N LYS A 763 -39.16 11.16 -14.66
CA LYS A 763 -40.11 12.09 -15.25
C LYS A 763 -39.58 13.52 -15.17
N GLN A 764 -38.88 13.85 -14.09
CA GLN A 764 -38.31 15.19 -13.94
C GLN A 764 -37.32 15.49 -15.05
N MET A 765 -36.62 14.48 -15.56
CA MET A 765 -35.72 14.68 -16.69
C MET A 765 -36.50 14.79 -17.99
N ILE A 766 -37.52 13.94 -18.17
CA ILE A 766 -38.41 14.09 -19.31
C ILE A 766 -39.14 15.43 -19.24
N GLU A 767 -39.56 15.83 -18.03
CA GLU A 767 -40.15 17.15 -17.85
C GLU A 767 -39.14 18.26 -18.12
N ALA A 768 -37.85 17.96 -18.04
CA ALA A 768 -36.82 18.91 -18.43
C ALA A 768 -36.48 18.84 -19.92
N LYS A 769 -36.79 17.72 -20.57
CA LYS A 769 -36.54 17.60 -22.00
C LYS A 769 -37.62 18.30 -22.82
N GLU A 770 -38.86 18.31 -22.34
CA GLU A 770 -39.94 19.01 -23.02
C GLU A 770 -40.10 20.46 -22.56
N HIS A 771 -39.37 20.88 -21.53
CA HIS A 771 -39.33 22.28 -21.12
C HIS A 771 -37.89 22.74 -20.91
N PRO A 772 -37.01 22.57 -21.91
CA PRO A 772 -35.61 22.96 -21.72
C PRO A 772 -35.40 24.46 -21.68
N LEU A 773 -36.37 25.24 -22.16
CA LEU A 773 -36.29 26.69 -21.99
C LEU A 773 -36.50 27.10 -20.55
N GLU A 774 -37.31 26.35 -19.81
CA GLU A 774 -37.54 26.63 -18.40
C GLU A 774 -36.35 26.21 -17.55
N HIS A 775 -36.22 24.90 -17.33
CA HIS A 775 -35.15 24.36 -16.48
C HIS A 775 -33.78 24.57 -17.12
N GLN A 776 -33.34 25.81 -17.22
CA GLN A 776 -32.02 26.15 -17.72
C GLN A 776 -30.99 26.31 -16.61
N ASP A 777 -31.38 26.02 -15.36
CA ASP A 777 -30.47 26.07 -14.22
C ASP A 777 -30.60 24.81 -13.36
N LEU A 778 -30.98 23.70 -13.98
CA LEU A 778 -31.16 22.44 -13.27
C LEU A 778 -29.83 21.75 -13.05
N ILE A 779 -29.62 21.26 -11.84
CA ILE A 779 -28.37 20.60 -11.46
C ILE A 779 -28.53 19.11 -11.70
N VAL A 780 -27.89 18.60 -12.75
CA VAL A 780 -27.93 17.18 -13.10
C VAL A 780 -26.50 16.67 -13.14
N ARG A 781 -26.23 15.60 -12.41
CA ARG A 781 -24.94 14.94 -12.49
C ARG A 781 -24.83 14.18 -13.80
N VAL A 782 -23.58 14.01 -14.27
CA VAL A 782 -23.33 13.30 -15.50
C VAL A 782 -22.23 12.27 -15.29
N ALA A 783 -21.02 12.74 -14.95
CA ALA A 783 -19.87 11.85 -14.83
C ALA A 783 -18.79 12.60 -14.03
N GLY A 784 -18.86 12.49 -12.71
CA GLY A 784 -17.92 13.19 -11.86
C GLY A 784 -18.13 14.68 -11.77
N TYR A 785 -19.25 15.19 -12.27
CA TYR A 785 -19.58 16.60 -12.16
C TYR A 785 -21.08 16.77 -12.35
N SER A 786 -21.57 17.92 -11.92
CA SER A 786 -22.95 18.34 -12.18
C SER A 786 -22.90 19.59 -13.03
N ALA A 787 -23.74 19.63 -14.07
CA ALA A 787 -23.78 20.76 -14.98
C ALA A 787 -25.22 21.09 -15.30
N TYR A 788 -25.46 22.36 -15.63
CA TYR A 788 -26.82 22.80 -15.98
C TYR A 788 -27.35 22.00 -17.15
N TRP A 789 -28.65 21.71 -17.12
CA TRP A 789 -29.26 20.87 -18.14
C TRP A 789 -29.28 21.54 -19.51
N ALA A 790 -29.20 22.88 -19.55
CA ALA A 790 -29.25 23.58 -20.82
C ALA A 790 -27.97 23.37 -21.64
N ASP A 791 -26.82 23.26 -20.97
CA ASP A 791 -25.56 23.03 -21.67
C ASP A 791 -25.22 21.55 -21.80
N LEU A 792 -26.19 20.68 -21.61
CA LEU A 792 -25.99 19.23 -21.74
C LEU A 792 -26.40 18.78 -23.13
N SER A 793 -25.65 17.85 -23.69
CA SER A 793 -25.93 17.35 -25.03
C SER A 793 -27.24 16.56 -25.04
N THR A 794 -27.75 16.32 -26.24
CA THR A 794 -29.00 15.57 -26.38
C THR A 794 -28.78 14.09 -26.08
N THR A 795 -27.73 13.50 -26.65
CA THR A 795 -27.45 12.09 -26.42
C THR A 795 -27.19 11.80 -24.95
N ILE A 796 -26.73 12.79 -24.18
CA ILE A 796 -26.52 12.59 -22.76
C ILE A 796 -27.84 12.72 -22.00
N GLN A 797 -28.74 13.60 -22.46
CA GLN A 797 -30.07 13.71 -21.86
C GLN A 797 -30.83 12.40 -21.96
N ASP A 798 -31.08 11.95 -23.21
CA ASP A 798 -31.86 10.74 -23.43
C ASP A 798 -31.22 9.53 -22.77
N GLU A 799 -29.90 9.54 -22.59
CA GLU A 799 -29.24 8.46 -21.88
C GLU A 799 -29.52 8.54 -20.39
N LEU A 800 -29.56 9.75 -19.83
CA LEU A 800 -29.88 9.91 -18.42
C LEU A 800 -31.33 9.54 -18.11
N ILE A 801 -32.20 9.52 -19.11
CA ILE A 801 -33.55 8.99 -18.92
C ILE A 801 -33.48 7.51 -18.59
N ALA A 802 -32.56 6.79 -19.22
CA ALA A 802 -32.53 5.33 -19.17
C ALA A 802 -31.97 4.77 -17.88
N ARG A 803 -31.16 5.54 -17.15
CA ARG A 803 -30.60 5.06 -15.90
C ARG A 803 -31.72 4.70 -14.93
N SER A 804 -31.62 3.52 -14.32
CA SER A 804 -32.69 2.98 -13.51
C SER A 804 -32.89 3.81 -12.24
N GLU A 805 -33.91 3.45 -11.47
CA GLU A 805 -34.21 4.06 -10.19
C GLU A 805 -34.05 3.01 -9.09
N LEU A 806 -33.63 3.46 -7.91
CA LEU A 806 -33.28 2.57 -6.81
C LEU A 806 -34.00 2.99 -5.54
N THR A 807 -34.04 2.06 -4.59
CA THR A 807 -34.68 2.29 -3.29
C THR A 807 -33.92 1.60 -2.17
N ARG B 21 1.48 -41.51 13.61
CA ARG B 21 0.13 -41.05 13.34
C ARG B 21 -0.37 -40.12 14.44
N LEU B 22 -0.88 -40.69 15.52
CA LEU B 22 -1.46 -39.92 16.62
C LEU B 22 -0.54 -39.85 17.83
N ASN B 23 0.78 -39.74 17.62
CA ASN B 23 1.69 -39.77 18.76
C ASN B 23 3.10 -39.31 18.42
N PRO B 24 3.52 -38.16 18.91
CA PRO B 24 4.95 -37.85 18.97
C PRO B 24 5.57 -38.56 20.18
N LEU B 25 6.89 -38.63 20.19
CA LEU B 25 7.53 -39.32 21.31
C LEU B 25 8.62 -38.50 22.00
N ARG B 26 9.88 -38.62 21.58
CA ARG B 26 10.95 -38.48 22.57
C ARG B 26 11.51 -37.07 22.78
N HIS B 27 12.09 -36.96 23.98
CA HIS B 27 12.71 -35.77 24.54
C HIS B 27 13.77 -36.19 25.56
N THR B 28 14.18 -37.46 25.53
CA THR B 28 15.25 -38.01 26.35
C THR B 28 16.46 -38.30 25.48
N ALA B 29 17.01 -37.26 24.86
CA ALA B 29 18.00 -37.40 23.80
C ALA B 29 19.42 -37.34 24.34
N LYS B 30 20.35 -37.88 23.55
CA LYS B 30 21.77 -37.78 23.80
C LYS B 30 22.41 -37.04 22.65
N MET B 31 23.53 -36.37 22.93
CA MET B 31 24.25 -35.62 21.91
C MET B 31 24.53 -36.49 20.69
N SER B 32 24.75 -35.84 19.56
CA SER B 32 25.07 -36.55 18.32
C SER B 32 26.23 -35.85 17.64
N MET B 33 27.28 -36.60 17.35
CA MET B 33 28.44 -36.08 16.66
C MET B 33 28.50 -36.51 15.19
N ALA B 34 27.46 -37.20 14.71
CA ALA B 34 27.49 -37.75 13.36
C ALA B 34 27.72 -36.67 12.31
N ARG B 35 26.90 -35.62 12.34
CA ARG B 35 27.07 -34.52 11.39
C ARG B 35 28.36 -33.76 11.66
N ALA B 36 28.73 -33.61 12.93
CA ALA B 36 29.90 -32.82 13.28
C ALA B 36 31.18 -33.43 12.72
N GLN B 37 31.34 -34.74 12.85
CA GLN B 37 32.55 -35.39 12.34
C GLN B 37 32.63 -35.33 10.82
N LEU B 38 31.49 -35.34 10.14
CA LEU B 38 31.51 -35.28 8.68
C LEU B 38 31.89 -33.89 8.19
N ILE B 39 31.38 -32.85 8.84
CA ILE B 39 31.81 -31.49 8.51
C ILE B 39 33.31 -31.35 8.67
N THR B 40 33.88 -32.07 9.63
CA THR B 40 35.34 -32.09 9.78
C THR B 40 35.99 -32.87 8.65
N ASP B 41 35.52 -34.08 8.40
CA ASP B 41 36.14 -34.93 7.37
C ASP B 41 36.11 -34.26 6.01
N GLY B 42 34.99 -33.64 5.64
CA GLY B 42 34.94 -32.90 4.40
C GLY B 42 35.91 -31.73 4.40
N TYR B 43 35.92 -30.96 5.48
CA TYR B 43 36.87 -29.85 5.62
C TYR B 43 38.31 -30.32 5.65
N LYS B 44 38.56 -31.63 5.78
CA LYS B 44 39.91 -32.18 5.83
C LYS B 44 40.41 -32.66 4.47
N GLU B 45 39.56 -33.28 3.66
CA GLU B 45 39.95 -33.73 2.34
C GLU B 45 39.65 -32.71 1.25
N TYR B 46 38.86 -31.68 1.55
CA TYR B 46 38.52 -30.64 0.58
C TYR B 46 39.14 -29.30 0.95
N GLU B 47 40.16 -29.28 1.80
CA GLU B 47 40.83 -28.02 2.11
C GLU B 47 41.64 -27.56 0.91
N GLY B 48 41.92 -26.25 0.88
CA GLY B 48 42.50 -25.62 -0.27
C GLY B 48 41.50 -25.16 -1.30
N TYR B 49 40.33 -25.79 -1.36
CA TYR B 49 39.24 -25.28 -2.16
C TYR B 49 38.75 -23.95 -1.59
N SER B 50 38.13 -23.15 -2.43
CA SER B 50 37.45 -21.96 -1.96
C SER B 50 36.39 -22.34 -0.94
N LEU B 51 36.15 -21.45 0.02
CA LEU B 51 35.24 -21.76 1.13
C LEU B 51 33.89 -22.24 0.62
N TYR B 52 33.37 -21.58 -0.42
CA TYR B 52 32.11 -22.02 -1.02
C TYR B 52 32.21 -23.47 -1.47
N ARG B 53 33.12 -23.75 -2.41
CA ARG B 53 33.27 -25.10 -2.92
C ARG B 53 33.69 -26.07 -1.82
N LYS B 54 34.51 -25.61 -0.88
CA LYS B 54 34.87 -26.45 0.25
C LYS B 54 33.65 -26.85 1.06
N ARG B 55 32.74 -25.90 1.29
CA ARG B 55 31.50 -26.22 1.99
C ARG B 55 30.58 -27.06 1.12
N GLY B 56 30.31 -26.60 -0.12
CA GLY B 56 29.41 -27.32 -0.99
C GLY B 56 29.81 -28.76 -1.22
N LEU B 57 31.10 -29.01 -1.42
CA LEU B 57 31.58 -30.38 -1.53
C LEU B 57 31.36 -31.14 -0.23
N SER B 58 31.47 -30.45 0.91
CA SER B 58 31.28 -31.10 2.20
C SER B 58 29.81 -31.39 2.48
N VAL B 59 28.95 -30.36 2.38
CA VAL B 59 27.53 -30.55 2.64
C VAL B 59 26.94 -31.62 1.73
N ARG B 60 27.53 -31.82 0.55
CA ARG B 60 27.17 -32.98 -0.25
C ARG B 60 27.60 -34.27 0.44
N LYS B 61 28.84 -34.30 0.94
CA LYS B 61 29.33 -35.49 1.64
C LYS B 61 28.47 -35.83 2.84
N ILE B 62 28.04 -34.83 3.60
CA ILE B 62 27.20 -35.07 4.77
C ILE B 62 25.86 -35.67 4.33
N MET B 63 25.16 -35.00 3.41
CA MET B 63 23.90 -35.53 2.91
C MET B 63 24.08 -36.88 2.21
N ARG B 64 25.31 -37.24 1.86
CA ARG B 64 25.56 -38.51 1.20
C ARG B 64 26.13 -39.58 2.12
N GLU B 65 26.70 -39.19 3.26
CA GLU B 65 27.31 -40.14 4.18
C GLU B 65 26.69 -40.16 5.57
N ILE B 66 25.86 -39.19 5.91
CA ILE B 66 25.23 -39.21 7.25
C ILE B 66 24.33 -40.44 7.35
N PRO B 67 24.26 -41.11 8.50
CA PRO B 67 23.33 -42.24 8.62
C PRO B 67 21.89 -41.80 8.50
N ILE B 68 21.10 -42.63 7.83
CA ILE B 68 19.68 -42.38 7.61
C ILE B 68 18.87 -43.21 8.60
N PHE B 69 17.90 -42.59 9.25
CA PHE B 69 17.15 -43.24 10.32
C PHE B 69 15.97 -44.04 9.80
N ILE B 70 15.19 -43.46 8.87
CA ILE B 70 13.87 -43.91 8.44
C ILE B 70 13.04 -44.47 9.61
N ASP B 71 12.06 -43.69 10.06
CA ASP B 71 11.24 -44.08 11.19
C ASP B 71 10.48 -45.36 10.88
N ASP B 72 9.81 -45.88 11.91
CA ASP B 72 9.25 -47.22 11.87
C ASP B 72 7.78 -47.26 11.47
N ASP B 73 7.01 -46.21 11.77
CA ASP B 73 5.55 -46.33 11.76
C ASP B 73 4.89 -45.79 10.48
N GLN B 74 5.19 -44.55 10.09
CA GLN B 74 4.33 -43.86 9.14
C GLN B 74 5.13 -43.37 7.93
N LEU B 75 4.43 -42.66 7.04
CA LEU B 75 4.98 -42.18 5.78
C LEU B 75 5.98 -41.06 6.05
N LEU B 76 6.42 -40.41 4.97
CA LEU B 76 7.28 -39.22 5.04
C LEU B 76 8.62 -39.50 5.69
N VAL B 77 9.70 -39.49 4.91
CA VAL B 77 11.02 -39.82 5.43
C VAL B 77 11.98 -38.68 5.14
N GLY B 78 13.05 -38.63 5.94
CA GLY B 78 13.97 -37.51 5.92
C GLY B 78 13.92 -36.77 7.25
N ASP B 79 14.71 -37.22 8.21
CA ASP B 79 14.64 -36.73 9.58
C ASP B 79 15.66 -35.63 9.85
N PHE B 80 15.41 -34.87 10.92
CA PHE B 80 16.29 -33.78 11.31
C PHE B 80 17.49 -34.24 12.13
N SER B 81 17.52 -35.49 12.55
CA SER B 81 18.59 -36.01 13.40
C SER B 81 18.98 -37.41 12.93
N ALA B 82 20.20 -37.80 13.30
CA ALA B 82 20.69 -39.14 13.00
C ALA B 82 20.10 -40.20 13.91
N THR B 83 19.44 -39.81 15.00
CA THR B 83 18.86 -40.74 15.96
C THR B 83 17.49 -40.25 16.41
N GLN B 84 16.61 -40.01 15.43
CA GLN B 84 15.27 -39.48 15.67
C GLN B 84 15.32 -38.20 16.47
N MET B 85 15.53 -38.31 17.78
CA MET B 85 15.62 -37.16 18.68
C MET B 85 17.07 -37.02 19.14
N SER B 86 17.75 -35.98 18.64
CA SER B 86 19.11 -35.62 19.01
C SER B 86 19.49 -34.35 18.26
N PRO B 87 20.01 -33.33 18.95
CA PRO B 87 20.36 -32.08 18.27
C PRO B 87 21.73 -32.22 17.63
N GLU B 88 21.80 -32.00 16.32
CA GLU B 88 23.08 -32.12 15.65
C GLU B 88 23.95 -30.90 15.97
N TRP B 89 25.25 -31.10 15.94
CA TRP B 89 26.20 -30.05 16.24
C TRP B 89 26.76 -29.47 14.95
N TYR B 90 27.11 -28.18 14.98
CA TYR B 90 27.64 -27.48 13.83
C TYR B 90 28.87 -26.68 14.25
N PRO B 91 30.05 -27.31 14.21
CA PRO B 91 31.30 -26.56 14.47
C PRO B 91 31.55 -25.45 13.49
N ASP B 92 30.80 -25.38 12.39
CA ASP B 92 30.90 -24.27 11.45
C ASP B 92 30.75 -22.93 12.17
N LEU B 93 29.93 -22.89 13.22
CA LEU B 93 29.65 -21.67 13.98
C LEU B 93 29.94 -21.98 15.44
N ALA B 94 31.08 -21.48 15.93
CA ALA B 94 31.49 -21.63 17.32
C ALA B 94 31.56 -23.10 17.75
N ALA B 95 32.73 -23.71 17.62
CA ALA B 95 32.95 -25.06 18.09
C ALA B 95 33.61 -25.13 19.46
N SER B 96 33.91 -23.98 20.07
CA SER B 96 34.63 -23.96 21.33
C SER B 96 33.72 -23.91 22.55
N TRP B 97 32.49 -23.42 22.40
CA TRP B 97 31.58 -23.41 23.55
C TRP B 97 31.22 -24.83 23.99
N VAL B 98 31.29 -25.80 23.08
CA VAL B 98 31.06 -27.19 23.47
C VAL B 98 32.19 -27.73 24.33
N GLU B 99 33.31 -27.02 24.42
CA GLU B 99 34.25 -27.26 25.51
C GLU B 99 33.50 -27.06 26.81
N ASP B 100 32.48 -27.89 27.00
CA ASP B 100 31.56 -27.85 28.13
C ASP B 100 32.00 -28.92 29.10
N TYR B 101 31.75 -28.65 30.37
CA TYR B 101 32.28 -29.49 31.44
C TYR B 101 31.33 -30.63 31.80
N ILE B 102 31.51 -31.72 31.06
CA ILE B 102 31.08 -33.07 31.37
C ILE B 102 29.57 -33.25 31.30
N ASP B 103 29.16 -34.38 30.73
CA ASP B 103 27.76 -34.77 30.53
C ASP B 103 26.85 -34.33 31.68
N LYS B 104 26.33 -33.10 31.58
CA LYS B 104 25.43 -32.57 32.59
C LYS B 104 24.52 -31.49 32.02
N PHE B 116 21.32 -30.15 28.86
CA PHE B 116 21.01 -31.49 28.40
C PHE B 116 22.23 -31.98 27.63
N THR B 117 22.70 -33.18 27.93
CA THR B 117 23.92 -33.66 27.29
C THR B 117 24.02 -35.16 27.47
N GLY B 118 24.88 -35.82 26.67
CA GLY B 118 24.98 -37.26 26.79
C GLY B 118 26.19 -37.91 26.14
N PRO B 119 26.07 -39.18 25.92
CA PRO B 119 27.23 -39.93 25.46
C PRO B 119 27.24 -40.13 23.96
N GLU B 120 27.56 -39.06 23.20
CA GLU B 120 28.23 -39.22 21.89
C GLU B 120 29.69 -38.85 22.11
N GLN B 121 30.46 -39.90 22.36
CA GLN B 121 31.74 -39.87 23.07
C GLN B 121 32.12 -38.58 23.79
N ALA B 122 31.95 -37.41 23.21
CA ALA B 122 32.42 -36.21 23.90
C ALA B 122 33.89 -36.33 24.29
N GLU B 123 34.65 -37.11 23.50
CA GLU B 123 36.10 -36.95 23.34
C GLU B 123 36.51 -36.72 21.89
N GLN B 124 35.72 -37.21 20.92
CA GLN B 124 35.56 -36.50 19.65
C GLN B 124 35.36 -35.00 19.86
N ALA B 125 34.33 -34.63 20.63
CA ALA B 125 33.95 -33.24 20.82
C ALA B 125 35.14 -32.33 21.10
N ARG B 126 35.81 -32.60 22.21
CA ARG B 126 37.04 -31.91 22.58
C ARG B 126 38.16 -31.97 21.55
N ALA B 127 38.28 -33.08 20.86
CA ALA B 127 39.24 -33.20 19.77
C ALA B 127 38.70 -32.66 18.46
N ILE B 128 37.40 -32.31 18.40
CA ILE B 128 36.80 -31.60 17.27
C ILE B 128 37.12 -30.12 17.47
N ALA B 129 36.64 -29.60 18.60
CA ALA B 129 36.86 -28.21 19.02
C ALA B 129 38.33 -27.77 18.94
N GLN B 130 39.27 -28.72 18.91
CA GLN B 130 40.66 -28.39 18.64
C GLN B 130 40.91 -28.18 17.15
N TYR B 131 40.22 -28.93 16.28
CA TYR B 131 40.34 -28.72 14.84
C TYR B 131 39.70 -27.39 14.44
N TRP B 132 38.47 -27.15 14.91
CA TRP B 132 37.75 -25.93 14.59
C TRP B 132 38.04 -24.79 15.55
N HIS B 133 39.05 -24.94 16.41
CA HIS B 133 39.54 -23.82 17.18
C HIS B 133 39.93 -22.68 16.24
N ASN B 134 39.61 -21.46 16.67
CA ASN B 134 39.97 -20.20 15.99
C ASN B 134 39.57 -20.13 14.51
N ILE B 135 38.98 -21.19 13.95
CA ILE B 135 38.41 -21.14 12.60
C ILE B 135 36.92 -21.42 12.58
N GLY B 136 36.30 -21.68 13.73
CA GLY B 136 34.86 -21.73 13.81
C GLY B 136 34.25 -20.37 13.49
N GLY B 137 32.92 -20.37 13.37
CA GLY B 137 32.20 -19.15 13.04
C GLY B 137 32.46 -18.01 13.99
N LYS B 138 32.02 -18.17 15.25
CA LYS B 138 32.20 -17.11 16.23
C LYS B 138 33.68 -16.91 16.59
N GLU B 139 34.50 -17.96 16.45
CA GLU B 139 35.90 -17.83 16.81
C GLU B 139 36.67 -16.99 15.81
N MET B 140 36.30 -17.04 14.53
CA MET B 140 36.87 -16.12 13.56
C MET B 140 36.30 -14.73 13.69
N TRP B 141 35.04 -14.63 14.14
CA TRP B 141 34.41 -13.34 14.39
C TRP B 141 35.30 -12.42 15.19
N ILE B 142 36.08 -12.97 16.13
CA ILE B 142 37.02 -12.15 16.88
C ILE B 142 38.15 -11.77 15.93
N LYS B 143 37.82 -10.94 14.94
CA LYS B 143 38.77 -10.18 14.15
C LYS B 143 38.88 -8.75 14.68
N TYR B 144 38.84 -8.61 16.00
CA TYR B 144 38.98 -7.30 16.63
C TYR B 144 39.81 -7.29 17.91
N MET B 145 39.87 -8.39 18.67
CA MET B 145 40.83 -8.59 19.76
C MET B 145 40.98 -7.38 20.67
N GLY B 146 40.04 -7.18 21.59
CA GLY B 146 40.05 -6.03 22.46
C GLY B 146 38.65 -5.60 22.79
N PRO B 147 37.96 -5.00 21.81
CA PRO B 147 36.51 -4.88 21.93
C PRO B 147 35.92 -6.28 22.12
N GLU B 148 35.11 -6.40 23.16
CA GLU B 148 34.39 -7.61 23.52
C GLU B 148 33.31 -7.08 24.42
N GLN B 149 33.74 -6.26 25.37
CA GLN B 149 32.93 -5.40 26.22
C GLN B 149 31.97 -6.21 27.09
N GLU B 150 31.39 -5.55 28.09
CA GLU B 150 30.57 -6.22 29.09
C GLU B 150 29.11 -5.96 28.75
N GLU B 151 28.57 -6.81 27.86
CA GLU B 151 27.19 -6.68 27.39
C GLU B 151 26.60 -8.09 27.26
N PHE B 152 26.39 -8.73 28.41
CA PHE B 152 25.83 -10.08 28.49
C PHE B 152 24.54 -10.22 27.70
N TYR B 162 23.36 -5.78 29.38
CA TYR B 162 22.43 -6.15 28.33
C TYR B 162 21.95 -4.94 27.55
N LEU B 163 22.87 -4.31 26.83
CA LEU B 163 22.55 -3.11 26.07
C LEU B 163 22.31 -3.40 24.61
N THR B 164 23.05 -4.35 24.04
CA THR B 164 22.70 -4.99 22.79
C THR B 164 22.75 -6.50 23.01
N ASN B 165 22.45 -7.27 21.96
CA ASN B 165 22.43 -8.72 22.09
C ASN B 165 23.85 -9.29 22.15
N THR B 166 24.77 -8.73 21.36
CA THR B 166 26.17 -9.14 21.30
C THR B 166 26.36 -10.65 21.29
N VAL B 167 26.20 -11.29 22.46
CA VAL B 167 26.47 -12.72 22.56
C VAL B 167 25.54 -13.51 21.65
N SER B 168 24.35 -12.98 21.39
CA SER B 168 23.37 -13.69 20.59
C SER B 168 23.64 -13.61 19.10
N GLU B 169 24.48 -12.69 18.65
CA GLU B 169 24.83 -12.63 17.23
C GLU B 169 26.12 -13.38 16.90
N MET B 170 27.00 -13.56 17.87
CA MET B 170 28.19 -14.38 17.64
C MET B 170 27.80 -15.84 17.45
N TYR B 171 27.08 -16.39 18.42
CA TYR B 171 26.64 -17.79 18.40
C TYR B 171 25.12 -17.81 18.22
N ALA B 172 24.68 -18.00 16.98
CA ALA B 172 23.28 -18.24 16.67
C ALA B 172 23.11 -18.62 15.20
N GLU B 173 22.79 -19.88 14.95
CA GLU B 173 22.30 -20.26 13.64
C GLU B 173 21.14 -19.34 13.28
N LYS B 174 21.05 -18.95 12.01
CA LYS B 174 20.14 -17.85 11.69
C LYS B 174 19.41 -18.12 10.38
N ALA B 175 18.23 -17.51 10.31
CA ALA B 175 17.39 -17.43 9.12
C ALA B 175 16.34 -16.36 9.40
N TRP B 176 15.26 -16.76 10.06
CA TRP B 176 14.18 -15.85 10.44
C TRP B 176 13.62 -15.13 9.21
N ASN B 177 13.42 -15.89 8.15
CA ASN B 177 12.84 -15.39 6.91
C ASN B 177 12.04 -16.52 6.29
N VAL B 178 11.45 -16.25 5.14
CA VAL B 178 10.67 -17.27 4.44
C VAL B 178 11.27 -17.49 3.06
N PRO B 179 12.21 -18.42 2.90
CA PRO B 179 12.67 -18.77 1.55
C PRO B 179 11.53 -19.36 0.74
N ASP B 180 11.70 -19.34 -0.59
CA ASP B 180 10.72 -19.94 -1.48
C ASP B 180 11.08 -21.41 -1.66
N CYS B 181 10.70 -22.22 -0.66
CA CYS B 181 10.96 -23.65 -0.68
C CYS B 181 9.98 -24.36 -1.60
N ALA B 182 9.40 -23.62 -2.55
CA ALA B 182 8.52 -24.21 -3.55
C ALA B 182 9.34 -24.84 -4.67
N ARG B 183 10.30 -25.68 -4.30
CA ARG B 183 11.14 -26.35 -5.29
C ARG B 183 10.35 -27.37 -6.09
N MET B 184 9.57 -28.20 -5.41
CA MET B 184 8.86 -29.30 -6.06
C MET B 184 7.79 -28.78 -7.02
N ILE B 185 7.22 -27.62 -6.73
CA ILE B 185 6.08 -27.14 -7.52
C ILE B 185 6.54 -26.67 -8.89
N THR B 186 7.65 -25.95 -8.96
CA THR B 186 8.07 -25.28 -10.18
C THR B 186 9.26 -25.96 -10.86
N THR B 187 10.34 -26.21 -10.14
CA THR B 187 11.62 -26.52 -10.78
C THR B 187 12.16 -27.89 -10.41
N GLY B 188 12.45 -28.14 -9.14
CA GLY B 188 13.14 -29.35 -8.76
C GLY B 188 14.64 -29.25 -8.97
N ALA B 189 15.37 -30.10 -8.25
CA ALA B 189 16.82 -29.99 -8.20
C ALA B 189 17.45 -30.11 -9.59
N ARG B 190 16.94 -31.01 -10.42
CA ARG B 190 17.47 -31.16 -11.76
C ARG B 190 17.29 -29.88 -12.57
N GLY B 191 16.11 -29.26 -12.47
CA GLY B 191 15.89 -27.99 -13.13
C GLY B 191 16.72 -26.85 -12.57
N PHE B 192 17.22 -26.99 -11.34
CA PHE B 192 18.07 -25.96 -10.77
C PHE B 192 19.52 -26.11 -11.24
N ILE B 193 20.10 -27.30 -11.06
CA ILE B 193 21.46 -27.54 -11.54
C ILE B 193 21.57 -27.33 -13.04
N GLU B 194 20.44 -27.41 -13.75
CA GLU B 194 20.43 -27.00 -15.16
C GLU B 194 20.65 -25.49 -15.28
N GLU B 195 19.87 -24.70 -14.54
CA GLU B 195 20.08 -23.25 -14.53
C GLU B 195 21.49 -22.90 -14.08
N ILE B 196 22.05 -23.68 -13.16
CA ILE B 196 23.44 -23.44 -12.75
C ILE B 196 24.39 -23.66 -13.92
N ASP B 197 24.06 -24.58 -14.83
CA ASP B 197 24.90 -24.82 -16.00
C ASP B 197 24.90 -23.61 -16.92
N ASN B 198 23.72 -23.13 -17.31
CA ASN B 198 23.63 -22.02 -18.26
C ASN B 198 24.35 -20.79 -17.73
N LYS B 199 24.12 -20.43 -16.47
CA LYS B 199 24.85 -19.33 -15.87
C LYS B 199 26.35 -19.61 -15.84
N LEU B 200 26.74 -20.84 -15.46
CA LEU B 200 28.14 -21.22 -15.47
C LEU B 200 28.70 -21.29 -16.89
N ALA B 201 27.86 -21.59 -17.87
CA ALA B 201 28.32 -21.78 -19.24
C ALA B 201 28.90 -20.52 -19.87
N ASN B 202 28.79 -19.37 -19.21
CA ASN B 202 29.21 -18.12 -19.84
C ASN B 202 29.37 -16.97 -18.85
N LEU B 203 30.05 -17.19 -17.72
CA LEU B 203 30.28 -16.11 -16.75
C LEU B 203 31.67 -16.27 -16.15
N THR B 204 32.59 -15.39 -16.54
CA THR B 204 33.92 -15.26 -15.93
C THR B 204 34.67 -14.06 -16.51
N VAL B 205 34.93 -13.05 -15.67
CA VAL B 205 35.72 -11.87 -16.05
C VAL B 205 36.43 -11.28 -14.84
N LEU B 206 35.68 -10.76 -13.87
CA LEU B 206 36.24 -10.00 -12.76
C LEU B 206 36.54 -10.88 -11.55
N THR B 207 36.36 -10.31 -10.35
CA THR B 207 36.27 -11.13 -9.15
C THR B 207 35.11 -12.10 -9.24
N ASP B 208 34.09 -11.80 -10.04
CA ASP B 208 32.97 -12.71 -10.27
C ASP B 208 33.43 -14.07 -10.77
N GLU B 209 34.75 -14.28 -10.82
CA GLU B 209 35.33 -15.60 -11.00
C GLU B 209 35.33 -16.34 -9.66
N ASP B 210 36.42 -16.21 -8.90
CA ASP B 210 36.50 -16.93 -7.63
C ASP B 210 35.59 -16.31 -6.57
N TYR B 211 35.66 -14.99 -6.39
CA TYR B 211 34.89 -14.25 -5.38
C TYR B 211 33.45 -14.72 -5.18
N ARG B 212 32.81 -15.17 -6.25
CA ARG B 212 31.44 -15.64 -6.17
C ARG B 212 31.11 -16.43 -7.42
N ALA B 213 29.87 -16.31 -7.89
CA ALA B 213 29.42 -16.91 -9.15
C ALA B 213 29.98 -18.31 -9.37
N HIS B 214 31.22 -18.38 -9.85
CA HIS B 214 31.83 -19.67 -10.17
C HIS B 214 31.83 -20.61 -8.96
N GLU B 215 32.52 -20.22 -7.89
CA GLU B 215 32.59 -21.10 -6.72
C GLU B 215 31.23 -21.23 -6.04
N PHE B 216 30.37 -20.22 -6.15
CA PHE B 216 29.02 -20.34 -5.60
C PHE B 216 28.16 -21.28 -6.44
N TYR B 217 28.09 -21.03 -7.74
CA TYR B 217 27.32 -21.89 -8.63
C TYR B 217 27.71 -23.35 -8.46
N LEU B 218 29.02 -23.61 -8.46
CA LEU B 218 29.52 -24.98 -8.33
C LEU B 218 29.16 -25.56 -6.97
N ALA B 219 29.45 -24.83 -5.89
CA ALA B 219 29.08 -25.29 -4.55
C ALA B 219 27.58 -25.47 -4.43
N LEU B 220 26.79 -24.63 -5.11
CA LEU B 220 25.34 -24.83 -5.12
C LEU B 220 24.97 -26.16 -5.77
N ARG B 221 25.61 -26.47 -6.90
CA ARG B 221 25.32 -27.74 -7.57
C ARG B 221 25.67 -28.92 -6.68
N TYR B 222 26.79 -28.83 -5.96
CA TYR B 222 27.21 -29.92 -5.09
C TYR B 222 26.18 -30.19 -4.01
N GLU B 223 25.69 -29.13 -3.36
CA GLU B 223 24.64 -29.30 -2.36
C GLU B 223 23.34 -29.77 -2.99
N LEU B 224 23.09 -29.39 -4.25
CA LEU B 224 21.92 -29.90 -4.95
C LEU B 224 22.14 -31.34 -5.40
N GLU B 225 23.36 -31.67 -5.80
CA GLU B 225 23.69 -33.06 -6.14
C GLU B 225 23.52 -33.99 -4.95
N GLY B 226 23.59 -33.46 -3.72
CA GLY B 226 23.48 -34.26 -2.53
C GLY B 226 22.06 -34.61 -2.15
N VAL B 227 21.18 -33.61 -2.07
CA VAL B 227 19.81 -33.84 -1.65
C VAL B 227 19.09 -34.84 -2.56
N ILE B 228 19.56 -35.01 -3.79
CA ILE B 228 19.03 -36.06 -4.64
C ILE B 228 19.51 -37.43 -4.17
N ASP B 229 20.82 -37.57 -3.95
CA ASP B 229 21.35 -38.80 -3.38
C ASP B 229 20.78 -39.04 -2.00
N TYR B 230 20.71 -38.00 -1.18
CA TYR B 230 20.08 -38.08 0.14
C TYR B 230 18.63 -38.54 0.02
N ALA B 231 17.97 -38.22 -1.09
CA ALA B 231 16.61 -38.72 -1.33
C ALA B 231 16.64 -40.19 -1.73
N HIS B 232 17.40 -40.52 -2.77
CA HIS B 232 17.49 -41.92 -3.21
C HIS B 232 18.05 -42.82 -2.13
N ARG B 233 18.89 -42.29 -1.24
CA ARG B 233 19.36 -43.07 -0.11
C ARG B 233 18.22 -43.47 0.81
N TYR B 234 17.08 -42.79 0.74
CA TYR B 234 15.88 -43.21 1.42
C TYR B 234 15.00 -44.11 0.57
N ALA B 235 15.11 -44.00 -0.76
CA ALA B 235 14.38 -44.90 -1.66
C ALA B 235 15.01 -46.27 -1.75
N ALA B 236 16.24 -46.45 -1.24
CA ALA B 236 16.83 -47.76 -1.12
C ALA B 236 16.44 -48.45 0.18
N LEU B 237 16.39 -47.69 1.29
CA LEU B 237 15.93 -48.23 2.55
C LEU B 237 14.45 -48.57 2.49
N ALA B 238 13.63 -47.63 2.01
CA ALA B 238 12.19 -47.85 1.97
C ALA B 238 11.82 -49.03 1.08
N ARG B 239 12.66 -49.36 0.11
CA ARG B 239 12.41 -50.54 -0.72
C ARG B 239 12.84 -51.81 -0.01
N GLU B 240 14.04 -51.81 0.59
CA GLU B 240 14.51 -52.98 1.31
C GLU B 240 13.66 -53.25 2.54
N LYS B 241 13.26 -52.20 3.26
CA LYS B 241 12.44 -52.38 4.45
C LYS B 241 11.07 -52.96 4.11
N ALA B 242 10.50 -52.53 2.97
CA ALA B 242 9.18 -53.02 2.58
C ALA B 242 9.20 -54.52 2.30
N ALA B 243 10.33 -55.04 1.81
CA ALA B 243 10.43 -56.46 1.49
C ALA B 243 10.28 -57.36 2.72
N VAL B 244 10.31 -56.79 3.93
CA VAL B 244 10.11 -57.55 5.14
C VAL B 244 8.84 -57.17 5.87
N GLU B 245 8.13 -56.14 5.43
CA GLU B 245 6.95 -55.63 6.14
C GLU B 245 5.76 -56.51 5.80
N ARG B 246 5.37 -57.37 6.73
CA ARG B 246 4.23 -58.25 6.51
C ARG B 246 2.94 -57.46 6.34
N ASP B 247 2.73 -56.46 7.21
CA ASP B 247 1.56 -55.59 7.21
C ASP B 247 1.34 -55.00 5.81
N PRO B 248 0.35 -55.51 5.07
CA PRO B 248 0.25 -55.10 3.65
C PRO B 248 -0.10 -53.64 3.47
N GLN B 249 -0.93 -53.07 4.35
CA GLN B 249 -1.21 -51.64 4.28
C GLN B 249 0.07 -50.83 4.50
N ARG B 250 0.94 -51.30 5.40
CA ARG B 250 2.21 -50.61 5.65
C ARG B 250 3.23 -50.91 4.56
N LYS B 251 3.22 -52.13 4.02
CA LYS B 251 4.11 -52.46 2.91
C LYS B 251 3.83 -51.57 1.71
N VAL B 252 2.55 -51.33 1.41
CA VAL B 252 2.19 -50.39 0.35
C VAL B 252 2.70 -49.00 0.69
N GLU B 253 2.39 -48.53 1.90
CA GLU B 253 2.88 -47.22 2.35
C GLU B 253 4.40 -47.11 2.22
N LEU B 254 5.11 -48.16 2.60
CA LEU B 254 6.56 -48.16 2.46
C LEU B 254 6.98 -48.20 0.99
N GLU B 255 6.29 -49.02 0.18
CA GLU B 255 6.66 -49.14 -1.22
C GLU B 255 6.49 -47.82 -1.96
N GLU B 256 5.40 -47.09 -1.68
CA GLU B 256 5.20 -45.81 -2.35
C GLU B 256 6.22 -44.77 -1.89
N ILE B 257 6.66 -44.84 -0.64
CA ILE B 257 7.74 -43.97 -0.18
C ILE B 257 8.96 -44.15 -1.07
N ALA B 258 9.35 -45.41 -1.31
CA ALA B 258 10.41 -45.69 -2.26
C ALA B 258 10.00 -45.40 -3.70
N ARG B 259 8.71 -45.23 -3.97
CA ARG B 259 8.27 -44.84 -5.30
C ARG B 259 8.38 -43.34 -5.52
N VAL B 260 8.21 -42.54 -4.46
CA VAL B 260 8.37 -41.09 -4.58
C VAL B 260 9.81 -40.67 -4.32
N CYS B 261 10.49 -41.29 -3.34
CA CYS B 261 11.85 -40.86 -3.01
C CYS B 261 12.84 -41.09 -4.13
N ASP B 262 12.45 -41.80 -5.20
CA ASP B 262 13.21 -41.81 -6.43
C ASP B 262 12.99 -40.55 -7.25
N ARG B 263 12.03 -39.71 -6.88
CA ARG B 263 11.71 -38.52 -7.65
C ARG B 263 10.89 -37.52 -6.85
N VAL B 264 11.51 -36.89 -5.85
CA VAL B 264 10.84 -35.77 -5.18
C VAL B 264 11.65 -34.48 -5.25
N PRO B 265 12.97 -34.42 -4.94
CA PRO B 265 13.63 -33.11 -5.02
C PRO B 265 14.20 -32.85 -6.41
N GLU B 266 14.51 -33.93 -7.14
CA GLU B 266 15.15 -33.81 -8.44
C GLU B 266 14.19 -33.22 -9.48
N TYR B 267 13.11 -33.93 -9.76
CA TYR B 267 12.13 -33.50 -10.74
C TYR B 267 10.94 -32.84 -10.03
N PRO B 268 10.16 -32.04 -10.74
CA PRO B 268 8.95 -31.47 -10.15
C PRO B 268 7.99 -32.56 -9.70
N ALA B 269 7.08 -32.19 -8.80
CA ALA B 269 6.15 -33.12 -8.21
C ALA B 269 4.89 -33.26 -9.06
N GLU B 270 4.29 -34.44 -9.01
CA GLU B 270 3.02 -34.70 -9.66
C GLU B 270 1.90 -35.06 -8.71
N THR B 271 2.20 -35.32 -7.43
CA THR B 271 1.20 -35.78 -6.49
C THR B 271 1.50 -35.22 -5.10
N PHE B 272 0.49 -35.29 -4.22
CA PHE B 272 0.51 -34.57 -2.96
C PHE B 272 1.68 -35.00 -2.09
N GLN B 273 1.92 -36.31 -1.99
CA GLN B 273 3.02 -36.78 -1.17
C GLN B 273 4.36 -36.37 -1.77
N GLU B 274 4.48 -36.40 -3.09
CA GLU B 274 5.70 -35.95 -3.74
C GLU B 274 6.01 -34.50 -3.39
N ALA B 275 4.99 -33.63 -3.45
CA ALA B 275 5.21 -32.22 -3.14
C ALA B 275 5.56 -32.03 -1.67
N LEU B 276 4.78 -32.62 -0.77
CA LEU B 276 5.01 -32.43 0.66
C LEU B 276 6.36 -33.03 1.08
N GLN B 277 6.68 -34.22 0.60
CA GLN B 277 7.95 -34.84 0.96
C GLN B 277 9.12 -34.09 0.34
N SER B 278 9.00 -33.64 -0.91
CA SER B 278 10.06 -32.87 -1.53
C SER B 278 10.26 -31.52 -0.85
N PHE B 279 9.18 -30.95 -0.31
CA PHE B 279 9.32 -29.74 0.49
C PHE B 279 10.26 -29.96 1.66
N PHE B 280 10.12 -31.10 2.34
CA PHE B 280 10.99 -31.38 3.48
C PHE B 280 12.45 -31.52 3.04
N PHE B 281 12.68 -31.99 1.82
CA PHE B 281 14.04 -32.06 1.30
C PHE B 281 14.55 -30.69 0.84
N ALA B 282 13.69 -29.69 0.75
CA ALA B 282 14.13 -28.33 0.47
C ALA B 282 14.51 -27.58 1.75
N VAL B 283 13.73 -27.75 2.82
CA VAL B 283 14.08 -27.16 4.10
C VAL B 283 15.17 -27.94 4.80
N LEU B 284 15.43 -29.19 4.38
CA LEU B 284 16.52 -29.96 4.95
C LEU B 284 17.86 -29.58 4.32
N MET B 285 17.88 -29.44 2.99
CA MET B 285 19.10 -29.03 2.30
C MET B 285 19.66 -27.74 2.88
N VAL B 286 18.78 -26.82 3.28
CA VAL B 286 19.22 -25.65 4.02
C VAL B 286 19.77 -26.05 5.39
N TYR B 287 19.01 -26.87 6.11
CA TYR B 287 19.38 -27.20 7.48
C TYR B 287 20.68 -27.97 7.56
N TRP B 288 21.01 -28.76 6.53
CA TRP B 288 22.26 -29.50 6.54
C TRP B 288 23.46 -28.59 6.28
N ASP B 289 23.26 -27.51 5.52
CA ASP B 289 24.35 -26.57 5.21
C ASP B 289 24.44 -25.50 6.28
N THR B 290 23.52 -24.55 6.25
CA THR B 290 23.40 -23.54 7.30
C THR B 290 22.25 -23.95 8.22
N ARG B 291 22.60 -24.41 9.42
CA ARG B 291 21.59 -24.72 10.42
C ARG B 291 20.65 -23.54 10.57
N THR B 292 19.37 -23.78 10.36
CA THR B 292 18.38 -22.72 10.32
C THR B 292 17.52 -22.76 11.58
N TYR B 293 17.10 -21.58 12.03
CA TYR B 293 16.29 -21.46 13.23
C TYR B 293 15.36 -20.27 13.08
N GLY B 294 14.06 -20.51 13.23
CA GLY B 294 13.10 -19.43 13.18
C GLY B 294 12.62 -19.04 11.81
N MET B 295 12.82 -19.89 10.80
CA MET B 295 12.39 -19.57 9.45
C MET B 295 10.96 -20.02 9.23
N GLY B 296 10.13 -19.12 8.70
CA GLY B 296 8.81 -19.50 8.25
C GLY B 296 8.88 -20.46 7.08
N MET B 297 7.76 -21.13 6.80
CA MET B 297 7.75 -22.15 5.77
C MET B 297 6.56 -22.00 4.83
N GLY B 298 6.04 -20.77 4.69
CA GLY B 298 5.22 -20.42 3.55
C GLY B 298 3.77 -20.84 3.62
N ARG B 299 3.04 -20.41 2.59
CA ARG B 299 1.60 -20.65 2.43
C ARG B 299 1.32 -22.12 2.12
N MET B 300 1.48 -23.00 3.11
CA MET B 300 1.30 -24.42 2.87
C MET B 300 -0.10 -24.75 2.36
N ASP B 301 -1.10 -24.04 2.86
CA ASP B 301 -2.48 -24.27 2.41
C ASP B 301 -2.71 -23.79 0.98
N GLN B 302 -1.70 -23.23 0.32
CA GLN B 302 -1.85 -22.70 -1.03
C GLN B 302 -0.97 -23.43 -2.05
N PHE B 303 0.34 -23.48 -1.83
CA PHE B 303 1.21 -24.07 -2.86
C PHE B 303 1.24 -25.59 -2.82
N LEU B 304 0.78 -26.21 -1.74
CA LEU B 304 0.64 -27.66 -1.74
C LEU B 304 -0.59 -28.11 -2.53
N TYR B 305 -1.60 -27.24 -2.65
CA TYR B 305 -2.86 -27.60 -3.30
C TYR B 305 -3.09 -26.79 -4.57
N PRO B 306 -2.55 -27.22 -5.68
CA PRO B 306 -3.42 -27.54 -6.82
C PRO B 306 -3.18 -29.01 -7.09
N THR B 307 -2.24 -29.54 -6.30
CA THR B 307 -1.77 -30.91 -6.38
C THR B 307 -2.66 -31.83 -5.55
N PHE B 308 -2.89 -31.48 -4.29
CA PHE B 308 -3.82 -32.24 -3.45
C PHE B 308 -5.23 -32.20 -4.03
N LYS B 309 -5.55 -31.16 -4.80
CA LYS B 309 -6.78 -31.17 -5.59
C LYS B 309 -6.73 -32.25 -6.68
N LYS B 310 -5.57 -32.41 -7.32
CA LYS B 310 -5.45 -33.47 -8.31
C LYS B 310 -5.60 -34.84 -7.64
N ASP B 311 -5.02 -35.01 -6.46
CA ASP B 311 -4.88 -36.33 -5.86
C ASP B 311 -6.13 -36.85 -5.18
N ILE B 312 -7.18 -36.05 -5.04
CA ILE B 312 -8.48 -36.54 -4.61
C ILE B 312 -9.47 -36.56 -5.76
N GLU B 313 -9.35 -35.61 -6.68
CA GLU B 313 -10.17 -35.49 -7.87
C GLU B 313 -9.70 -36.41 -8.99
N ARG B 314 -8.71 -37.24 -8.68
CA ARG B 314 -8.25 -38.31 -9.54
C ARG B 314 -8.44 -39.68 -8.90
N GLY B 315 -8.86 -39.72 -7.63
CA GLY B 315 -9.06 -40.96 -6.93
C GLY B 315 -7.74 -41.56 -6.50
N TYR B 316 -7.08 -40.94 -5.53
CA TYR B 316 -5.75 -41.40 -5.14
C TYR B 316 -5.57 -41.42 -3.63
N ILE B 317 -5.97 -40.33 -2.96
CA ILE B 317 -5.84 -40.23 -1.51
C ILE B 317 -7.16 -39.71 -0.94
N ASP B 318 -7.26 -39.76 0.38
CA ASP B 318 -8.37 -39.16 1.11
C ASP B 318 -7.94 -37.81 1.70
N GLU B 319 -8.93 -37.02 2.06
CA GLU B 319 -8.65 -35.84 2.89
C GLU B 319 -8.08 -36.27 4.23
N LYS B 320 -8.64 -37.33 4.82
CA LYS B 320 -8.17 -37.86 6.09
C LYS B 320 -6.96 -38.75 5.94
N TYR B 321 -6.58 -39.14 4.72
CA TYR B 321 -5.23 -39.67 4.53
C TYR B 321 -4.22 -38.55 4.63
N ALA B 322 -4.38 -37.53 3.79
CA ALA B 322 -3.53 -36.34 3.76
C ALA B 322 -3.30 -35.79 5.16
N GLN B 323 -4.33 -35.79 5.99
CA GLN B 323 -4.16 -35.38 7.39
C GLN B 323 -3.17 -36.29 8.09
N ASP B 324 -3.37 -37.60 8.01
CA ASP B 324 -2.39 -38.54 8.56
C ASP B 324 -1.00 -38.31 7.96
N LEU B 325 -0.93 -37.67 6.80
CA LEU B 325 0.36 -37.24 6.24
C LEU B 325 0.81 -35.92 6.85
N LEU B 326 -0.12 -34.99 7.09
CA LEU B 326 0.23 -33.74 7.76
C LEU B 326 0.65 -33.96 9.20
N GLU B 327 -0.07 -34.84 9.92
CA GLU B 327 0.32 -35.15 11.29
C GLU B 327 1.75 -35.70 11.35
N CYS B 328 2.10 -36.59 10.42
CA CYS B 328 3.45 -37.10 10.36
C CYS B 328 4.44 -36.00 9.99
N PHE B 329 4.01 -35.03 9.17
CA PHE B 329 4.83 -33.85 8.93
C PHE B 329 5.01 -33.04 10.20
N ARG B 330 3.92 -32.82 10.92
CA ARG B 330 3.95 -31.96 12.10
C ARG B 330 4.91 -32.49 13.16
N CYS B 331 5.01 -33.82 13.27
CA CYS B 331 5.95 -34.42 14.22
C CYS B 331 7.38 -34.33 13.70
N LYS B 332 7.58 -34.49 12.40
CA LYS B 332 8.92 -34.65 11.87
C LYS B 332 9.76 -33.38 12.02
N ILE B 333 9.13 -32.21 12.01
CA ILE B 333 9.88 -30.98 12.30
C ILE B 333 10.16 -30.80 13.78
N MET B 334 9.50 -31.59 14.65
CA MET B 334 9.80 -31.58 16.06
C MET B 334 11.05 -32.40 16.40
N GLU B 335 11.60 -33.14 15.43
CA GLU B 335 12.88 -33.80 15.64
C GLU B 335 14.05 -32.83 15.64
N LYS B 336 13.83 -31.57 15.27
CA LYS B 336 14.85 -30.54 15.34
C LYS B 336 14.81 -29.88 16.72
N ARG B 337 15.93 -29.92 17.43
CA ARG B 337 16.01 -29.37 18.78
C ARG B 337 17.15 -28.37 18.87
N GLN B 338 17.13 -27.59 19.94
CA GLN B 338 18.11 -26.53 20.15
C GLN B 338 19.47 -27.10 20.51
N PHE B 339 20.48 -26.24 20.43
CA PHE B 339 21.85 -26.59 20.81
C PHE B 339 22.66 -25.33 21.04
N TRP B 340 22.26 -24.53 22.04
CA TRP B 340 22.84 -23.25 22.33
C TRP B 340 23.41 -23.21 23.74
N PRO B 341 24.45 -22.42 23.98
CA PRO B 341 25.08 -22.40 25.31
C PRO B 341 24.19 -21.73 26.35
N ASP B 342 24.43 -22.11 27.60
CA ASP B 342 23.61 -21.66 28.73
C ASP B 342 23.77 -20.17 29.03
N VAL B 343 24.60 -19.45 28.28
CA VAL B 343 24.74 -18.01 28.52
C VAL B 343 23.52 -17.26 28.03
N MET B 344 22.81 -17.82 27.03
CA MET B 344 21.67 -17.13 26.41
C MET B 344 20.37 -17.92 26.53
N VAL B 345 20.33 -18.92 27.41
CA VAL B 345 19.09 -19.69 27.61
C VAL B 345 18.00 -18.88 28.33
N PRO B 346 18.30 -17.88 29.17
CA PRO B 346 17.21 -17.07 29.71
C PRO B 346 16.65 -16.03 28.74
N SER B 347 17.28 -15.87 27.56
CA SER B 347 16.84 -14.87 26.60
C SER B 347 16.21 -15.46 25.34
N VAL B 348 16.51 -16.72 25.02
CA VAL B 348 15.87 -17.42 23.90
C VAL B 348 15.03 -18.59 24.38
N SER B 349 14.85 -18.73 25.70
CA SER B 349 13.98 -19.73 26.30
C SER B 349 14.48 -21.16 26.06
N ALA B 350 15.80 -21.35 26.20
CA ALA B 350 16.43 -22.67 26.07
C ALA B 350 16.01 -23.39 24.79
N GLU B 351 14.79 -23.91 24.77
CA GLU B 351 14.22 -24.58 23.61
C GLU B 351 13.12 -23.70 23.03
N SER B 352 13.27 -23.34 21.75
CA SER B 352 12.29 -22.50 21.07
C SER B 352 12.37 -22.75 19.57
N HIS B 353 11.21 -22.93 18.94
CA HIS B 353 11.13 -23.08 17.49
C HIS B 353 9.81 -22.47 17.02
N PHE B 354 9.70 -22.27 15.70
CA PHE B 354 8.56 -21.56 15.13
C PHE B 354 7.95 -22.30 13.94
N HIS B 355 8.56 -22.15 12.75
CA HIS B 355 8.25 -22.93 11.56
C HIS B 355 6.88 -22.69 10.91
N ASN B 356 6.58 -23.52 9.89
CA ASN B 356 5.48 -23.40 8.94
C ASN B 356 4.18 -22.87 9.52
N VAL B 357 3.96 -21.57 9.37
CA VAL B 357 3.07 -20.85 10.27
C VAL B 357 1.87 -20.21 9.58
N VAL B 358 1.93 -19.86 8.30
CA VAL B 358 0.85 -19.12 7.66
C VAL B 358 -0.09 -20.08 6.91
N LEU B 359 -1.38 -19.77 6.95
CA LEU B 359 -2.41 -20.46 6.16
C LEU B 359 -3.65 -19.59 6.13
N GLY B 360 -4.37 -19.65 5.00
CA GLY B 360 -5.51 -18.78 4.77
C GLY B 360 -5.15 -17.65 3.83
N GLY B 361 -5.80 -16.50 3.97
CA GLY B 361 -5.39 -15.32 3.24
C GLY B 361 -6.07 -15.08 1.90
N VAL B 362 -5.27 -14.71 0.90
CA VAL B 362 -5.76 -14.14 -0.34
C VAL B 362 -5.13 -14.86 -1.52
N ASP B 363 -5.90 -15.04 -2.59
CA ASP B 363 -5.32 -15.35 -3.89
C ASP B 363 -4.61 -14.11 -4.39
N PRO B 364 -3.27 -14.09 -4.41
CA PRO B 364 -2.56 -12.82 -4.64
C PRO B 364 -2.79 -12.22 -6.02
N LYS B 365 -3.27 -13.00 -6.99
CA LYS B 365 -3.46 -12.48 -8.34
C LYS B 365 -4.85 -11.90 -8.57
N THR B 366 -5.86 -12.31 -7.80
CA THR B 366 -7.24 -11.89 -8.04
C THR B 366 -7.95 -11.43 -6.77
N GLY B 367 -7.22 -11.20 -5.68
CA GLY B 367 -7.81 -10.66 -4.48
C GLY B 367 -8.82 -11.55 -3.78
N LYS B 368 -9.47 -12.44 -4.52
CA LYS B 368 -10.44 -13.35 -3.95
C LYS B 368 -9.78 -14.21 -2.87
N ASP B 369 -10.61 -14.73 -1.97
CA ASP B 369 -10.11 -15.48 -0.82
C ASP B 369 -9.35 -16.73 -1.29
N ALA B 370 -8.43 -17.17 -0.44
CA ALA B 370 -7.62 -18.35 -0.73
C ALA B 370 -7.87 -19.50 0.22
N THR B 371 -8.68 -19.30 1.27
CA THR B 371 -8.96 -20.36 2.22
C THR B 371 -9.60 -21.55 1.53
N ASN B 372 -9.13 -22.75 1.88
CA ASN B 372 -9.63 -23.97 1.27
C ASN B 372 -9.55 -25.10 2.29
N ARG B 373 -10.09 -26.26 1.91
CA ARG B 373 -10.15 -27.40 2.81
C ARG B 373 -8.76 -27.86 3.23
N LEU B 374 -7.74 -27.63 2.39
CA LEU B 374 -6.38 -27.93 2.80
C LEU B 374 -5.99 -27.13 4.03
N SER B 375 -6.46 -25.88 4.13
CA SER B 375 -6.20 -25.09 5.33
C SER B 375 -6.95 -25.62 6.53
N TYR B 376 -8.12 -26.22 6.31
CA TYR B 376 -8.86 -26.82 7.42
C TYR B 376 -8.11 -28.01 8.01
N LEU B 377 -7.35 -28.73 7.19
CA LEU B 377 -6.71 -29.95 7.65
C LEU B 377 -5.54 -29.66 8.59
N PHE B 378 -4.68 -28.70 8.22
CA PHE B 378 -3.57 -28.32 9.08
C PHE B 378 -4.05 -28.01 10.50
N LEU B 379 -5.21 -27.36 10.61
CA LEU B 379 -5.82 -27.16 11.92
C LEU B 379 -6.25 -28.49 12.52
N ASP B 380 -7.09 -29.24 11.81
CA ASP B 380 -7.55 -30.53 12.30
C ASP B 380 -6.37 -31.47 12.57
N ALA B 381 -5.35 -31.42 11.72
CA ALA B 381 -4.14 -32.20 11.98
C ALA B 381 -3.35 -31.65 13.15
N ALA B 382 -3.58 -30.40 13.53
CA ALA B 382 -2.82 -29.82 14.64
C ALA B 382 -3.44 -30.20 15.99
N THR B 383 -4.76 -30.12 16.10
CA THR B 383 -5.40 -30.43 17.37
C THR B 383 -5.37 -31.93 17.68
N LYS B 384 -5.43 -32.78 16.65
CA LYS B 384 -5.41 -34.22 16.86
C LYS B 384 -4.04 -34.73 17.28
N VAL B 385 -2.98 -34.05 16.87
CA VAL B 385 -1.64 -34.31 17.41
C VAL B 385 -1.39 -33.25 18.46
N ARG B 386 -0.23 -33.27 19.10
CA ARG B 386 0.10 -32.20 20.03
C ARG B 386 0.27 -30.87 19.31
N THR B 387 0.78 -30.91 18.08
CA THR B 387 1.22 -29.72 17.36
C THR B 387 2.03 -28.85 18.35
N PRO B 388 3.13 -29.37 18.87
CA PRO B 388 3.70 -28.79 20.09
C PRO B 388 4.38 -27.45 19.90
N HIS B 389 4.71 -27.08 18.68
CA HIS B 389 5.46 -25.86 18.45
C HIS B 389 5.27 -25.22 17.08
N PRO B 390 4.83 -25.95 16.00
CA PRO B 390 4.70 -25.26 14.71
C PRO B 390 3.72 -24.10 14.85
N THR B 391 4.23 -22.96 15.30
CA THR B 391 3.43 -21.74 15.39
C THR B 391 2.54 -21.64 14.18
N LEU B 392 1.27 -21.31 14.39
CA LEU B 392 0.27 -21.35 13.33
C LEU B 392 -0.41 -20.00 13.25
N SER B 393 -0.29 -19.36 12.08
CA SER B 393 -0.87 -18.04 11.85
C SER B 393 -1.97 -18.15 10.80
N VAL B 394 -3.17 -17.73 11.18
CA VAL B 394 -4.28 -17.54 10.26
C VAL B 394 -4.34 -16.06 9.95
N ARG B 395 -3.97 -15.66 8.73
CA ARG B 395 -4.02 -14.26 8.35
C ARG B 395 -5.45 -13.91 7.97
N TRP B 396 -6.07 -13.05 8.78
CA TRP B 396 -7.45 -12.64 8.53
C TRP B 396 -7.53 -11.85 7.24
N HIS B 397 -8.75 -11.74 6.71
CA HIS B 397 -8.99 -11.00 5.48
C HIS B 397 -10.43 -10.53 5.45
N ALA B 398 -10.66 -9.34 4.89
CA ALA B 398 -11.96 -8.69 4.83
C ALA B 398 -13.10 -9.62 4.42
N ASN B 399 -12.78 -10.63 3.61
CA ASN B 399 -13.79 -11.54 3.08
C ASN B 399 -13.43 -12.99 3.37
N ILE B 400 -12.75 -13.25 4.49
CA ILE B 400 -12.47 -14.62 4.90
C ILE B 400 -13.75 -15.23 5.46
N ASP B 401 -14.03 -16.46 5.07
CA ASP B 401 -15.27 -17.11 5.48
C ASP B 401 -15.25 -17.34 6.99
N GLU B 402 -16.36 -16.99 7.65
CA GLU B 402 -16.43 -17.15 9.09
C GLU B 402 -16.27 -18.60 9.51
N LYS B 403 -16.64 -19.53 8.63
CA LYS B 403 -16.53 -20.96 8.96
C LYS B 403 -15.10 -21.35 9.29
N PHE B 404 -14.13 -20.86 8.52
CA PHE B 404 -12.74 -21.20 8.79
C PHE B 404 -12.29 -20.67 10.14
N MET B 405 -12.46 -19.36 10.37
CA MET B 405 -12.08 -18.79 11.66
C MET B 405 -12.81 -19.47 12.81
N ASP B 406 -14.05 -19.91 12.57
CA ASP B 406 -14.75 -20.70 13.58
C ASP B 406 -13.95 -21.96 13.94
N ARG B 407 -13.46 -22.67 12.92
CA ARG B 407 -12.63 -23.84 13.20
C ARG B 407 -11.29 -23.43 13.80
N ALA B 408 -10.79 -22.25 13.45
CA ALA B 408 -9.56 -21.76 14.06
C ALA B 408 -9.78 -21.43 15.54
N LEU B 409 -10.85 -20.71 15.85
CA LEU B 409 -11.10 -20.30 17.23
C LEU B 409 -11.42 -21.50 18.13
N GLU B 410 -12.11 -22.51 17.59
CA GLU B 410 -12.28 -23.75 18.35
C GLU B 410 -10.94 -24.37 18.70
N VAL B 411 -9.91 -24.11 17.88
CA VAL B 411 -8.60 -24.70 18.12
C VAL B 411 -7.80 -23.86 19.12
N VAL B 412 -7.98 -22.53 19.13
CA VAL B 412 -7.28 -21.70 20.11
C VAL B 412 -7.72 -22.04 21.52
N ALA B 413 -8.91 -22.61 21.68
CA ALA B 413 -9.45 -22.96 22.99
C ALA B 413 -8.95 -24.30 23.51
N MET B 414 -8.22 -25.06 22.70
CA MET B 414 -7.79 -26.39 23.09
C MET B 414 -6.51 -26.34 23.92
N MET B 416 -2.55 -26.38 23.19
CA MET B 416 -2.10 -25.76 21.94
C MET B 416 -1.95 -24.25 22.12
N GLY B 417 -2.96 -23.51 21.68
CA GLY B 417 -2.91 -22.06 21.70
C GLY B 417 -2.32 -21.48 20.43
N PHE B 418 -2.78 -21.96 19.28
CA PHE B 418 -2.25 -21.51 18.00
C PHE B 418 -3.15 -20.45 17.35
N PRO B 419 -4.01 -20.82 16.35
CA PRO B 419 -4.25 -19.96 15.19
C PRO B 419 -3.85 -18.50 15.35
N ALA B 420 -2.56 -18.18 15.37
CA ALA B 420 -2.16 -16.78 15.45
C ALA B 420 -2.84 -15.98 14.36
N PHE B 421 -3.34 -14.79 14.71
CA PHE B 421 -4.18 -14.04 13.80
C PHE B 421 -3.46 -12.79 13.31
N PHE B 422 -3.40 -12.61 12.00
CA PHE B 422 -2.85 -11.43 11.37
C PHE B 422 -3.91 -10.77 10.50
N GLY B 423 -3.95 -9.44 10.55
CA GLY B 423 -4.81 -8.68 9.66
C GLY B 423 -4.04 -8.19 8.46
N ASP B 424 -4.08 -8.93 7.37
CA ASP B 424 -3.30 -8.58 6.19
C ASP B 424 -3.80 -7.30 5.52
N ASP B 425 -5.03 -6.88 5.81
CA ASP B 425 -5.58 -5.68 5.18
C ASP B 425 -4.72 -4.46 5.46
N THR B 426 -4.09 -4.38 6.63
CA THR B 426 -3.19 -3.28 6.97
C THR B 426 -1.72 -3.68 6.96
N THR B 427 -1.41 -4.98 6.86
CA THR B 427 -0.02 -5.41 6.72
C THR B 427 0.47 -5.16 5.30
N ILE B 428 -0.41 -5.32 4.31
CA ILE B 428 -0.05 -5.10 2.91
C ILE B 428 0.58 -3.73 2.71
N GLN B 429 0.00 -2.70 3.35
CA GLN B 429 0.49 -1.33 3.17
C GLN B 429 1.96 -1.20 3.56
N TYR B 430 2.44 -2.05 4.47
CA TYR B 430 3.86 -2.07 4.77
C TYR B 430 4.66 -2.63 3.60
N LEU B 431 4.21 -3.74 3.02
CA LEU B 431 4.98 -4.41 1.99
C LEU B 431 4.89 -3.72 0.62
N LEU B 432 3.81 -2.97 0.38
CA LEU B 432 3.79 -2.11 -0.80
C LEU B 432 4.76 -0.94 -0.63
N GLU B 433 4.96 -0.49 0.60
CA GLU B 433 5.79 0.68 0.85
C GLU B 433 7.27 0.39 0.69
N ARG B 434 7.67 -0.87 0.88
CA ARG B 434 9.08 -1.25 0.86
C ARG B 434 9.51 -1.93 -0.43
N GLY B 435 8.60 -2.22 -1.36
CA GLY B 435 9.02 -2.90 -2.57
C GLY B 435 7.92 -3.29 -3.54
N TYR B 436 6.68 -3.30 -3.05
CA TYR B 436 5.48 -3.48 -3.88
C TYR B 436 5.47 -4.89 -4.45
N THR B 437 5.17 -5.06 -5.75
CA THR B 437 4.74 -6.34 -6.31
C THR B 437 3.53 -6.83 -5.52
N LEU B 438 2.34 -6.45 -5.99
CA LEU B 438 1.11 -6.71 -5.25
C LEU B 438 0.87 -8.21 -5.09
N GLU B 439 0.88 -8.95 -6.20
CA GLU B 439 0.72 -10.40 -6.12
C GLU B 439 1.88 -11.09 -5.41
N GLU B 440 2.89 -10.35 -4.95
CA GLU B 440 3.87 -10.83 -3.99
C GLU B 440 3.58 -10.34 -2.58
N ALA B 441 3.20 -9.07 -2.44
CA ALA B 441 2.81 -8.56 -1.13
C ALA B 441 1.51 -9.19 -0.62
N ARG B 442 0.73 -9.80 -1.51
CA ARG B 442 -0.46 -10.54 -1.09
C ARG B 442 -0.16 -12.00 -0.81
N ASN B 443 0.95 -12.52 -1.33
CA ASN B 443 1.43 -13.86 -1.02
C ASN B 443 2.40 -13.85 0.16
N TYR B 444 2.34 -12.83 1.01
CA TYR B 444 3.32 -12.68 2.08
C TYR B 444 3.10 -13.74 3.16
N ALA B 445 4.20 -14.29 3.65
CA ALA B 445 4.21 -15.16 4.81
C ALA B 445 4.87 -14.40 5.96
N ILE B 446 5.08 -15.09 7.08
CA ILE B 446 5.73 -14.50 8.24
C ILE B 446 6.95 -15.33 8.59
N GLY B 447 8.03 -14.66 8.98
CA GLY B 447 9.28 -15.32 9.28
C GLY B 447 9.49 -15.56 10.76
N GLY B 448 8.95 -16.65 11.28
CA GLY B 448 9.10 -16.97 12.68
C GLY B 448 8.10 -16.27 13.57
N CYS B 449 8.60 -15.44 14.48
CA CYS B 449 7.76 -14.79 15.48
C CYS B 449 7.20 -13.49 14.91
N VAL B 450 5.98 -13.56 14.39
CA VAL B 450 5.13 -12.43 13.99
C VAL B 450 5.84 -11.45 13.06
N LEU B 451 6.93 -11.88 12.43
CA LEU B 451 7.50 -11.11 11.32
C LEU B 451 6.51 -11.11 10.17
N HIS B 452 6.88 -10.52 9.01
CA HIS B 452 6.03 -10.64 7.83
C HIS B 452 6.70 -10.08 6.59
N GLN B 453 7.02 -10.92 5.62
CA GLN B 453 7.50 -10.45 4.34
C GLN B 453 7.11 -11.46 3.27
N VAL B 454 7.27 -11.04 2.01
CA VAL B 454 7.00 -11.92 0.87
C VAL B 454 8.01 -13.06 0.90
N PRO B 455 7.70 -14.22 0.30
CA PRO B 455 8.59 -15.39 0.44
C PRO B 455 9.97 -15.21 -0.15
N GLY B 456 10.19 -15.74 -1.36
CA GLY B 456 11.54 -15.82 -1.90
C GLY B 456 12.23 -14.51 -2.24
N LYS B 457 12.24 -13.54 -1.32
CA LYS B 457 12.88 -12.26 -1.61
C LYS B 457 13.83 -11.76 -0.53
N GLN B 458 13.62 -12.08 0.75
CA GLN B 458 14.52 -11.49 1.74
C GLN B 458 15.88 -12.17 1.73
N SER B 459 16.53 -12.27 2.89
CA SER B 459 17.91 -12.72 2.91
C SER B 459 18.42 -13.06 4.29
N SER B 460 17.56 -13.66 5.13
CA SER B 460 17.83 -13.88 6.54
C SER B 460 18.00 -12.54 7.26
N VAL B 461 17.63 -12.48 8.53
CA VAL B 461 17.65 -11.22 9.26
C VAL B 461 18.66 -11.30 10.40
N TRP B 462 19.48 -10.28 10.50
CA TRP B 462 20.34 -10.13 11.67
C TRP B 462 19.61 -9.29 12.71
N PRO B 463 19.55 -9.75 13.95
CA PRO B 463 18.53 -9.23 14.89
C PRO B 463 18.81 -7.86 15.47
N ILE B 464 19.80 -7.76 16.37
CA ILE B 464 20.02 -6.61 17.23
C ILE B 464 18.82 -6.42 18.16
N VAL B 465 19.01 -6.73 19.44
CA VAL B 465 18.00 -6.48 20.46
C VAL B 465 18.57 -5.44 21.41
N GLN B 466 17.72 -4.53 21.87
CA GLN B 466 18.14 -3.52 22.83
C GLN B 466 17.01 -3.21 23.80
N ASN B 467 17.35 -3.09 25.07
CA ASN B 467 16.38 -2.66 26.07
C ASN B 467 16.29 -1.15 26.07
N TYR B 468 15.12 -0.61 25.75
CA TYR B 468 14.92 0.82 25.83
C TYR B 468 14.63 1.28 27.26
N GLY B 469 14.25 0.35 28.14
CA GLY B 469 14.26 0.64 29.56
C GLY B 469 15.65 0.76 30.14
N LYS B 470 16.64 0.11 29.52
CA LYS B 470 18.03 0.29 29.92
C LYS B 470 18.57 1.64 29.44
N MET B 471 18.14 2.11 28.27
CA MET B 471 18.47 3.46 27.84
C MET B 471 17.88 4.48 28.80
N LEU B 472 16.80 4.14 29.48
CA LEU B 472 16.28 4.99 30.55
C LEU B 472 17.26 5.07 31.72
N GLU B 473 17.58 3.92 32.32
CA GLU B 473 18.41 3.91 33.51
C GLU B 473 19.76 4.57 33.29
N MET B 474 20.31 4.47 32.08
CA MET B 474 21.57 5.15 31.80
C MET B 474 21.36 6.66 31.67
N THR B 475 20.29 7.07 30.99
CA THR B 475 20.01 8.50 30.87
C THR B 475 19.75 9.13 32.24
N LEU B 476 18.96 8.45 33.08
CA LEU B 476 18.73 8.95 34.43
C LEU B 476 20.04 9.02 35.21
N ASN B 477 20.84 7.97 35.14
CA ASN B 477 22.04 7.86 35.96
C ASN B 477 23.28 8.08 35.09
N ASN B 478 23.42 9.32 34.62
CA ASN B 478 24.62 9.82 33.94
C ASN B 478 25.34 8.79 33.07
N GLY B 479 24.60 7.85 32.48
CA GLY B 479 25.21 6.76 31.75
C GLY B 479 25.83 5.69 32.61
N PHE B 480 25.41 5.57 33.87
CA PHE B 480 26.01 4.65 34.83
C PHE B 480 25.21 3.37 34.88
N ASN B 481 25.86 2.24 34.64
CA ASN B 481 25.19 0.96 34.61
C ASN B 481 24.74 0.55 36.01
N TRP B 482 23.78 -0.39 36.06
CA TRP B 482 23.25 -0.88 37.34
C TRP B 482 23.08 -2.38 37.30
N TYR B 483 24.04 -3.09 36.71
CA TYR B 483 24.17 -4.54 36.87
C TYR B 483 25.62 -4.85 36.48
N SER B 484 26.46 -5.05 37.50
CA SER B 484 27.90 -4.91 37.33
C SER B 484 28.16 -3.52 36.76
N GLN B 485 28.20 -2.53 37.64
CA GLN B 485 27.99 -1.12 37.28
C GLN B 485 29.12 -0.51 36.46
N GLU B 486 29.77 0.52 37.02
CA GLU B 486 30.76 1.34 36.33
C GLU B 486 30.12 2.10 35.17
N GLN B 487 30.83 3.10 34.66
CA GLN B 487 30.33 3.91 33.54
C GLN B 487 30.57 3.15 32.23
N ILE B 488 29.48 2.83 31.53
CA ILE B 488 29.55 2.17 30.24
C ILE B 488 28.95 3.02 29.13
N GLY B 489 27.78 3.60 29.37
CA GLY B 489 27.19 4.53 28.45
C GLY B 489 27.67 5.94 28.71
N PRO B 490 27.56 6.82 27.71
CA PRO B 490 28.09 8.17 27.86
C PRO B 490 27.33 8.98 28.89
N LYS B 491 28.03 9.97 29.46
CA LYS B 491 27.42 10.91 30.40
C LYS B 491 26.66 11.95 29.57
N THR B 492 25.45 11.57 29.14
CA THR B 492 24.65 12.46 28.32
C THR B 492 24.12 13.64 29.12
N GLY B 493 23.68 13.39 30.35
CA GLY B 493 23.19 14.44 31.20
C GLY B 493 23.11 14.00 32.64
N ASN B 494 22.55 14.89 33.47
CA ASN B 494 22.34 14.61 34.89
C ASN B 494 20.88 14.93 35.19
N PHE B 495 20.08 13.89 35.44
CA PHE B 495 18.65 14.06 35.70
C PHE B 495 18.39 15.01 36.85
N LEU B 496 19.35 15.19 37.76
CA LEU B 496 19.15 16.07 38.91
C LEU B 496 19.47 17.52 38.55
N GLU B 497 20.47 17.74 37.69
CA GLU B 497 20.83 19.08 37.25
C GLU B 497 20.21 19.38 35.89
N MET B 498 18.89 19.27 35.84
CA MET B 498 18.12 19.45 34.61
C MET B 498 17.21 20.65 34.74
N LYS B 499 16.47 20.93 33.67
CA LYS B 499 15.57 22.08 33.63
C LYS B 499 14.16 21.66 33.25
N THR B 500 14.01 20.91 32.15
CA THR B 500 12.68 20.56 31.65
C THR B 500 12.75 19.21 30.96
N TYR B 501 11.56 18.69 30.63
CA TYR B 501 11.43 17.39 29.97
C TYR B 501 12.10 17.39 28.61
N ASP B 502 12.06 18.52 27.89
CA ASP B 502 12.65 18.58 26.55
C ASP B 502 14.16 18.43 26.59
N GLU B 503 14.81 18.70 27.73
CA GLU B 503 16.22 18.37 27.87
C GLU B 503 16.41 16.87 28.08
N PHE B 504 15.50 16.25 28.85
CA PHE B 504 15.57 14.80 29.04
C PHE B 504 15.22 14.07 27.75
N ILE B 505 14.18 14.53 27.04
CA ILE B 505 13.76 13.88 25.81
C ILE B 505 14.87 13.90 24.77
N GLU B 506 15.80 14.86 24.88
CA GLU B 506 17.00 14.86 24.05
C GLU B 506 18.11 14.03 24.68
N ALA B 507 18.26 14.09 26.00
CA ALA B 507 19.20 13.21 26.68
C ALA B 507 18.83 11.75 26.45
N TYR B 508 17.54 11.44 26.41
CA TYR B 508 17.12 10.08 26.09
C TYR B 508 17.32 9.78 24.61
N ARG B 509 17.16 10.78 23.74
CA ARG B 509 17.45 10.57 22.33
C ARG B 509 18.95 10.47 22.09
N LYS B 510 19.75 11.27 22.80
CA LYS B 510 21.18 11.28 22.57
C LYS B 510 21.85 9.98 23.03
N GLN B 511 21.29 9.34 24.07
CA GLN B 511 21.86 8.07 24.53
C GLN B 511 21.38 6.91 23.68
N CYS B 512 20.12 6.92 23.26
CA CYS B 512 19.64 5.90 22.34
C CYS B 512 20.34 5.99 20.98
N GLU B 513 20.70 7.21 20.56
CA GLU B 513 21.40 7.36 19.29
C GLU B 513 22.82 6.82 19.36
N TYR B 514 23.43 6.81 20.54
CA TYR B 514 24.76 6.23 20.68
C TYR B 514 24.72 4.73 20.45
N TRP B 515 23.96 4.00 21.28
CA TRP B 515 23.90 2.56 21.20
C TRP B 515 23.36 2.06 19.86
N ALA B 516 22.75 2.93 19.06
CA ALA B 516 22.22 2.50 17.77
C ALA B 516 23.35 2.11 16.83
N GLN B 517 24.19 3.08 16.45
CA GLN B 517 25.27 2.85 15.51
C GLN B 517 26.21 1.75 16.00
N ILE B 518 26.78 1.96 17.19
CA ILE B 518 27.80 1.05 17.72
C ILE B 518 27.29 -0.38 17.85
N ALA B 519 25.97 -0.57 17.93
CA ALA B 519 25.40 -1.91 17.81
C ALA B 519 25.02 -2.25 16.37
N ALA B 520 24.82 -1.24 15.52
CA ALA B 520 24.60 -1.49 14.10
C ALA B 520 25.91 -1.79 13.40
N ASN B 521 26.89 -0.87 13.51
CA ASN B 521 28.17 -1.04 12.85
C ASN B 521 28.87 -2.34 13.26
N SER B 522 28.54 -2.90 14.42
CA SER B 522 29.09 -4.19 14.82
C SER B 522 28.34 -5.33 14.14
N ASN B 523 27.02 -5.36 14.29
CA ASN B 523 26.22 -6.42 13.68
C ASN B 523 26.26 -6.35 12.17
N ARG B 524 26.08 -5.15 11.61
CA ARG B 524 26.20 -4.96 10.17
C ARG B 524 27.54 -5.45 9.64
N GLN B 525 28.57 -5.45 10.51
CA GLN B 525 29.88 -5.98 10.15
C GLN B 525 30.00 -7.47 10.45
N CYS B 526 29.18 -8.00 11.35
CA CYS B 526 29.18 -9.44 11.59
C CYS B 526 28.52 -10.20 10.45
N ARG B 527 27.56 -9.58 9.76
CA ARG B 527 26.95 -10.22 8.60
C ARG B 527 27.96 -10.42 7.48
N ILE B 528 28.83 -9.43 7.27
CA ILE B 528 29.83 -9.55 6.21
C ILE B 528 30.91 -10.54 6.61
N GLU B 529 31.39 -10.46 7.86
CA GLU B 529 32.44 -11.36 8.32
C GLU B 529 32.04 -12.82 8.18
N HIS B 530 30.76 -13.12 8.31
CA HIS B 530 30.31 -14.50 8.16
C HIS B 530 30.39 -15.00 6.70
N LEU B 531 31.06 -14.29 5.80
CA LEU B 531 31.38 -14.83 4.49
C LEU B 531 32.47 -15.88 4.57
N GLU B 532 33.30 -15.84 5.60
CA GLU B 532 34.30 -16.85 5.84
C GLU B 532 33.85 -17.94 6.80
N SER B 533 32.84 -17.66 7.62
CA SER B 533 32.23 -18.66 8.49
C SER B 533 31.38 -19.60 7.65
N PHE B 534 30.07 -19.65 7.90
CA PHE B 534 29.18 -20.45 7.07
C PHE B 534 28.14 -19.55 6.39
N PRO B 535 28.22 -19.36 5.08
CA PRO B 535 27.23 -18.54 4.38
C PRO B 535 26.01 -19.36 3.95
N ASP B 536 24.96 -18.63 3.59
CA ASP B 536 23.69 -19.24 3.19
C ASP B 536 23.77 -19.64 1.71
N ILE B 537 24.56 -20.69 1.46
CA ILE B 537 24.67 -21.21 0.10
C ILE B 537 23.39 -21.94 -0.30
N ALA B 538 22.83 -22.73 0.61
CA ALA B 538 21.64 -23.51 0.29
C ALA B 538 20.39 -22.65 0.25
N MET B 539 20.29 -21.66 1.14
CA MET B 539 19.15 -20.74 1.09
C MET B 539 19.15 -19.93 -0.20
N SER B 540 20.33 -19.74 -0.79
CA SER B 540 20.45 -18.94 -2.01
C SER B 540 19.72 -19.55 -3.18
N CYS B 541 19.42 -20.84 -3.14
CA CYS B 541 18.64 -21.43 -4.22
C CYS B 541 17.17 -21.05 -4.12
N PHE B 542 16.71 -20.55 -2.96
CA PHE B 542 15.32 -20.19 -2.73
C PHE B 542 15.17 -18.71 -2.38
N VAL B 543 15.90 -17.84 -3.07
CA VAL B 543 15.87 -16.44 -2.72
C VAL B 543 15.99 -15.67 -4.04
N ASP B 544 15.20 -16.19 -5.01
CA ASP B 544 14.81 -15.67 -6.33
C ASP B 544 15.74 -14.76 -7.12
N ASP B 545 16.52 -13.89 -6.51
CA ASP B 545 17.48 -13.08 -7.29
C ASP B 545 18.87 -13.41 -6.80
N CYS B 546 19.20 -14.70 -6.87
CA CYS B 546 20.43 -15.21 -6.30
C CYS B 546 21.18 -16.10 -7.29
N ILE B 547 20.44 -16.87 -8.09
CA ILE B 547 21.05 -17.63 -9.18
C ILE B 547 21.44 -16.68 -10.31
N ASP B 548 20.62 -15.64 -10.54
CA ASP B 548 20.87 -14.63 -11.57
C ASP B 548 22.11 -13.80 -11.22
N ARG B 549 22.32 -13.54 -9.93
CA ARG B 549 23.47 -12.78 -9.47
C ARG B 549 24.67 -13.67 -9.12
N GLY B 550 24.42 -14.88 -8.66
CA GLY B 550 25.51 -15.74 -8.21
C GLY B 550 26.22 -15.19 -7.00
N LYS B 551 25.45 -14.65 -6.06
CA LYS B 551 25.93 -14.04 -4.83
C LYS B 551 25.05 -14.55 -3.71
N VAL B 552 25.66 -15.13 -2.67
CA VAL B 552 24.85 -15.70 -1.61
C VAL B 552 24.04 -14.57 -0.97
N CYS B 553 22.75 -14.88 -0.71
CA CYS B 553 21.75 -13.94 -0.19
C CYS B 553 22.26 -13.08 0.96
N SER B 554 22.98 -13.69 1.89
CA SER B 554 23.37 -12.97 3.09
C SER B 554 24.14 -11.71 2.73
N LEU B 555 24.99 -11.78 1.70
CA LEU B 555 25.90 -10.69 1.35
C LEU B 555 25.95 -10.46 -0.15
N GLY B 556 24.80 -10.19 -0.76
CA GLY B 556 24.84 -9.76 -2.15
C GLY B 556 23.59 -9.99 -2.98
N GLY B 557 23.45 -11.20 -3.48
CA GLY B 557 22.35 -11.51 -4.37
C GLY B 557 21.04 -11.75 -3.65
N ALA B 558 20.39 -10.66 -3.33
CA ALA B 558 19.02 -10.69 -2.82
C ALA B 558 18.28 -9.47 -3.33
N ALA B 559 17.29 -9.66 -4.19
CA ALA B 559 16.40 -8.54 -4.50
C ALA B 559 15.65 -8.12 -3.24
N HIS B 560 15.32 -6.83 -3.19
CA HIS B 560 14.67 -6.24 -2.01
C HIS B 560 15.45 -6.58 -0.74
N ASN B 561 16.65 -5.99 -0.65
CA ASN B 561 17.40 -5.97 0.60
C ASN B 561 16.78 -5.03 1.61
N ASP B 562 15.53 -4.65 1.35
CA ASP B 562 14.83 -3.65 2.16
C ASP B 562 14.63 -4.15 3.58
N ASN B 563 14.45 -5.45 3.77
CA ASN B 563 14.13 -6.01 5.07
C ASN B 563 15.22 -6.96 5.54
N THR B 564 16.47 -6.60 5.26
CA THR B 564 17.60 -7.42 5.68
C THR B 564 17.71 -7.43 7.21
N GLN B 565 18.20 -6.35 7.79
CA GLN B 565 18.41 -6.25 9.22
C GLN B 565 17.48 -5.21 9.82
N TYR B 566 17.09 -5.45 11.07
CA TYR B 566 16.21 -4.55 11.79
C TYR B 566 16.77 -4.34 13.20
N ILE B 567 15.90 -3.89 14.11
CA ILE B 567 16.11 -4.03 15.54
C ILE B 567 14.79 -4.47 16.15
N VAL B 568 14.86 -5.34 17.16
CA VAL B 568 13.69 -5.63 17.98
C VAL B 568 13.86 -4.94 19.32
N PRO B 569 13.22 -3.78 19.52
CA PRO B 569 13.19 -3.19 20.85
C PRO B 569 12.37 -4.06 21.78
N VAL B 570 12.70 -4.00 23.06
CA VAL B 570 11.99 -4.79 24.06
C VAL B 570 10.66 -4.10 24.38
N GLY B 571 10.14 -4.35 25.58
CA GLY B 571 8.97 -3.64 26.05
C GLY B 571 9.10 -2.14 25.98
N VAL B 572 8.64 -1.55 24.87
CA VAL B 572 8.68 -0.11 24.72
C VAL B 572 7.42 0.56 25.28
N GLN B 573 6.35 -0.20 25.52
CA GLN B 573 5.22 0.38 26.22
C GLN B 573 5.58 0.72 27.67
N ASP B 574 6.58 0.03 28.23
CA ASP B 574 7.13 0.44 29.51
C ASP B 574 7.68 1.86 29.45
N LEU B 575 8.19 2.27 28.29
CA LEU B 575 8.66 3.64 28.13
C LEU B 575 7.52 4.62 28.30
N GLY B 576 6.40 4.39 27.61
CA GLY B 576 5.27 5.31 27.70
C GLY B 576 4.74 5.47 29.11
N ASN B 577 4.54 4.34 29.80
CA ASN B 577 4.13 4.41 31.20
C ASN B 577 5.19 5.11 32.04
N ASN B 578 6.46 4.92 31.71
CA ASN B 578 7.53 5.65 32.39
C ASN B 578 7.59 7.09 31.92
N LEU B 579 7.39 7.33 30.61
CA LEU B 579 7.37 8.69 30.10
C LEU B 579 6.27 9.51 30.77
N TYR B 580 5.06 8.94 30.86
CA TYR B 580 3.96 9.64 31.53
C TYR B 580 4.35 10.08 32.94
N VAL B 581 5.09 9.24 33.65
CA VAL B 581 5.64 9.63 34.94
C VAL B 581 6.67 10.74 34.75
N LEU B 582 7.74 10.45 34.00
CA LEU B 582 8.81 11.43 33.81
C LEU B 582 8.43 12.58 32.87
N LYS B 583 7.17 12.72 32.47
CA LYS B 583 6.70 13.91 31.78
C LYS B 583 5.80 14.76 32.67
N ASN B 584 4.73 14.19 33.20
CA ASN B 584 3.81 14.90 34.07
C ASN B 584 3.82 14.26 35.46
N GLN B 585 3.47 15.07 36.47
CA GLN B 585 3.60 14.71 37.88
C GLN B 585 5.06 14.48 38.27
N ILE B 586 5.97 15.21 37.62
CA ILE B 586 7.39 15.13 37.92
C ILE B 586 8.00 16.51 37.72
N PHE B 587 7.36 17.34 36.89
CA PHE B 587 7.94 18.59 36.45
C PHE B 587 7.06 19.81 36.71
N VAL B 588 5.83 19.63 37.17
CA VAL B 588 4.91 20.74 37.39
C VAL B 588 5.03 21.24 38.81
N ASP B 589 4.01 21.98 39.27
CA ASP B 589 3.97 22.48 40.64
C ASP B 589 3.49 21.44 41.64
N ASN B 590 3.08 20.26 41.17
CA ASN B 590 2.82 19.12 42.03
C ASN B 590 3.68 17.94 41.56
N PRO B 591 5.00 18.03 41.74
CA PRO B 591 5.87 16.93 41.31
C PRO B 591 6.12 15.95 42.45
N ILE B 592 5.27 14.92 42.56
CA ILE B 592 5.49 13.88 43.56
C ILE B 592 6.90 13.34 43.41
N CYS B 593 7.54 13.08 44.55
CA CYS B 593 8.95 12.69 44.66
C CYS B 593 9.88 13.62 43.88
N SER B 594 10.62 14.46 44.60
CA SER B 594 11.60 15.32 44.00
C SER B 594 12.61 14.50 43.19
N LYS B 595 13.32 15.18 42.28
CA LYS B 595 14.27 14.49 41.41
C LYS B 595 15.31 13.72 42.22
N GLU B 596 15.68 14.23 43.39
CA GLU B 596 16.58 13.48 44.26
C GLU B 596 15.89 12.25 44.83
N THR B 597 14.65 12.39 45.28
CA THR B 597 13.95 11.27 45.89
C THR B 597 13.64 10.17 44.88
N LEU B 598 13.19 10.56 43.68
CA LEU B 598 12.91 9.56 42.64
C LEU B 598 14.19 8.83 42.25
N LEU B 599 15.27 9.57 42.03
CA LEU B 599 16.55 8.95 41.70
C LEU B 599 16.96 7.93 42.75
N ASP B 600 16.92 8.31 44.02
CA ASP B 600 17.25 7.37 45.09
C ASP B 600 16.21 6.26 45.19
N ALA B 601 14.94 6.57 44.95
CA ALA B 601 13.88 5.59 45.09
C ALA B 601 14.13 4.38 44.20
N ILE B 602 14.43 4.61 42.92
CA ILE B 602 14.70 3.52 42.00
C ILE B 602 15.96 2.76 42.43
N HIS B 603 16.97 3.48 42.90
CA HIS B 603 18.20 2.84 43.35
C HIS B 603 17.94 1.90 44.51
N LYS B 604 17.17 2.35 45.51
CA LYS B 604 16.87 1.55 46.68
C LYS B 604 15.85 0.44 46.40
N ASN B 605 15.42 0.27 45.15
CA ASN B 605 14.44 -0.75 44.78
C ASN B 605 13.14 -0.59 45.55
N TRP B 606 12.76 0.67 45.82
CA TRP B 606 11.50 1.09 46.41
C TRP B 606 11.38 0.78 47.90
N GLU B 607 12.39 0.17 48.51
CA GLU B 607 12.32 -0.10 49.95
C GLU B 607 12.28 1.23 50.71
N GLY B 608 11.34 1.33 51.66
CA GLY B 608 11.05 2.60 52.29
C GLY B 608 10.18 3.53 51.47
N TYR B 609 10.01 3.25 50.18
CA TYR B 609 9.17 4.05 49.28
C TYR B 609 7.98 3.25 48.78
N GLU B 610 7.51 2.28 49.57
CA GLU B 610 6.43 1.42 49.13
C GLU B 610 5.16 2.21 48.83
N ASP B 611 4.89 3.25 49.62
CA ASP B 611 3.74 4.10 49.35
C ASP B 611 3.93 4.86 48.04
N LEU B 612 5.14 5.34 47.77
CA LEU B 612 5.41 6.04 46.52
C LEU B 612 5.32 5.07 45.34
N GLN B 613 5.91 3.88 45.47
CA GLN B 613 5.84 2.89 44.42
C GLN B 613 4.40 2.47 44.13
N ALA B 614 3.64 2.21 45.20
CA ALA B 614 2.23 1.83 45.02
C ALA B 614 1.46 2.87 44.24
N LYS B 615 1.82 4.15 44.40
CA LYS B 615 1.25 5.19 43.56
C LYS B 615 1.76 5.05 42.12
N MET B 616 3.08 4.87 41.96
CA MET B 616 3.67 4.76 40.62
C MET B 616 3.13 3.54 39.88
N ILE B 617 3.02 2.40 40.59
CA ILE B 617 2.52 1.19 39.94
C ILE B 617 1.12 1.41 39.39
N ALA B 618 0.32 2.22 40.09
CA ALA B 618 -0.98 2.62 39.57
C ALA B 618 -0.82 3.65 38.47
N MET B 619 -1.38 4.85 38.65
CA MET B 619 -1.33 5.95 37.69
C MET B 619 -2.02 5.55 36.39
N PRO B 620 -2.25 6.50 35.48
CA PRO B 620 -2.61 6.12 34.11
C PRO B 620 -1.51 5.26 33.51
N LYS B 621 -1.92 4.15 32.87
CA LYS B 621 -0.96 3.17 32.36
C LYS B 621 -1.41 2.70 30.98
N PHE B 622 -0.57 1.87 30.37
CA PHE B 622 -0.82 1.40 29.00
C PHE B 622 -2.08 0.54 28.93
N GLY B 623 -2.23 -0.39 29.86
CA GLY B 623 -3.35 -1.33 29.85
C GLY B 623 -4.70 -0.68 30.04
N ASN B 624 -4.83 0.60 29.68
CA ASN B 624 -6.07 1.34 29.74
C ASN B 624 -6.27 2.06 28.41
N ASP B 625 -7.51 2.05 27.91
CA ASP B 625 -7.80 2.75 26.66
C ASP B 625 -7.80 4.26 26.92
N ILE B 626 -6.62 4.82 27.20
CA ILE B 626 -6.50 6.22 27.58
C ILE B 626 -5.49 6.91 26.67
N PRO B 627 -5.84 8.05 26.07
CA PRO B 627 -4.92 8.68 25.12
C PRO B 627 -3.75 9.38 25.77
N GLU B 628 -3.83 9.71 27.06
CA GLU B 628 -2.75 10.41 27.73
C GLU B 628 -1.50 9.54 27.84
N VAL B 629 -1.65 8.23 27.87
CA VAL B 629 -0.54 7.30 27.99
C VAL B 629 -0.27 6.57 26.69
N ASP B 630 -1.32 6.19 25.97
CA ASP B 630 -1.16 5.35 24.79
C ASP B 630 -0.54 6.10 23.62
N GLU B 631 -0.75 7.42 23.55
CA GLU B 631 -0.10 8.20 22.50
C GLU B 631 1.36 8.49 22.82
N LEU B 632 1.75 8.45 24.09
CA LEU B 632 3.17 8.46 24.42
C LEU B 632 3.84 7.15 24.01
N VAL B 633 3.09 6.05 24.04
CA VAL B 633 3.61 4.79 23.51
C VAL B 633 3.74 4.86 21.99
N ASN B 634 2.67 5.29 21.32
CA ASN B 634 2.72 5.47 19.87
C ASN B 634 3.80 6.49 19.49
N TRP B 635 4.12 7.42 20.39
CA TRP B 635 5.26 8.31 20.16
C TRP B 635 6.57 7.58 20.37
N GLY B 636 6.63 6.63 21.31
CA GLY B 636 7.85 5.87 21.53
C GLY B 636 8.26 5.07 20.31
N TYR B 637 7.29 4.65 19.49
CA TYR B 637 7.61 3.95 18.25
C TYR B 637 8.13 4.91 17.19
N LYS B 638 7.43 6.02 16.98
CA LYS B 638 7.92 7.04 16.05
C LYS B 638 9.28 7.57 16.47
N PHE B 639 9.51 7.66 17.78
CA PHE B 639 10.84 7.96 18.29
C PHE B 639 11.88 6.99 17.76
N ILE B 640 11.68 5.69 18.00
CA ILE B 640 12.60 4.68 17.51
C ILE B 640 12.65 4.67 15.99
N GLU B 641 11.54 5.03 15.33
CA GLU B 641 11.54 5.07 13.88
C GLU B 641 12.47 6.16 13.35
N ASP B 642 12.46 7.34 13.98
CA ASP B 642 13.29 8.44 13.51
C ASP B 642 14.78 8.20 13.76
N ILE B 643 15.16 7.08 14.36
CA ILE B 643 16.56 6.75 14.61
C ILE B 643 17.07 5.74 13.60
N TRP B 644 16.35 4.61 13.45
CA TRP B 644 16.80 3.53 12.57
C TRP B 644 16.41 3.72 11.12
N PHE B 645 15.30 4.40 10.85
CA PHE B 645 14.99 4.78 9.48
C PHE B 645 15.97 5.81 8.92
N LYS B 646 16.90 6.27 9.74
CA LYS B 646 17.97 7.16 9.31
C LYS B 646 19.28 6.43 9.01
N ILE B 647 19.50 5.28 9.65
CA ILE B 647 20.80 4.61 9.56
C ILE B 647 20.69 3.42 8.61
N PRO B 648 21.75 3.06 7.89
CA PRO B 648 21.61 2.09 6.81
C PRO B 648 21.92 0.66 7.18
N SER B 649 21.24 -0.28 6.52
CA SER B 649 21.59 -1.69 6.60
C SER B 649 22.61 -2.03 5.51
N ALA B 650 23.04 -3.28 5.49
CA ALA B 650 24.00 -3.70 4.48
C ALA B 650 23.38 -3.65 3.09
N TYR B 651 24.16 -3.16 2.13
CA TYR B 651 23.81 -3.08 0.70
C TYR B 651 22.66 -2.13 0.41
N GLY B 652 22.18 -1.37 1.39
CA GLY B 652 21.16 -0.38 1.14
C GLY B 652 19.98 -0.54 2.08
N SER B 653 18.97 0.28 1.83
CA SER B 653 17.76 0.38 2.66
C SER B 653 18.19 0.79 4.07
N HIS B 654 17.40 0.45 5.08
CA HIS B 654 17.58 0.97 6.42
C HIS B 654 17.32 -0.13 7.44
N PHE B 655 17.62 0.16 8.69
CA PHE B 655 17.27 -0.71 9.80
C PHE B 655 15.82 -0.48 10.17
N GLU B 656 14.99 -1.51 10.04
CA GLU B 656 13.61 -1.39 10.49
C GLU B 656 13.52 -1.70 11.97
N VAL B 657 12.29 -1.71 12.47
CA VAL B 657 12.01 -1.94 13.88
C VAL B 657 10.95 -3.03 13.96
N ALA B 658 11.25 -4.10 14.69
CA ALA B 658 10.47 -5.34 14.67
C ALA B 658 10.13 -5.76 16.10
N PRO B 659 9.24 -5.04 16.76
CA PRO B 659 8.90 -5.40 18.16
C PRO B 659 8.21 -6.75 18.26
N HIS B 660 8.98 -7.81 18.54
CA HIS B 660 8.43 -9.13 18.76
C HIS B 660 9.04 -9.86 19.95
N SER B 661 10.06 -9.27 20.59
CA SER B 661 10.51 -9.68 21.92
C SER B 661 11.16 -11.06 21.97
N ILE B 662 10.43 -12.11 21.56
CA ILE B 662 10.76 -13.49 21.91
C ILE B 662 10.86 -13.56 23.42
N GLY B 663 11.75 -14.41 23.93
CA GLY B 663 11.98 -14.49 25.36
C GLY B 663 13.06 -13.54 25.83
N PHE B 664 13.33 -12.50 25.04
CA PHE B 664 14.38 -11.54 25.36
C PHE B 664 13.94 -10.50 26.38
N HIS B 665 12.67 -10.50 26.79
CA HIS B 665 12.22 -9.54 27.79
C HIS B 665 12.74 -9.92 29.18
N ALA B 666 12.56 -11.17 29.58
CA ALA B 666 13.06 -11.62 30.88
C ALA B 666 14.58 -11.74 30.86
N GLY B 667 15.14 -12.27 29.76
CA GLY B 667 16.58 -12.36 29.64
C GLY B 667 17.25 -11.01 29.77
N THR B 668 16.57 -9.93 29.37
CA THR B 668 17.06 -8.59 29.61
C THR B 668 16.61 -8.04 30.95
N GLY B 669 15.45 -8.48 31.44
CA GLY B 669 14.85 -7.85 32.60
C GLY B 669 15.72 -7.96 33.85
N ALA B 670 16.35 -9.12 34.05
CA ALA B 670 17.21 -9.29 35.22
C ALA B 670 18.44 -8.40 35.16
N LYS B 671 18.85 -7.97 33.97
CA LYS B 671 20.05 -7.16 33.78
C LYS B 671 19.74 -5.68 33.63
N CYS B 672 18.52 -5.26 33.98
CA CYS B 672 18.17 -3.85 33.95
C CYS B 672 17.05 -3.58 34.95
N SER B 673 15.83 -3.43 34.47
CA SER B 673 14.64 -3.23 35.30
C SER B 673 14.86 -1.99 36.17
N ALA B 674 14.19 -1.93 37.32
CA ALA B 674 14.26 -0.78 38.22
C ALA B 674 13.97 0.52 37.48
N LEU B 675 12.70 0.88 37.39
CA LEU B 675 12.24 1.99 36.57
C LEU B 675 11.27 2.85 37.38
N PRO B 676 11.06 4.10 36.97
CA PRO B 676 10.20 4.99 37.76
C PRO B 676 8.72 4.61 37.75
N ASP B 677 8.24 3.84 36.77
CA ASP B 677 6.82 3.58 36.66
C ASP B 677 6.30 2.59 37.71
N GLY B 678 7.15 2.14 38.62
CA GLY B 678 6.76 1.15 39.60
C GLY B 678 7.34 -0.23 39.39
N ARG B 679 8.31 -0.38 38.49
CA ARG B 679 8.99 -1.65 38.31
C ARG B 679 10.05 -1.83 39.40
N VAL B 680 10.47 -3.08 39.58
CA VAL B 680 11.54 -3.40 40.51
C VAL B 680 12.70 -4.00 39.72
N ALA B 681 13.86 -4.07 40.37
CA ALA B 681 15.12 -4.36 39.68
C ALA B 681 15.26 -5.80 39.22
N TRP B 682 14.37 -6.70 39.64
CA TRP B 682 14.43 -8.11 39.25
C TRP B 682 13.06 -8.51 38.70
N THR B 683 12.81 -8.13 37.45
CA THR B 683 11.54 -8.42 36.79
C THR B 683 11.79 -8.72 35.32
N ALA B 684 10.80 -9.37 34.69
CA ALA B 684 10.91 -9.83 33.32
C ALA B 684 10.53 -8.77 32.30
N MET B 685 10.80 -7.49 32.58
CA MET B 685 10.46 -6.36 31.70
C MET B 685 8.98 -6.44 31.37
N SER B 686 8.58 -6.30 30.10
CA SER B 686 7.21 -6.51 29.67
C SER B 686 7.22 -7.43 28.46
N ASP B 687 6.06 -8.01 28.16
CA ASP B 687 5.99 -9.00 27.09
C ASP B 687 6.47 -8.43 25.76
N GLY B 688 6.33 -7.13 25.55
CA GLY B 688 6.89 -6.45 24.40
C GLY B 688 5.82 -6.04 23.41
N ALA B 689 6.25 -5.19 22.47
CA ALA B 689 5.45 -4.73 21.33
C ALA B 689 4.23 -3.98 21.86
N VAL B 690 3.01 -4.43 21.60
CA VAL B 690 1.80 -3.72 21.98
C VAL B 690 1.03 -4.46 23.06
N SER B 691 1.58 -5.55 23.58
CA SER B 691 0.94 -6.23 24.70
C SER B 691 0.96 -5.32 25.92
N PRO B 692 -0.10 -5.30 26.71
CA PRO B 692 -0.08 -4.50 27.94
C PRO B 692 0.84 -5.13 28.96
N ARG B 693 1.23 -4.31 29.94
CA ARG B 693 2.09 -4.81 31.00
C ARG B 693 1.36 -5.88 31.80
N GLN B 694 2.15 -6.81 32.33
CA GLN B 694 1.62 -8.01 32.96
C GLN B 694 0.88 -7.63 34.25
N GLY B 695 -0.35 -8.10 34.37
CA GLY B 695 -1.19 -7.71 35.50
C GLY B 695 -1.40 -6.21 35.58
N THR B 696 -1.76 -5.58 34.47
CA THR B 696 -1.96 -4.13 34.41
C THR B 696 -3.22 -3.78 33.64
N ASP B 697 -4.17 -4.71 33.53
CA ASP B 697 -5.39 -4.51 32.78
C ASP B 697 -6.56 -4.32 33.74
N THR B 698 -6.56 -3.17 34.44
CA THR B 698 -7.66 -2.82 35.33
C THR B 698 -8.93 -2.53 34.52
N ASN B 699 -9.10 -3.24 33.40
CA ASN B 699 -10.18 -3.00 32.47
C ASN B 699 -10.54 -4.31 31.79
N GLY B 700 -11.48 -4.25 30.85
CA GLY B 700 -11.86 -5.43 30.10
C GLY B 700 -10.89 -5.71 28.98
N PRO B 701 -11.17 -6.79 28.23
CA PRO B 701 -10.30 -7.12 27.09
C PRO B 701 -10.48 -6.18 25.92
N ALA B 702 -11.67 -5.61 25.75
CA ALA B 702 -11.90 -4.67 24.65
C ALA B 702 -11.13 -3.37 24.86
N ALA B 703 -11.22 -2.80 26.07
CA ALA B 703 -10.57 -1.54 26.36
C ALA B 703 -9.07 -1.61 26.12
N VAL B 704 -8.42 -2.68 26.59
CA VAL B 704 -6.99 -2.83 26.38
C VAL B 704 -6.66 -3.15 24.93
N MET B 705 -7.63 -3.65 24.15
CA MET B 705 -7.39 -3.87 22.74
C MET B 705 -7.42 -2.57 21.95
N CYS B 706 -8.30 -1.64 22.34
CA CYS B 706 -8.27 -0.31 21.75
C CYS B 706 -6.98 0.43 22.07
N SER B 707 -6.26 -0.01 23.11
CA SER B 707 -5.00 0.64 23.47
C SER B 707 -3.97 0.47 22.36
N ALA B 708 -3.75 -0.77 21.92
CA ALA B 708 -2.85 -1.01 20.80
C ALA B 708 -3.41 -0.45 19.50
N GLY B 709 -4.72 -0.19 19.44
CA GLY B 709 -5.34 0.33 18.23
C GLY B 709 -4.95 1.75 17.87
N CYS B 710 -4.42 2.51 18.82
CA CYS B 710 -3.96 3.86 18.53
C CYS B 710 -2.52 3.89 18.04
N VAL B 711 -1.78 2.80 18.22
CA VAL B 711 -0.42 2.72 17.67
C VAL B 711 -0.49 2.66 16.16
N ASP B 712 0.25 3.54 15.48
CA ASP B 712 0.34 3.53 14.04
C ASP B 712 1.30 2.43 13.63
N GLN B 713 0.78 1.19 13.62
CA GLN B 713 1.58 0.00 13.43
C GLN B 713 1.97 -0.25 11.98
N VAL B 714 1.54 0.61 11.05
CA VAL B 714 1.73 0.32 9.63
C VAL B 714 3.21 0.24 9.29
N ASP B 715 4.01 1.18 9.80
CA ASP B 715 5.43 1.19 9.51
C ASP B 715 6.22 0.19 10.34
N LEU B 716 5.60 -0.44 11.33
CA LEU B 716 6.29 -1.36 12.22
C LEU B 716 6.31 -2.75 11.62
N PHE B 717 7.36 -3.49 11.93
CA PHE B 717 7.64 -4.78 11.30
C PHE B 717 7.44 -5.93 12.29
N GLY B 718 6.19 -6.15 12.67
CA GLY B 718 5.88 -7.27 13.54
C GLY B 718 4.65 -7.06 14.39
N VAL B 719 4.78 -6.26 15.44
CA VAL B 719 3.68 -5.93 16.35
C VAL B 719 3.08 -7.20 16.92
N LEU B 720 3.74 -7.77 17.93
CA LEU B 720 3.28 -8.99 18.58
C LEU B 720 2.31 -8.60 19.70
N PHE B 721 1.05 -8.96 19.56
CA PHE B 721 0.00 -8.63 20.52
C PHE B 721 -0.36 -9.89 21.29
N ASN B 722 -0.06 -9.89 22.58
CA ASN B 722 -0.30 -11.04 23.45
C ASN B 722 -1.49 -10.77 24.36
N MET B 723 -2.39 -11.75 24.44
CA MET B 723 -3.58 -11.63 25.29
C MET B 723 -3.79 -12.95 26.03
N ARG B 724 -4.17 -12.86 27.30
CA ARG B 724 -4.57 -14.01 28.09
C ARG B 724 -5.96 -13.76 28.66
N PHE B 725 -6.81 -14.78 28.60
CA PHE B 725 -8.15 -14.69 29.19
C PHE B 725 -8.58 -16.08 29.63
N THR B 726 -9.53 -16.12 30.56
CA THR B 726 -9.93 -17.38 31.17
C THR B 726 -10.62 -18.28 30.14
N PRO B 727 -10.40 -19.60 30.21
CA PRO B 727 -10.99 -20.50 29.21
C PRO B 727 -12.48 -20.71 29.38
N GLN B 728 -13.02 -20.51 30.60
CA GLN B 728 -14.45 -20.60 30.82
C GLN B 728 -15.22 -19.59 29.98
N SER B 729 -14.56 -18.50 29.56
CA SER B 729 -15.18 -17.58 28.60
C SER B 729 -15.28 -18.19 27.21
N LEU B 730 -14.42 -19.15 26.88
CA LEU B 730 -14.50 -19.81 25.58
C LEU B 730 -15.33 -21.09 25.71
N ALA B 731 -14.94 -22.14 24.98
CA ALA B 731 -15.68 -23.40 24.90
C ALA B 731 -17.06 -23.19 24.29
N ASP B 732 -17.77 -22.15 24.70
CA ASP B 732 -19.05 -21.83 24.10
C ASP B 732 -18.87 -21.27 22.70
N LYS B 733 -19.86 -21.52 21.84
CA LYS B 733 -19.83 -20.97 20.49
C LYS B 733 -19.97 -19.44 20.52
N SER B 734 -20.95 -18.95 21.28
CA SER B 734 -21.07 -17.51 21.47
C SER B 734 -19.93 -16.95 22.30
N GLY B 735 -19.20 -17.80 23.03
CA GLY B 735 -18.03 -17.33 23.75
C GLY B 735 -16.94 -16.87 22.81
N ARG B 736 -16.69 -17.61 21.74
CA ARG B 736 -15.72 -17.21 20.73
C ARG B 736 -16.31 -16.29 19.68
N ASP B 737 -17.58 -16.46 19.34
CA ASP B 737 -18.25 -15.54 18.43
C ASP B 737 -18.33 -14.15 19.01
N LYS B 738 -18.16 -14.00 20.32
CA LYS B 738 -18.01 -12.68 20.92
C LYS B 738 -16.59 -12.14 20.76
N LEU B 739 -15.60 -13.02 20.60
CA LEU B 739 -14.22 -12.60 20.44
C LEU B 739 -13.83 -12.39 18.98
N LYS B 740 -14.31 -13.26 18.08
CA LYS B 740 -14.05 -13.07 16.66
C LYS B 740 -14.42 -11.66 16.22
N ALA B 741 -15.46 -11.08 16.81
CA ALA B 741 -15.79 -9.69 16.54
C ALA B 741 -14.69 -8.76 17.03
N LEU B 742 -14.17 -9.00 18.24
CA LEU B 742 -13.09 -8.19 18.76
C LEU B 742 -11.88 -8.20 17.83
N ILE B 743 -11.62 -9.34 17.18
CA ILE B 743 -10.52 -9.41 16.22
C ILE B 743 -10.87 -8.65 14.95
N GLU B 744 -12.07 -8.91 14.39
CA GLU B 744 -12.48 -8.25 13.15
C GLU B 744 -12.46 -6.74 13.29
N THR B 745 -12.94 -6.23 14.42
CA THR B 745 -12.94 -4.79 14.65
C THR B 745 -11.51 -4.26 14.78
N TYR B 746 -10.58 -5.09 15.22
CA TYR B 746 -9.21 -4.64 15.46
C TYR B 746 -8.42 -4.49 14.17
N PHE B 747 -8.66 -5.37 13.19
CA PHE B 747 -7.86 -5.34 11.97
C PHE B 747 -8.38 -4.29 10.99
N HIS B 748 -9.70 -4.19 10.83
CA HIS B 748 -10.30 -3.27 9.88
C HIS B 748 -10.35 -1.84 10.40
N ASP B 749 -11.08 -1.62 11.49
CA ASP B 749 -11.30 -0.26 11.97
C ASP B 749 -10.08 0.29 12.72
N MET B 750 -9.34 -0.57 13.42
CA MET B 750 -8.24 -0.09 14.25
C MET B 750 -6.90 -0.15 13.54
N GLY B 751 -6.72 -1.06 12.59
CA GLY B 751 -5.47 -1.16 11.87
C GLY B 751 -4.39 -1.96 12.57
N GLY B 752 -4.76 -2.84 13.50
CA GLY B 752 -3.78 -3.69 14.12
C GLY B 752 -3.24 -4.74 13.17
N LYS B 753 -2.01 -5.17 13.42
CA LYS B 753 -1.32 -6.08 12.53
C LYS B 753 -1.35 -7.53 13.00
N HIS B 754 -1.69 -7.79 14.25
CA HIS B 754 -1.58 -9.14 14.80
C HIS B 754 -2.29 -9.19 16.15
N VAL B 755 -2.86 -10.36 16.46
CA VAL B 755 -3.43 -10.64 17.77
C VAL B 755 -3.15 -12.09 18.12
N GLN B 756 -3.06 -12.37 19.42
CA GLN B 756 -2.68 -13.69 19.92
C GLN B 756 -3.34 -13.89 21.27
N PHE B 757 -3.70 -15.14 21.56
CA PHE B 757 -4.60 -15.44 22.68
C PHE B 757 -4.05 -16.59 23.51
N ASN B 758 -3.77 -16.32 24.78
CA ASN B 758 -3.52 -17.36 25.77
C ASN B 758 -4.84 -17.68 26.47
N VAL B 759 -5.19 -18.96 26.53
CA VAL B 759 -6.47 -19.39 27.05
C VAL B 759 -6.36 -19.93 28.47
N MET B 760 -5.28 -20.62 28.77
CA MET B 760 -5.12 -21.31 30.04
C MET B 760 -5.18 -20.33 31.21
N SER B 761 -5.56 -20.84 32.37
CA SER B 761 -5.92 -20.01 33.50
C SER B 761 -4.68 -19.58 34.29
N LYS B 762 -4.87 -18.56 35.14
CA LYS B 762 -3.80 -18.16 36.05
C LYS B 762 -3.62 -19.15 37.17
N LYS B 763 -4.68 -19.85 37.57
CA LYS B 763 -4.58 -20.87 38.61
C LYS B 763 -4.00 -22.17 38.05
N GLN B 764 -4.49 -22.60 36.89
CA GLN B 764 -4.00 -23.84 36.27
C GLN B 764 -2.51 -23.79 36.02
N MET B 765 -1.97 -22.61 35.68
CA MET B 765 -0.55 -22.50 35.40
C MET B 765 0.29 -22.61 36.67
N ILE B 766 -0.18 -22.03 37.78
CA ILE B 766 0.61 -22.02 39.00
C ILE B 766 0.86 -23.44 39.49
N GLU B 767 -0.15 -24.31 39.37
CA GLU B 767 0.02 -25.71 39.76
C GLU B 767 1.12 -26.40 38.96
N ALA B 768 1.55 -25.80 37.85
CA ALA B 768 2.68 -26.33 37.09
C ALA B 768 4.01 -25.83 37.63
N LYS B 769 4.06 -24.59 38.15
CA LYS B 769 5.29 -24.10 38.74
C LYS B 769 5.67 -24.92 39.98
N GLU B 770 4.67 -25.30 40.79
CA GLU B 770 4.95 -26.13 41.96
C GLU B 770 5.28 -27.56 41.57
N HIS B 771 4.71 -28.06 40.48
CA HIS B 771 4.85 -29.45 40.06
C HIS B 771 5.13 -29.50 38.57
N PRO B 772 6.39 -29.34 38.16
CA PRO B 772 6.74 -29.39 36.74
C PRO B 772 7.02 -30.79 36.20
N LEU B 773 6.88 -31.84 37.03
CA LEU B 773 7.16 -33.18 36.55
C LEU B 773 6.05 -33.68 35.64
N GLU B 774 4.79 -33.52 36.06
CA GLU B 774 3.68 -33.96 35.23
C GLU B 774 3.29 -32.90 34.19
N HIS B 775 3.34 -31.63 34.57
CA HIS B 775 3.13 -30.55 33.61
C HIS B 775 4.40 -30.28 32.82
N GLN B 776 5.20 -31.33 32.59
CA GLN B 776 6.39 -31.20 31.77
C GLN B 776 6.03 -31.03 30.31
N ASP B 777 4.94 -31.67 29.86
CA ASP B 777 4.41 -31.50 28.51
C ASP B 777 3.35 -30.42 28.46
N LEU B 778 3.51 -29.33 29.21
CA LEU B 778 2.51 -28.27 29.30
C LEU B 778 2.94 -27.12 28.39
N ILE B 779 2.21 -26.94 27.29
CA ILE B 779 2.53 -25.91 26.31
C ILE B 779 1.97 -24.58 26.77
N VAL B 780 2.76 -23.52 26.63
CA VAL B 780 2.31 -22.16 26.87
C VAL B 780 2.65 -21.31 25.65
N ARG B 781 2.51 -19.99 25.77
CA ARG B 781 2.81 -19.08 24.67
C ARG B 781 4.12 -18.33 24.84
N VAL B 782 4.66 -18.25 26.06
CA VAL B 782 5.90 -17.56 26.37
C VAL B 782 5.85 -16.12 25.86
N ALA B 783 5.94 -15.95 24.55
CA ALA B 783 5.85 -14.62 23.95
C ALA B 783 5.24 -14.69 22.55
N GLY B 784 5.72 -15.61 21.71
CA GLY B 784 5.21 -15.73 20.37
C GLY B 784 5.46 -17.10 19.76
N TYR B 785 5.39 -18.14 20.58
CA TYR B 785 5.59 -19.50 20.10
C TYR B 785 5.06 -20.45 21.17
N SER B 786 4.77 -21.66 20.74
CA SER B 786 4.35 -22.71 21.68
C SER B 786 5.57 -23.52 22.09
N ALA B 787 5.94 -23.38 23.36
CA ALA B 787 7.08 -24.07 23.94
C ALA B 787 6.63 -24.71 25.25
N TYR B 788 7.18 -25.88 25.55
CA TYR B 788 6.80 -26.59 26.75
C TYR B 788 7.20 -25.80 28.00
N TRP B 789 6.69 -26.27 29.14
CA TRP B 789 6.98 -25.60 30.40
C TRP B 789 8.33 -25.99 30.97
N ALA B 790 8.80 -27.21 30.68
CA ALA B 790 10.07 -27.67 31.23
C ALA B 790 11.22 -26.80 30.75
N ASP B 791 11.25 -26.51 29.44
CA ASP B 791 12.34 -25.73 28.85
C ASP B 791 12.27 -24.24 29.20
N LEU B 792 11.28 -23.81 29.99
CA LEU B 792 11.08 -22.40 30.26
C LEU B 792 11.87 -21.99 31.50
N SER B 793 12.64 -20.91 31.38
CA SER B 793 13.47 -20.44 32.48
C SER B 793 12.60 -19.82 33.58
N THR B 794 13.15 -19.80 34.79
CA THR B 794 12.40 -19.33 35.95
C THR B 794 12.02 -17.86 35.82
N THR B 795 12.91 -17.04 35.26
CA THR B 795 12.60 -15.64 35.06
C THR B 795 11.48 -15.41 34.05
N ILE B 796 11.06 -16.45 33.33
CA ILE B 796 9.93 -16.37 32.43
C ILE B 796 8.70 -17.05 33.00
N GLN B 797 8.85 -18.03 33.89
CA GLN B 797 7.70 -18.64 34.55
C GLN B 797 6.90 -17.59 35.32
N ASP B 798 7.58 -16.88 36.22
CA ASP B 798 6.97 -15.79 36.97
C ASP B 798 6.38 -14.72 36.08
N GLU B 799 6.74 -14.71 34.80
CA GLU B 799 6.27 -13.70 33.86
C GLU B 799 4.86 -14.00 33.37
N LEU B 800 4.68 -15.16 32.73
CA LEU B 800 3.34 -15.56 32.26
C LEU B 800 2.36 -15.62 33.42
N ILE B 801 2.80 -16.06 34.59
CA ILE B 801 1.90 -16.14 35.74
C ILE B 801 1.40 -14.76 36.11
N ALA B 802 2.21 -13.72 35.90
CA ALA B 802 1.80 -12.36 36.16
C ALA B 802 0.94 -11.77 35.04
N ARG B 803 0.85 -12.43 33.89
CA ARG B 803 0.01 -11.93 32.81
C ARG B 803 -1.45 -12.00 33.21
N SER B 804 -2.18 -10.92 32.96
CA SER B 804 -3.54 -10.76 33.44
C SER B 804 -4.47 -11.78 32.80
N GLU B 805 -5.43 -12.25 33.59
CA GLU B 805 -6.46 -13.20 33.14
C GLU B 805 -7.70 -12.39 32.77
N LEU B 806 -7.75 -11.98 31.50
CA LEU B 806 -8.79 -11.07 31.04
C LEU B 806 -10.15 -11.77 31.03
N THR B 807 -11.19 -10.96 30.83
CA THR B 807 -12.57 -11.43 30.89
C THR B 807 -12.89 -12.40 29.74
C8 4HP C . -9.68 13.98 -21.25
O1 4HP C . -9.79 14.66 -20.19
O2 4HP C . -9.70 12.72 -21.20
C7 4HP C . -9.52 14.65 -22.61
C1 4HP C . -8.41 15.71 -22.75
C2 4HP C . -8.37 16.84 -21.95
C3 4HP C . -7.35 17.77 -22.12
C4 4HP C . -6.39 17.58 -23.08
C5 4HP C . -6.42 16.46 -23.91
C6 4HP C . -7.44 15.53 -23.74
O4 4HP C . -5.38 18.53 -23.24
C8 4HP D . 16.22 -12.58 17.31
O1 4HP D . 15.58 -12.69 16.24
O2 4HP D . 16.11 -11.54 18.00
C7 4HP D . 17.13 -13.72 17.78
C1 4HP D . 18.36 -13.91 16.89
C2 4HP D . 19.62 -13.89 17.43
C3 4HP D . 20.73 -14.06 16.62
C4 4HP D . 20.57 -14.24 15.25
C5 4HP D . 19.29 -14.26 14.71
C6 4HP D . 18.20 -14.09 15.52
O4 4HP D . 21.69 -14.41 14.43
#